data_6U7E
#
_entry.id   6U7E
#
_cell.length_a   99.320
_cell.length_b   98.520
_cell.length_c   153.620
_cell.angle_alpha   90.000
_cell.angle_beta   104.440
_cell.angle_gamma   90.000
#
_symmetry.space_group_name_H-M   'P 1 21 1'
#
loop_
_entity.id
_entity.type
_entity.pdbx_description
1 polymer 'Aminopeptidase N'
2 polymer 'Spike glycoprotein'
3 branched 2-acetamido-2-deoxy-beta-D-glucopyranose-(1-4)-2-acetamido-2-deoxy-beta-D-glucopyranose
4 branched beta-D-mannopyranose-(1-4)-2-acetamido-2-deoxy-beta-D-glucopyranose-(1-4)-2-acetamido-2-deoxy-beta-D-glucopyranose
5 non-polymer 'ZINC ION'
6 non-polymer 2-acetamido-2-deoxy-beta-D-glucopyranose
7 water water
#
loop_
_entity_poly.entity_id
_entity_poly.type
_entity_poly.pdbx_seq_one_letter_code
_entity_poly.pdbx_strand_id
1 'polypeptide(L)'
;GGRPDQSKAWNRYRLPNTLKPDSYRVTLRPYLTPNDRGLYVFKGSSTVRFTCKEATDVIIIHSKKLNYTLSQGHRVVLRG
VGGSQPPDIDKTELVEPTEYLVVHLKGSLVKDSQYEMDSEFEGELADDLAGFYRSEYMEGNVRKVVATTQMQAADARKSF
PCFDEPAMKAEFNITLIHPKDLTALSNMLPKGPSTPLPEDPNWNVTEFHTTPKMSTYLLAFIVSEFDYVEKQASNGVLIR
IWARPSAIAAGHGDYALNVTGPILNFFAGHYDTPYPLPKSDQIGLPDFNAGAMENWGLVTYRENSLLFDPLSSSSSNKER
VVTVIAHELAHQWFGNLVTIEWWNDLWLNEGFASYVEYLGADYAEPTWNLKDLMVLNDVYRVMAVDALASSHPLSTPASE
INTPAQISELFDAISYSKGASVLRMLSSFLSEDVFKQGLASYLHTFAYQNTIYLNLWDHLQEAVNNRSIQLPTTVRDIMN
RWTLQMGFPVITVDTSTGTLSQEHFLLDPDSNVTRPSEFNYVWIVPITSIRDGRQQQDYWLIDVRAQNDLFSTSGNEWVL
LNLNVTGYYRVNYDEENWRKIQTQLQRDHSAIPVINRAQIINDAFNLASAHKVPVTLALNNTLFLIEERQYMPWEAALSS
LSYFKLMFDRSEVYGPMKNYLKKQVTPLFIHFRNNTNNWREIPENLMDQYSEVNAISTACSNGVPECEEMVSGLFKQWME
NPNNNPIHPNLRSTVYCNAIAQGGEEEWDFAWEQFRNATLVNEADKLRAALACSKELWILNRYLSYTLNPDLIRKQDATS
TIISITNNVIGQGLVWDFVQSNWKKLFNDYGGGSFSFSNLIQAVTRRFSTEYELQQLEQFKKDNEETGFGSGTRALEQAL
EKTKANIKWVKENKEVVLQWFTENSK
;
A,B
2 'polypeptide(L)'
;GGRPLPVYHKHMFIVLYVDFKLQSGVGRCFNCRPAVVNITLANFNETKGPLCVDTSHFTTKFVGANFGRWSASINTGNCP
FSFGKVNNFVKFGSVCFSLKDIPGGCAMPIVANLAYLNSYTIGTLYVSWSDGDGITGVPQPVEGV
;
C,D
#
loop_
_chem_comp.id
_chem_comp.type
_chem_comp.name
_chem_comp.formula
BMA D-saccharide, beta linking beta-D-mannopyranose 'C6 H12 O6'
NAG D-saccharide, beta linking 2-acetamido-2-deoxy-beta-D-glucopyranose 'C8 H15 N O6'
ZN non-polymer 'ZINC ION' 'Zn 2'
#
# COMPACT_ATOMS: atom_id res chain seq x y z
N SER A 7 -19.80 -38.19 -29.03
CA SER A 7 -20.53 -39.22 -29.76
C SER A 7 -20.06 -40.61 -29.36
N LYS A 8 -18.75 -40.78 -29.24
CA LYS A 8 -18.19 -42.07 -28.85
C LYS A 8 -18.42 -42.32 -27.37
N ALA A 9 -18.42 -43.61 -27.01
CA ALA A 9 -18.66 -43.99 -25.62
C ALA A 9 -17.52 -43.49 -24.72
N TRP A 10 -16.28 -43.61 -25.19
CA TRP A 10 -15.12 -43.21 -24.39
C TRP A 10 -14.86 -41.70 -24.44
N ASN A 11 -15.73 -40.92 -25.08
CA ASN A 11 -15.64 -39.47 -25.04
C ASN A 11 -16.66 -38.86 -24.10
N ARG A 12 -17.57 -39.66 -23.54
CA ARG A 12 -18.53 -39.20 -22.56
C ARG A 12 -17.99 -39.42 -21.15
N TYR A 13 -18.38 -38.53 -20.23
CA TYR A 13 -17.81 -38.56 -18.89
C TYR A 13 -18.45 -39.63 -18.01
N ARG A 14 -19.73 -39.93 -18.22
CA ARG A 14 -20.37 -41.01 -17.47
C ARG A 14 -19.96 -42.37 -18.05
N LEU A 15 -19.86 -43.35 -17.15
CA LEU A 15 -19.46 -44.69 -17.56
C LEU A 15 -20.61 -45.42 -18.22
N PRO A 16 -20.32 -46.45 -19.02
CA PRO A 16 -21.40 -47.27 -19.58
C PRO A 16 -21.90 -48.28 -18.56
N ASN A 17 -23.19 -48.61 -18.68
CA ASN A 17 -23.80 -49.64 -17.86
C ASN A 17 -23.55 -51.04 -18.39
N THR A 18 -22.77 -51.17 -19.47
CA THR A 18 -22.55 -52.49 -20.05
C THR A 18 -21.76 -53.39 -19.11
N LEU A 19 -20.75 -52.84 -18.44
CA LEU A 19 -19.89 -53.60 -17.54
C LEU A 19 -20.09 -53.13 -16.10
N LYS A 20 -20.21 -54.08 -15.19
CA LYS A 20 -20.37 -53.79 -13.77
C LYS A 20 -19.37 -54.64 -12.99
N PRO A 21 -18.49 -54.04 -12.18
CA PRO A 21 -17.49 -54.84 -11.47
C PRO A 21 -18.11 -55.62 -10.33
N ASP A 22 -17.35 -56.63 -9.87
CA ASP A 22 -17.80 -57.52 -8.82
C ASP A 22 -16.80 -57.58 -7.68
N SER A 23 -15.52 -57.70 -8.01
CA SER A 23 -14.47 -57.75 -7.01
C SER A 23 -13.16 -57.30 -7.64
N TYR A 24 -12.26 -56.78 -6.81
CA TYR A 24 -10.98 -56.28 -7.25
C TYR A 24 -9.86 -56.96 -6.48
N ARG A 25 -8.74 -57.19 -7.16
CA ARG A 25 -7.49 -57.61 -6.53
C ARG A 25 -6.44 -56.55 -6.89
N VAL A 26 -5.91 -55.88 -5.86
CA VAL A 26 -5.00 -54.76 -6.05
C VAL A 26 -3.77 -54.98 -5.19
N THR A 27 -2.59 -54.73 -5.77
CA THR A 27 -1.31 -54.79 -5.07
C THR A 27 -0.53 -53.54 -5.44
N LEU A 28 -0.14 -52.77 -4.42
CA LEU A 28 0.60 -51.54 -4.62
C LEU A 28 1.93 -51.62 -3.89
N ARG A 29 2.90 -50.86 -4.39
CA ARG A 29 4.26 -50.88 -3.84
C ARG A 29 4.85 -49.50 -3.99
N PRO A 30 4.82 -48.68 -2.94
CA PRO A 30 5.43 -47.35 -3.03
C PRO A 30 6.91 -47.40 -2.74
N TYR A 31 7.67 -46.62 -3.52
CA TYR A 31 9.10 -46.45 -3.30
C TYR A 31 9.31 -45.09 -2.63
N LEU A 32 9.52 -45.11 -1.31
CA LEU A 32 9.68 -43.90 -0.52
C LEU A 32 11.06 -43.28 -0.65
N THR A 33 11.75 -43.52 -1.75
CA THR A 33 13.01 -42.87 -2.09
C THR A 33 12.94 -42.37 -3.53
N PRO A 34 13.63 -41.27 -3.83
CA PRO A 34 13.57 -40.74 -5.20
C PRO A 34 14.44 -41.57 -6.13
N ASN A 35 13.89 -41.93 -7.29
CA ASN A 35 14.66 -42.63 -8.31
C ASN A 35 15.64 -41.66 -8.97
N ASP A 36 16.42 -42.19 -9.93
CA ASP A 36 17.44 -41.37 -10.56
C ASP A 36 16.84 -40.20 -11.31
N ARG A 37 15.59 -40.33 -11.76
CA ARG A 37 14.89 -39.18 -12.35
C ARG A 37 14.45 -38.17 -11.31
N GLY A 38 14.58 -38.48 -10.03
CA GLY A 38 14.14 -37.59 -8.97
C GLY A 38 12.68 -37.69 -8.62
N LEU A 39 11.99 -38.73 -9.08
CA LEU A 39 10.55 -38.86 -8.90
C LEU A 39 10.24 -39.98 -7.92
N TYR A 40 9.35 -39.70 -6.98
CA TYR A 40 8.80 -40.74 -6.09
C TYR A 40 7.71 -41.48 -6.83
N VAL A 41 7.92 -42.78 -7.06
CA VAL A 41 7.01 -43.57 -7.88
C VAL A 41 6.42 -44.68 -7.03
N PHE A 42 5.36 -45.30 -7.56
CA PHE A 42 4.78 -46.49 -6.95
C PHE A 42 4.42 -47.46 -8.06
N LYS A 43 4.84 -48.70 -7.91
CA LYS A 43 4.51 -49.77 -8.84
C LYS A 43 3.33 -50.55 -8.30
N GLY A 44 2.44 -50.98 -9.20
CA GLY A 44 1.24 -51.66 -8.78
C GLY A 44 0.76 -52.65 -9.82
N SER A 45 -0.07 -53.58 -9.36
CA SER A 45 -0.70 -54.57 -10.21
C SER A 45 -2.14 -54.74 -9.74
N SER A 46 -3.06 -54.92 -10.69
CA SER A 46 -4.47 -55.02 -10.35
C SER A 46 -5.15 -56.06 -11.23
N THR A 47 -6.13 -56.73 -10.64
CA THR A 47 -6.97 -57.69 -11.35
C THR A 47 -8.40 -57.46 -10.92
N VAL A 48 -9.25 -57.06 -11.86
CA VAL A 48 -10.64 -56.73 -11.59
C VAL A 48 -11.53 -57.77 -12.25
N ARG A 49 -12.50 -58.29 -11.50
CA ARG A 49 -13.50 -59.21 -12.02
C ARG A 49 -14.82 -58.45 -12.19
N PHE A 50 -15.37 -58.51 -13.40
CA PHE A 50 -16.60 -57.80 -13.73
C PHE A 50 -17.54 -58.71 -14.49
N THR A 51 -18.83 -58.42 -14.37
CA THR A 51 -19.89 -59.15 -15.06
C THR A 51 -20.43 -58.29 -16.19
N CYS A 52 -20.72 -58.92 -17.32
CA CYS A 52 -21.22 -58.23 -18.50
C CYS A 52 -22.74 -58.20 -18.44
N LYS A 53 -23.30 -57.03 -18.11
CA LYS A 53 -24.75 -56.87 -18.07
C LYS A 53 -25.33 -56.59 -19.45
N GLU A 54 -24.51 -56.20 -20.41
CA GLU A 54 -24.96 -55.91 -21.76
C GLU A 54 -23.80 -56.10 -22.72
N ALA A 55 -24.06 -56.77 -23.85
CA ALA A 55 -23.00 -57.10 -24.78
C ALA A 55 -22.31 -55.83 -25.30
N THR A 56 -20.98 -55.89 -25.38
CA THR A 56 -20.20 -54.76 -25.85
C THR A 56 -18.83 -55.26 -26.29
N ASP A 57 -18.25 -54.59 -27.28
CA ASP A 57 -16.96 -54.96 -27.84
C ASP A 57 -15.82 -54.10 -27.32
N VAL A 58 -16.04 -53.38 -26.23
CA VAL A 58 -15.04 -52.45 -25.69
C VAL A 58 -15.17 -52.40 -24.18
N ILE A 59 -14.03 -52.35 -23.49
CA ILE A 59 -13.98 -52.22 -22.04
C ILE A 59 -13.55 -50.80 -21.72
N ILE A 60 -14.38 -50.07 -20.98
CA ILE A 60 -14.09 -48.70 -20.57
C ILE A 60 -13.93 -48.71 -19.05
N ILE A 61 -12.76 -48.28 -18.59
CA ILE A 61 -12.42 -48.27 -17.18
C ILE A 61 -11.61 -47.02 -16.90
N HIS A 62 -11.72 -46.50 -15.67
CA HIS A 62 -11.08 -45.25 -15.34
C HIS A 62 -9.59 -45.45 -15.09
N SER A 63 -8.81 -44.43 -15.45
CA SER A 63 -7.36 -44.45 -15.26
C SER A 63 -6.87 -43.01 -15.37
N LYS A 64 -5.92 -42.64 -14.52
CA LYS A 64 -5.44 -41.26 -14.46
C LYS A 64 -3.98 -41.26 -14.03
N LYS A 65 -3.13 -40.67 -14.87
CA LYS A 65 -1.70 -40.53 -14.57
C LYS A 65 -1.09 -41.88 -14.20
N LEU A 66 -1.32 -42.87 -15.07
CA LEU A 66 -0.83 -44.23 -14.86
C LEU A 66 -0.17 -44.74 -16.13
N ASN A 67 1.03 -45.27 -15.99
CA ASN A 67 1.79 -45.87 -17.09
C ASN A 67 1.75 -47.38 -16.96
N TYR A 68 1.47 -48.06 -18.07
CA TYR A 68 1.20 -49.50 -18.06
C TYR A 68 2.35 -50.28 -18.67
N THR A 69 2.72 -51.38 -18.01
CA THR A 69 3.69 -52.31 -18.55
C THR A 69 3.04 -53.14 -19.64
N LEU A 70 3.75 -53.29 -20.76
CA LEU A 70 3.20 -54.03 -21.90
C LEU A 70 3.46 -55.52 -21.71
N SER A 71 2.39 -56.29 -21.61
CA SER A 71 2.46 -57.75 -21.55
C SER A 71 1.58 -58.31 -22.65
N GLN A 72 2.11 -59.26 -23.41
CA GLN A 72 1.42 -59.82 -24.58
C GLN A 72 1.04 -58.72 -25.56
N GLY A 73 1.88 -57.70 -25.67
CA GLY A 73 1.69 -56.66 -26.67
C GLY A 73 0.59 -55.67 -26.39
N HIS A 74 0.02 -55.67 -25.19
CA HIS A 74 -1.08 -54.78 -24.85
C HIS A 74 -0.91 -54.30 -23.42
N ARG A 75 -1.67 -53.25 -23.07
CA ARG A 75 -1.59 -52.69 -21.74
C ARG A 75 -2.27 -53.58 -20.69
N VAL A 76 -3.20 -54.44 -21.12
CA VAL A 76 -3.90 -55.33 -20.20
C VAL A 76 -3.97 -56.72 -20.82
N VAL A 77 -4.28 -57.69 -19.98
CA VAL A 77 -4.48 -59.08 -20.40
C VAL A 77 -5.87 -59.50 -19.95
N LEU A 78 -6.69 -59.96 -20.89
CA LEU A 78 -8.07 -60.31 -20.63
C LEU A 78 -8.20 -61.83 -20.50
N ARG A 79 -8.82 -62.27 -19.42
CA ARG A 79 -9.02 -63.68 -19.13
C ARG A 79 -10.52 -63.95 -18.92
N GLY A 80 -10.87 -65.23 -18.91
CA GLY A 80 -12.25 -65.64 -18.74
C GLY A 80 -12.52 -66.26 -17.40
N VAL A 81 -13.79 -66.26 -16.98
CA VAL A 81 -14.22 -66.82 -15.70
C VAL A 81 -15.37 -67.78 -15.97
N GLY A 82 -15.29 -68.98 -15.39
CA GLY A 82 -16.37 -69.95 -15.53
C GLY A 82 -16.55 -70.49 -16.93
N GLY A 83 -15.47 -70.56 -17.72
CA GLY A 83 -15.55 -71.07 -19.06
C GLY A 83 -15.84 -70.04 -20.14
N SER A 84 -15.96 -68.77 -19.78
CA SER A 84 -16.24 -67.74 -20.77
C SER A 84 -15.02 -67.52 -21.65
N GLN A 85 -15.27 -67.23 -22.94
CA GLN A 85 -14.21 -67.06 -23.90
C GLN A 85 -13.93 -65.58 -24.10
N PRO A 86 -12.79 -65.05 -23.65
CA PRO A 86 -12.52 -63.62 -23.83
C PRO A 86 -12.01 -63.34 -25.23
N PRO A 87 -12.68 -62.48 -25.99
CA PRO A 87 -12.21 -62.17 -27.34
C PRO A 87 -10.85 -61.51 -27.30
N ASP A 88 -10.14 -61.59 -28.43
CA ASP A 88 -8.82 -60.99 -28.53
C ASP A 88 -8.93 -59.47 -28.48
N ILE A 89 -7.93 -58.84 -27.86
CA ILE A 89 -7.90 -57.39 -27.74
C ILE A 89 -7.18 -56.81 -28.95
N ASP A 90 -7.85 -55.92 -29.67
CA ASP A 90 -7.26 -55.32 -30.87
C ASP A 90 -6.23 -54.25 -30.51
N LYS A 91 -6.58 -53.36 -29.59
CA LYS A 91 -5.67 -52.32 -29.14
C LYS A 91 -6.26 -51.64 -27.91
N THR A 92 -5.37 -51.11 -27.07
CA THR A 92 -5.76 -50.35 -25.89
C THR A 92 -5.21 -48.94 -25.99
N GLU A 93 -6.00 -47.96 -25.54
CA GLU A 93 -5.59 -46.57 -25.61
C GLU A 93 -6.06 -45.85 -24.34
N LEU A 94 -5.39 -44.75 -24.04
CA LEU A 94 -5.67 -43.92 -22.88
C LEU A 94 -6.30 -42.61 -23.37
N VAL A 95 -7.51 -42.33 -22.89
CA VAL A 95 -8.24 -41.11 -23.24
C VAL A 95 -8.08 -40.16 -22.06
N GLU A 96 -7.19 -39.18 -22.21
CA GLU A 96 -6.88 -38.30 -21.08
C GLU A 96 -8.05 -37.42 -20.67
N PRO A 97 -8.77 -36.76 -21.59
CA PRO A 97 -9.86 -35.86 -21.16
C PRO A 97 -10.82 -36.50 -20.18
N THR A 98 -11.40 -37.65 -20.54
CA THR A 98 -12.33 -38.35 -19.67
C THR A 98 -11.66 -39.38 -18.78
N GLU A 99 -10.33 -39.45 -18.80
CA GLU A 99 -9.57 -40.31 -17.88
C GLU A 99 -10.06 -41.75 -17.95
N TYR A 100 -9.92 -42.35 -19.13
CA TYR A 100 -10.35 -43.71 -19.37
C TYR A 100 -9.19 -44.57 -19.87
N LEU A 101 -9.40 -45.88 -19.80
CA LEU A 101 -8.49 -46.87 -20.37
C LEU A 101 -9.36 -47.77 -21.27
N VAL A 102 -9.37 -47.46 -22.56
CA VAL A 102 -10.26 -48.12 -23.50
C VAL A 102 -9.56 -49.33 -24.10
N VAL A 103 -10.15 -50.51 -23.95
CA VAL A 103 -9.63 -51.75 -24.49
C VAL A 103 -10.59 -52.20 -25.59
N HIS A 104 -10.18 -52.02 -26.85
CA HIS A 104 -11.01 -52.41 -27.98
C HIS A 104 -10.83 -53.90 -28.26
N LEU A 105 -11.95 -54.61 -28.39
CA LEU A 105 -11.95 -56.04 -28.60
C LEU A 105 -12.33 -56.37 -30.05
N LYS A 106 -11.91 -57.55 -30.50
CA LYS A 106 -12.27 -58.02 -31.82
C LYS A 106 -13.70 -58.54 -31.88
N GLY A 107 -14.17 -59.15 -30.78
CA GLY A 107 -15.54 -59.60 -30.67
C GLY A 107 -16.21 -59.00 -29.45
N SER A 108 -17.51 -59.25 -29.34
CA SER A 108 -18.29 -58.76 -28.22
C SER A 108 -18.23 -59.73 -27.05
N LEU A 109 -18.69 -59.27 -25.89
CA LEU A 109 -18.70 -60.07 -24.68
C LEU A 109 -20.06 -60.71 -24.47
N VAL A 110 -20.06 -61.83 -23.76
CA VAL A 110 -21.29 -62.59 -23.53
C VAL A 110 -22.03 -62.02 -22.33
N LYS A 111 -23.36 -61.93 -22.44
CA LYS A 111 -24.16 -61.46 -21.33
C LYS A 111 -24.19 -62.49 -20.21
N ASP A 112 -24.24 -62.00 -18.97
CA ASP A 112 -24.27 -62.85 -17.79
C ASP A 112 -23.01 -63.71 -17.67
N SER A 113 -21.87 -63.17 -18.11
CA SER A 113 -20.59 -63.87 -18.06
C SER A 113 -19.56 -63.00 -17.37
N GLN A 114 -18.79 -63.60 -16.48
CA GLN A 114 -17.78 -62.89 -15.71
C GLN A 114 -16.45 -62.91 -16.44
N TYR A 115 -15.69 -61.82 -16.31
CA TYR A 115 -14.38 -61.68 -16.92
C TYR A 115 -13.43 -61.02 -15.95
N GLU A 116 -12.15 -61.36 -16.06
CA GLU A 116 -11.09 -60.79 -15.25
C GLU A 116 -10.07 -60.12 -16.17
N MET A 117 -9.54 -58.97 -15.73
CA MET A 117 -8.61 -58.18 -16.53
C MET A 117 -7.36 -57.89 -15.71
N ASP A 118 -6.21 -58.35 -16.20
CA ASP A 118 -4.94 -58.14 -15.54
C ASP A 118 -4.27 -56.86 -16.02
N SER A 119 -3.49 -56.23 -15.15
CA SER A 119 -2.83 -54.99 -15.49
C SER A 119 -1.65 -54.76 -14.56
N GLU A 120 -0.53 -54.33 -15.14
CA GLU A 120 0.68 -53.96 -14.40
C GLU A 120 1.02 -52.53 -14.80
N PHE A 121 1.13 -51.65 -13.81
CA PHE A 121 1.22 -50.21 -14.07
C PHE A 121 2.16 -49.55 -13.08
N GLU A 122 2.52 -48.31 -13.39
CA GLU A 122 3.40 -47.49 -12.56
C GLU A 122 2.83 -46.08 -12.49
N GLY A 123 3.08 -45.42 -11.36
CA GLY A 123 2.57 -44.08 -11.14
C GLY A 123 3.49 -43.29 -10.24
N GLU A 124 3.19 -42.00 -10.10
CA GLU A 124 3.99 -41.09 -9.31
C GLU A 124 3.40 -40.93 -7.92
N LEU A 125 4.26 -40.96 -6.91
CA LEU A 125 3.87 -40.68 -5.53
C LEU A 125 4.09 -39.19 -5.24
N ALA A 126 3.30 -38.37 -5.94
CA ALA A 126 3.46 -36.90 -5.92
C ALA A 126 3.01 -36.26 -4.61
N ASP A 127 3.27 -34.96 -4.48
CA ASP A 127 2.81 -34.24 -3.28
C ASP A 127 1.58 -33.42 -3.67
N ASP A 128 0.72 -33.97 -4.51
CA ASP A 128 -0.47 -33.23 -4.99
C ASP A 128 -1.67 -33.58 -4.11
N LEU A 129 -1.46 -34.35 -3.05
CA LEU A 129 -2.53 -34.73 -2.11
C LEU A 129 -3.75 -35.30 -2.83
N ALA A 130 -3.54 -36.20 -3.79
CA ALA A 130 -4.64 -36.84 -4.53
C ALA A 130 -4.15 -38.21 -4.93
N GLY A 131 -5.05 -39.19 -4.97
CA GLY A 131 -4.70 -40.56 -5.27
C GLY A 131 -3.71 -41.12 -4.27
N PHE A 132 -2.81 -41.97 -4.76
CA PHE A 132 -1.69 -42.48 -3.97
C PHE A 132 -0.60 -41.44 -4.02
N TYR A 133 -0.48 -40.68 -2.93
CA TYR A 133 0.45 -39.55 -2.88
C TYR A 133 1.37 -39.69 -1.68
N ARG A 134 2.42 -38.87 -1.63
CA ARG A 134 3.39 -38.89 -0.55
C ARG A 134 3.12 -37.75 0.43
N SER A 135 3.45 -38.01 1.69
CA SER A 135 3.47 -37.00 2.73
C SER A 135 4.80 -37.12 3.47
N GLU A 136 5.38 -36.00 3.84
CA GLU A 136 6.71 -35.98 4.44
C GLU A 136 6.68 -35.21 5.75
N TYR A 137 7.59 -35.56 6.64
CA TYR A 137 7.77 -34.85 7.90
C TYR A 137 9.22 -35.01 8.32
N MET A 138 9.54 -34.53 9.52
CA MET A 138 10.90 -34.53 10.02
C MET A 138 10.94 -35.19 11.39
N GLU A 139 11.79 -36.20 11.52
CA GLU A 139 12.09 -36.83 12.80
C GLU A 139 13.57 -36.53 13.09
N GLY A 140 13.81 -35.75 14.14
CA GLY A 140 15.15 -35.30 14.43
C GLY A 140 15.74 -34.52 13.26
N ASN A 141 16.69 -35.13 12.55
CA ASN A 141 17.29 -34.54 11.37
C ASN A 141 17.05 -35.39 10.13
N VAL A 142 16.11 -36.33 10.19
CA VAL A 142 15.84 -37.27 9.11
C VAL A 142 14.53 -36.89 8.44
N ARG A 143 14.50 -37.05 7.12
CA ARG A 143 13.35 -36.67 6.29
C ARG A 143 12.50 -37.92 6.08
N LYS A 144 11.55 -38.13 6.98
CA LYS A 144 10.66 -39.27 6.86
C LYS A 144 9.63 -39.04 5.76
N VAL A 145 9.29 -40.10 5.04
CA VAL A 145 8.36 -40.04 3.93
C VAL A 145 7.25 -41.06 4.17
N VAL A 146 6.03 -40.69 3.79
CA VAL A 146 4.84 -41.51 4.00
C VAL A 146 4.09 -41.61 2.69
N ALA A 147 3.46 -42.75 2.47
CA ALA A 147 2.57 -42.97 1.34
C ALA A 147 1.15 -43.09 1.88
N THR A 148 0.33 -42.08 1.63
CA THR A 148 -1.05 -42.05 2.08
C THR A 148 -1.96 -41.97 0.84
N THR A 149 -3.26 -41.77 1.08
CA THR A 149 -4.23 -41.82 0.01
C THR A 149 -5.34 -40.79 0.23
N GLN A 150 -5.86 -40.29 -0.90
CA GLN A 150 -7.07 -39.47 -0.91
C GLN A 150 -7.80 -39.80 -2.21
N MET A 151 -8.85 -40.62 -2.12
CA MET A 151 -9.54 -41.07 -3.30
C MET A 151 -10.74 -40.20 -3.66
N GLN A 152 -11.30 -39.48 -2.71
CA GLN A 152 -12.41 -38.57 -3.03
C GLN A 152 -11.90 -37.44 -3.90
N ALA A 153 -12.72 -37.00 -4.87
CA ALA A 153 -14.01 -37.59 -5.22
C ALA A 153 -13.83 -38.66 -6.27
N ALA A 154 -12.93 -38.42 -7.22
CA ALA A 154 -12.69 -39.33 -8.33
C ALA A 154 -11.18 -39.44 -8.61
N ASP A 155 -10.43 -39.79 -7.57
CA ASP A 155 -8.98 -39.94 -7.69
C ASP A 155 -8.51 -41.37 -7.40
N ALA A 156 -9.42 -42.29 -7.10
CA ALA A 156 -9.03 -43.70 -7.00
C ALA A 156 -8.45 -44.21 -8.31
N ARG A 157 -8.94 -43.70 -9.43
CA ARG A 157 -8.38 -44.01 -10.73
C ARG A 157 -6.92 -43.58 -10.86
N LYS A 158 -6.42 -42.84 -9.88
CA LYS A 158 -5.03 -42.31 -9.94
C LYS A 158 -4.07 -43.28 -9.26
N SER A 159 -4.58 -44.32 -8.62
CA SER A 159 -3.74 -45.34 -7.99
C SER A 159 -3.82 -46.68 -8.68
N PHE A 160 -4.97 -47.02 -9.27
CA PHE A 160 -5.13 -48.27 -10.01
C PHE A 160 -6.37 -48.17 -10.87
N PRO A 161 -6.42 -48.88 -11.99
CA PRO A 161 -7.59 -48.81 -12.86
C PRO A 161 -8.80 -49.47 -12.21
N CYS A 162 -9.96 -48.83 -12.37
CA CYS A 162 -11.19 -49.31 -11.77
C CYS A 162 -12.35 -48.50 -12.35
N PHE A 163 -13.56 -48.92 -12.03
CA PHE A 163 -14.77 -48.22 -12.48
C PHE A 163 -15.14 -47.17 -11.42
N ASP A 164 -14.33 -46.11 -11.40
CA ASP A 164 -14.38 -45.11 -10.33
C ASP A 164 -15.71 -44.36 -10.40
N GLU A 165 -16.74 -44.94 -9.79
CA GLU A 165 -18.03 -44.30 -9.60
C GLU A 165 -18.62 -44.83 -8.31
N PRO A 166 -19.38 -44.02 -7.57
CA PRO A 166 -19.88 -44.47 -6.27
C PRO A 166 -20.82 -45.66 -6.35
N ALA A 167 -21.57 -45.79 -7.45
CA ALA A 167 -22.50 -46.91 -7.59
C ALA A 167 -21.81 -48.20 -8.00
N MET A 168 -20.57 -48.14 -8.48
CA MET A 168 -19.84 -49.34 -8.89
C MET A 168 -19.15 -49.99 -7.68
N LYS A 169 -19.97 -50.32 -6.69
CA LYS A 169 -19.44 -50.93 -5.48
C LYS A 169 -18.92 -52.34 -5.78
N ALA A 170 -18.00 -52.80 -4.94
CA ALA A 170 -17.37 -54.11 -5.11
C ALA A 170 -16.52 -54.39 -3.89
N GLU A 171 -15.94 -55.58 -3.86
CA GLU A 171 -15.01 -56.00 -2.83
C GLU A 171 -13.58 -55.84 -3.34
N PHE A 172 -12.67 -55.50 -2.41
CA PHE A 172 -11.29 -55.19 -2.77
C PHE A 172 -10.34 -56.01 -1.91
N ASN A 173 -9.53 -56.84 -2.56
CA ASN A 173 -8.52 -57.66 -1.90
C ASN A 173 -7.20 -56.92 -2.00
N ILE A 174 -6.95 -56.02 -1.05
CA ILE A 174 -5.82 -55.10 -1.12
C ILE A 174 -4.55 -55.80 -0.64
N THR A 175 -3.43 -55.42 -1.26
CA THR A 175 -2.11 -55.92 -0.88
C THR A 175 -1.12 -54.78 -0.98
N LEU A 176 -0.21 -54.70 -0.02
CA LEU A 176 0.73 -53.58 0.09
C LEU A 176 2.14 -54.11 0.30
N ILE A 177 3.02 -53.85 -0.67
CA ILE A 177 4.41 -54.26 -0.62
C ILE A 177 5.23 -53.04 -0.21
N HIS A 178 5.70 -53.05 1.03
CA HIS A 178 6.37 -51.90 1.64
C HIS A 178 7.69 -52.33 2.24
N PRO A 179 8.52 -51.37 2.63
CA PRO A 179 9.77 -51.71 3.31
C PRO A 179 9.51 -52.49 4.60
N LYS A 180 10.54 -53.23 5.03
CA LYS A 180 10.41 -54.10 6.18
C LYS A 180 10.27 -53.29 7.48
N ASP A 181 10.94 -52.15 7.56
CA ASP A 181 10.93 -51.32 8.76
C ASP A 181 9.76 -50.33 8.78
N LEU A 182 8.75 -50.53 7.94
CA LEU A 182 7.58 -49.68 7.90
C LEU A 182 6.33 -50.53 8.08
N THR A 183 5.25 -49.88 8.48
CA THR A 183 3.95 -50.52 8.63
C THR A 183 3.09 -50.24 7.41
N ALA A 184 2.10 -51.10 7.18
CA ALA A 184 1.12 -50.92 6.13
C ALA A 184 -0.27 -51.02 6.73
N LEU A 185 -1.13 -50.07 6.38
CA LEU A 185 -2.49 -50.02 6.88
C LEU A 185 -3.46 -49.93 5.70
N SER A 186 -4.71 -50.30 5.95
CA SER A 186 -5.73 -50.26 4.92
C SER A 186 -7.10 -50.34 5.61
N ASN A 187 -8.15 -50.45 4.80
CA ASN A 187 -9.51 -50.45 5.35
C ASN A 187 -9.71 -51.57 6.34
N MET A 188 -9.31 -52.79 5.98
CA MET A 188 -9.46 -53.96 6.82
C MET A 188 -8.18 -54.22 7.60
N LEU A 189 -8.21 -55.30 8.41
CA LEU A 189 -7.07 -55.71 9.20
C LEU A 189 -6.18 -56.66 8.41
N PRO A 190 -4.89 -56.73 8.73
CA PRO A 190 -4.01 -57.65 8.00
C PRO A 190 -4.55 -59.07 8.06
N LYS A 191 -4.50 -59.76 6.92
CA LYS A 191 -4.87 -61.17 6.84
C LYS A 191 -3.61 -61.99 7.12
N GLY A 192 -3.25 -62.04 8.40
CA GLY A 192 -2.02 -62.69 8.81
C GLY A 192 -0.86 -61.71 8.86
N PRO A 193 0.22 -62.10 9.53
CA PRO A 193 1.36 -61.19 9.68
C PRO A 193 2.06 -60.97 8.35
N SER A 194 2.95 -59.97 8.34
CA SER A 194 3.66 -59.60 7.13
C SER A 194 4.75 -60.61 6.81
N THR A 195 4.71 -61.15 5.60
CA THR A 195 5.72 -62.10 5.14
C THR A 195 6.76 -61.38 4.30
N PRO A 196 8.05 -61.52 4.59
CA PRO A 196 9.05 -60.81 3.77
C PRO A 196 8.95 -61.22 2.32
N LEU A 197 8.93 -60.23 1.43
CA LEU A 197 8.86 -60.49 0.00
C LEU A 197 10.03 -61.35 -0.41
N PRO A 198 9.81 -62.46 -1.13
CA PRO A 198 10.94 -63.34 -1.45
C PRO A 198 11.95 -62.71 -2.39
N GLU A 199 11.49 -61.97 -3.40
CA GLU A 199 12.41 -61.34 -4.35
C GLU A 199 13.47 -60.50 -3.64
N ASP A 200 13.08 -59.83 -2.55
CA ASP A 200 13.98 -58.95 -1.82
C ASP A 200 13.61 -58.95 -0.35
N PRO A 201 14.45 -59.53 0.53
CA PRO A 201 14.09 -59.58 1.95
C PRO A 201 14.01 -58.21 2.62
N ASN A 202 14.53 -57.15 1.97
CA ASN A 202 14.43 -55.81 2.50
C ASN A 202 13.02 -55.24 2.39
N TRP A 203 12.09 -55.96 1.77
CA TRP A 203 10.71 -55.52 1.61
C TRP A 203 9.77 -56.57 2.18
N ASN A 204 8.75 -56.12 2.90
CA ASN A 204 7.71 -56.99 3.44
C ASN A 204 6.47 -56.95 2.55
N VAL A 205 5.54 -57.84 2.85
CA VAL A 205 4.27 -57.93 2.14
C VAL A 205 3.16 -58.07 3.17
N THR A 206 2.08 -57.31 2.98
CA THR A 206 0.94 -57.32 3.89
C THR A 206 -0.34 -57.41 3.06
N GLU A 207 -1.00 -58.55 3.13
CA GLU A 207 -2.31 -58.74 2.52
C GLU A 207 -3.39 -58.48 3.56
N PHE A 208 -4.46 -57.81 3.14
CA PHE A 208 -5.54 -57.42 4.02
C PHE A 208 -6.80 -58.20 3.69
N HIS A 209 -7.68 -58.30 4.69
CA HIS A 209 -8.93 -59.02 4.48
C HIS A 209 -9.77 -58.31 3.43
N THR A 210 -10.62 -59.10 2.77
CA THR A 210 -11.52 -58.54 1.77
C THR A 210 -12.50 -57.57 2.42
N THR A 211 -12.68 -56.41 1.79
CA THR A 211 -13.59 -55.40 2.30
C THR A 211 -15.03 -55.78 2.01
N PRO A 212 -15.99 -55.11 2.65
CA PRO A 212 -17.39 -55.29 2.24
C PRO A 212 -17.67 -54.59 0.93
N LYS A 213 -18.91 -54.67 0.45
CA LYS A 213 -19.29 -53.95 -0.77
C LYS A 213 -19.21 -52.45 -0.50
N MET A 214 -18.25 -51.78 -1.12
CA MET A 214 -18.01 -50.37 -0.86
C MET A 214 -17.65 -49.65 -2.15
N SER A 215 -17.71 -48.33 -2.10
CA SER A 215 -17.37 -47.50 -3.24
C SER A 215 -15.86 -47.29 -3.32
N THR A 216 -15.38 -47.04 -4.54
CA THR A 216 -13.94 -46.89 -4.76
C THR A 216 -13.38 -45.72 -3.95
N TYR A 217 -14.13 -44.61 -3.88
CA TYR A 217 -13.61 -43.41 -3.23
C TYR A 217 -13.38 -43.58 -1.73
N LEU A 218 -13.74 -44.72 -1.15
CA LEU A 218 -13.54 -44.99 0.26
C LEU A 218 -12.29 -45.82 0.54
N LEU A 219 -11.55 -46.21 -0.50
CA LEU A 219 -10.35 -47.01 -0.30
C LEU A 219 -9.23 -46.15 0.30
N ALA A 220 -8.30 -46.83 0.99
CA ALA A 220 -7.18 -46.14 1.61
C ALA A 220 -6.03 -47.12 1.80
N PHE A 221 -4.84 -46.71 1.38
CA PHE A 221 -3.62 -47.49 1.56
C PHE A 221 -2.54 -46.58 2.13
N ILE A 222 -2.12 -46.84 3.37
CA ILE A 222 -1.12 -46.02 4.05
C ILE A 222 0.08 -46.89 4.40
N VAL A 223 1.27 -46.32 4.21
CA VAL A 223 2.53 -46.98 4.56
C VAL A 223 3.37 -45.96 5.31
N SER A 224 3.54 -46.17 6.61
CA SER A 224 4.28 -45.23 7.45
C SER A 224 5.03 -45.99 8.53
N GLU A 225 5.84 -45.24 9.28
CA GLU A 225 6.45 -45.74 10.50
C GLU A 225 5.76 -45.20 11.75
N PHE A 226 4.51 -44.76 11.60
CA PHE A 226 3.76 -44.20 12.72
C PHE A 226 3.61 -45.22 13.84
N ASP A 227 3.42 -44.71 15.05
CA ASP A 227 2.98 -45.49 16.19
C ASP A 227 1.48 -45.25 16.36
N TYR A 228 0.92 -45.72 17.47
CA TYR A 228 -0.51 -45.54 17.71
C TYR A 228 -0.82 -45.81 19.17
N VAL A 229 -2.03 -45.41 19.57
CA VAL A 229 -2.60 -45.75 20.85
C VAL A 229 -4.00 -46.29 20.58
N GLU A 230 -4.41 -47.30 21.36
CA GLU A 230 -5.67 -47.98 21.10
C GLU A 230 -6.46 -48.12 22.39
N LYS A 231 -7.76 -48.36 22.23
CA LYS A 231 -8.65 -48.57 23.36
C LYS A 231 -9.91 -49.25 22.82
N GLN A 232 -10.19 -50.46 23.30
CA GLN A 232 -11.37 -51.18 22.87
C GLN A 232 -12.62 -50.37 23.19
N ALA A 233 -13.48 -50.18 22.18
CA ALA A 233 -14.67 -49.36 22.35
C ALA A 233 -15.73 -50.13 23.12
N SER A 234 -16.86 -49.47 23.38
CA SER A 234 -17.96 -50.09 24.10
C SER A 234 -18.74 -51.08 23.23
N ASN A 235 -18.66 -50.94 21.90
CA ASN A 235 -19.28 -51.89 20.98
C ASN A 235 -18.29 -52.89 20.42
N GLY A 236 -17.23 -53.17 21.18
CA GLY A 236 -16.25 -54.17 20.78
C GLY A 236 -15.35 -53.78 19.64
N VAL A 237 -15.54 -52.60 19.05
CA VAL A 237 -14.72 -52.17 17.92
C VAL A 237 -13.37 -51.71 18.44
N LEU A 238 -12.30 -52.14 17.78
CA LEU A 238 -10.96 -51.68 18.11
C LEU A 238 -10.73 -50.31 17.47
N ILE A 239 -10.31 -49.35 18.29
CA ILE A 239 -10.05 -47.99 17.85
C ILE A 239 -8.56 -47.71 18.03
N ARG A 240 -7.93 -47.13 17.01
CA ARG A 240 -6.52 -46.80 17.05
C ARG A 240 -6.31 -45.40 16.49
N ILE A 241 -5.46 -44.62 17.15
CA ILE A 241 -5.16 -43.25 16.76
C ILE A 241 -3.71 -43.24 16.30
N TRP A 242 -3.50 -43.32 14.99
CA TRP A 242 -2.17 -43.31 14.41
C TRP A 242 -1.69 -41.89 14.18
N ALA A 243 -0.39 -41.68 14.31
CA ALA A 243 0.22 -40.37 14.10
C ALA A 243 1.73 -40.53 14.21
N ARG A 244 2.44 -39.41 13.99
CA ARG A 244 3.89 -39.42 14.09
C ARG A 244 4.32 -39.93 15.47
N PRO A 245 5.43 -40.66 15.56
CA PRO A 245 5.86 -41.16 16.87
C PRO A 245 5.94 -40.10 17.95
N SER A 246 6.67 -39.01 17.72
CA SER A 246 6.80 -37.98 18.74
C SER A 246 5.45 -37.45 19.18
N ALA A 247 4.52 -37.27 18.23
CA ALA A 247 3.18 -36.79 18.58
C ALA A 247 2.47 -37.79 19.47
N ILE A 248 2.47 -39.07 19.09
CA ILE A 248 1.83 -40.08 19.92
C ILE A 248 2.45 -40.11 21.31
N ALA A 249 3.79 -40.09 21.36
CA ALA A 249 4.48 -40.12 22.64
C ALA A 249 4.06 -38.95 23.52
N ALA A 250 4.11 -37.73 22.95
CA ALA A 250 3.74 -36.54 23.73
C ALA A 250 2.30 -36.58 24.18
N GLY A 251 1.47 -37.43 23.58
CA GLY A 251 0.10 -37.59 24.01
C GLY A 251 -0.91 -36.75 23.25
N HIS A 252 -0.57 -36.28 22.05
CA HIS A 252 -1.50 -35.45 21.29
C HIS A 252 -2.65 -36.26 20.72
N GLY A 253 -2.50 -37.59 20.61
CA GLY A 253 -3.58 -38.44 20.18
C GLY A 253 -4.49 -38.94 21.28
N ASP A 254 -4.11 -38.73 22.54
CA ASP A 254 -4.91 -39.25 23.65
C ASP A 254 -6.32 -38.70 23.63
N TYR A 255 -6.49 -37.42 23.31
CA TYR A 255 -7.83 -36.84 23.32
C TYR A 255 -8.73 -37.50 22.30
N ALA A 256 -8.24 -37.64 21.05
CA ALA A 256 -9.04 -38.31 20.03
C ALA A 256 -9.38 -39.72 20.47
N LEU A 257 -8.45 -40.39 21.15
CA LEU A 257 -8.73 -41.72 21.68
C LEU A 257 -9.85 -41.70 22.72
N ASN A 258 -9.94 -40.61 23.48
CA ASN A 258 -10.96 -40.50 24.52
C ASN A 258 -12.36 -40.42 23.94
N VAL A 259 -12.53 -39.72 22.82
CA VAL A 259 -13.86 -39.38 22.31
C VAL A 259 -14.26 -40.27 21.14
N THR A 260 -13.29 -40.79 20.39
CA THR A 260 -13.60 -41.54 19.18
C THR A 260 -14.48 -42.74 19.49
N GLY A 261 -14.03 -43.60 20.39
CA GLY A 261 -14.79 -44.76 20.78
C GLY A 261 -16.20 -44.41 21.20
N PRO A 262 -16.34 -43.64 22.28
CA PRO A 262 -17.68 -43.27 22.75
C PRO A 262 -18.59 -42.70 21.66
N ILE A 263 -18.06 -41.82 20.80
CA ILE A 263 -18.90 -41.25 19.75
C ILE A 263 -19.33 -42.33 18.76
N LEU A 264 -18.40 -43.21 18.37
CA LEU A 264 -18.75 -44.30 17.47
C LEU A 264 -19.90 -45.12 18.03
N ASN A 265 -19.77 -45.57 19.28
CA ASN A 265 -20.83 -46.37 19.89
C ASN A 265 -22.11 -45.58 20.05
N PHE A 266 -22.01 -44.26 20.27
CA PHE A 266 -23.20 -43.44 20.39
C PHE A 266 -24.00 -43.44 19.08
N PHE A 267 -23.32 -43.21 17.96
CA PHE A 267 -24.00 -43.23 16.67
C PHE A 267 -24.63 -44.59 16.40
N ALA A 268 -23.94 -45.66 16.80
CA ALA A 268 -24.47 -47.01 16.59
C ALA A 268 -25.81 -47.18 17.29
N GLY A 269 -25.90 -46.77 18.56
CA GLY A 269 -27.13 -46.90 19.29
C GLY A 269 -28.19 -45.90 18.84
N HIS A 270 -27.77 -44.67 18.54
CA HIS A 270 -28.73 -43.64 18.17
C HIS A 270 -29.52 -44.03 16.93
N TYR A 271 -28.86 -44.62 15.94
CA TYR A 271 -29.50 -44.97 14.67
C TYR A 271 -29.83 -46.45 14.57
N ASP A 272 -29.72 -47.20 15.67
CA ASP A 272 -30.09 -48.61 15.70
C ASP A 272 -29.47 -49.36 14.53
N THR A 273 -28.15 -49.21 14.39
CA THR A 273 -27.41 -49.91 13.34
C THR A 273 -25.96 -50.11 13.78
N PRO A 274 -25.47 -51.35 13.82
CA PRO A 274 -24.11 -51.57 14.31
C PRO A 274 -23.08 -51.11 13.28
N TYR A 275 -21.85 -50.96 13.76
CA TYR A 275 -20.71 -50.67 12.91
C TYR A 275 -20.18 -51.99 12.36
N PRO A 276 -20.29 -52.25 11.06
CA PRO A 276 -20.00 -53.61 10.57
C PRO A 276 -18.55 -54.02 10.74
N LEU A 277 -17.59 -53.12 10.51
CA LEU A 277 -16.19 -53.50 10.51
C LEU A 277 -15.70 -53.77 11.92
N PRO A 278 -14.63 -54.57 12.06
CA PRO A 278 -14.09 -54.87 13.39
C PRO A 278 -13.17 -53.79 13.95
N LYS A 279 -12.86 -52.75 13.18
CA LYS A 279 -11.98 -51.69 13.64
C LYS A 279 -12.33 -50.39 12.96
N SER A 280 -11.73 -49.31 13.45
CA SER A 280 -11.86 -48.00 12.82
C SER A 280 -10.63 -47.20 13.23
N ASP A 281 -9.64 -47.14 12.34
CA ASP A 281 -8.39 -46.46 12.61
C ASP A 281 -8.50 -44.97 12.26
N GLN A 282 -7.97 -44.13 13.12
CA GLN A 282 -7.87 -42.69 12.90
C GLN A 282 -6.40 -42.33 12.77
N ILE A 283 -6.00 -41.81 11.62
CA ILE A 283 -4.61 -41.53 11.33
C ILE A 283 -4.47 -40.06 10.92
N GLY A 284 -3.41 -39.42 11.38
CA GLY A 284 -3.17 -38.02 11.12
C GLY A 284 -1.96 -37.80 10.24
N LEU A 285 -2.20 -37.38 8.94
CA LEU A 285 -1.12 -37.15 8.00
C LEU A 285 -0.57 -35.74 8.16
N PRO A 286 0.75 -35.55 7.96
CA PRO A 286 1.29 -34.18 7.94
C PRO A 286 0.89 -33.38 6.72
N ASP A 287 0.50 -34.02 5.62
CA ASP A 287 0.19 -33.35 4.37
C ASP A 287 -1.14 -33.89 3.82
N PHE A 288 -2.23 -33.27 4.23
CA PHE A 288 -3.58 -33.62 3.79
C PHE A 288 -4.23 -32.39 3.20
N ASN A 289 -5.01 -32.57 2.13
CA ASN A 289 -5.64 -31.43 1.46
C ASN A 289 -6.83 -30.91 2.25
N ALA A 290 -7.88 -31.73 2.36
CA ALA A 290 -9.08 -31.33 3.08
C ALA A 290 -8.86 -31.40 4.58
N GLY A 291 -9.95 -31.45 5.36
CA GLY A 291 -9.84 -31.58 6.79
C GLY A 291 -9.72 -33.02 7.24
N ALA A 292 -10.38 -33.92 6.50
CA ALA A 292 -10.41 -35.34 6.84
C ALA A 292 -11.16 -36.06 5.73
N MET A 293 -11.01 -37.39 5.71
CA MET A 293 -11.69 -38.24 4.74
C MET A 293 -12.22 -39.48 5.45
N GLU A 294 -13.46 -39.85 5.12
CA GLU A 294 -14.21 -40.88 5.84
C GLU A 294 -13.92 -42.29 5.32
N ASN A 295 -12.68 -42.61 4.95
CA ASN A 295 -12.39 -43.93 4.41
C ASN A 295 -12.83 -45.00 5.40
N TRP A 296 -13.68 -45.92 4.93
CA TRP A 296 -14.25 -46.95 5.77
C TRP A 296 -13.15 -47.80 6.43
N GLY A 297 -13.03 -47.69 7.75
CA GLY A 297 -12.07 -48.46 8.51
C GLY A 297 -10.77 -47.76 8.80
N LEU A 298 -10.38 -46.78 7.97
CA LEU A 298 -9.10 -46.06 8.13
C LEU A 298 -9.34 -44.59 7.83
N VAL A 299 -9.94 -43.89 8.79
CA VAL A 299 -10.25 -42.47 8.62
C VAL A 299 -8.96 -41.67 8.66
N THR A 300 -8.80 -40.77 7.70
CA THR A 300 -7.63 -39.92 7.59
C THR A 300 -7.99 -38.49 7.99
N TYR A 301 -7.08 -37.83 8.71
CA TYR A 301 -7.30 -36.49 9.21
C TYR A 301 -6.10 -35.63 8.90
N ARG A 302 -6.35 -34.32 8.83
CA ARG A 302 -5.29 -33.35 9.02
C ARG A 302 -4.77 -33.45 10.45
N GLU A 303 -3.51 -33.06 10.65
CA GLU A 303 -2.97 -33.08 12.00
C GLU A 303 -3.71 -32.10 12.90
N ASN A 304 -4.09 -30.93 12.38
CA ASN A 304 -4.81 -29.97 13.18
C ASN A 304 -6.25 -30.39 13.45
N SER A 305 -6.73 -31.45 12.81
CA SER A 305 -8.09 -31.92 13.00
C SER A 305 -8.16 -33.18 13.86
N LEU A 306 -7.04 -33.67 14.36
CA LEU A 306 -7.01 -34.91 15.13
C LEU A 306 -6.15 -34.78 16.38
N LEU A 307 -4.94 -34.23 16.23
CA LEU A 307 -4.05 -34.06 17.35
C LEU A 307 -4.49 -32.87 18.21
N PHE A 308 -4.09 -32.89 19.47
CA PHE A 308 -4.43 -31.82 20.39
C PHE A 308 -3.49 -31.89 21.60
N ASP A 309 -2.90 -30.75 21.94
CA ASP A 309 -2.00 -30.64 23.08
C ASP A 309 -2.70 -29.92 24.22
N PRO A 310 -2.97 -30.58 25.35
CA PRO A 310 -3.65 -29.89 26.46
C PRO A 310 -2.95 -28.62 26.93
N LEU A 311 -1.66 -28.44 26.63
CA LEU A 311 -0.90 -27.31 27.15
C LEU A 311 -0.70 -26.19 26.15
N SER A 312 -0.87 -26.46 24.84
CA SER A 312 -0.67 -25.43 23.82
C SER A 312 -1.80 -25.33 22.80
N SER A 313 -2.76 -26.24 22.80
CA SER A 313 -3.91 -26.12 21.92
C SER A 313 -5.01 -25.30 22.59
N SER A 314 -5.87 -24.72 21.77
CA SER A 314 -6.93 -23.85 22.24
C SER A 314 -8.25 -24.60 22.30
N SER A 315 -9.18 -24.05 23.09
CA SER A 315 -10.51 -24.67 23.22
C SER A 315 -11.19 -24.78 21.87
N SER A 316 -10.93 -23.84 20.96
CA SER A 316 -11.50 -23.95 19.62
C SER A 316 -10.84 -25.06 18.82
N ASN A 317 -9.57 -25.37 19.11
CA ASN A 317 -8.95 -26.52 18.50
C ASN A 317 -9.57 -27.82 19.01
N LYS A 318 -9.80 -27.91 20.32
CA LYS A 318 -10.47 -29.07 20.88
C LYS A 318 -11.85 -29.26 20.26
N GLU A 319 -12.59 -28.16 20.09
CA GLU A 319 -13.88 -28.27 19.42
C GLU A 319 -13.72 -28.78 18.00
N ARG A 320 -12.72 -28.25 17.28
CA ARG A 320 -12.46 -28.68 15.91
C ARG A 320 -12.28 -30.20 15.85
N VAL A 321 -11.49 -30.76 16.77
CA VAL A 321 -11.18 -32.18 16.73
C VAL A 321 -12.44 -33.02 16.89
N VAL A 322 -13.20 -32.77 17.96
CA VAL A 322 -14.40 -33.56 18.22
C VAL A 322 -15.39 -33.41 17.07
N THR A 323 -15.61 -32.18 16.61
CA THR A 323 -16.54 -31.96 15.51
C THR A 323 -16.10 -32.70 14.25
N VAL A 324 -14.79 -32.65 13.93
CA VAL A 324 -14.30 -33.34 12.75
C VAL A 324 -14.40 -34.85 12.93
N ILE A 325 -14.00 -35.35 14.09
CA ILE A 325 -14.14 -36.79 14.36
C ILE A 325 -15.60 -37.22 14.22
N ALA A 326 -16.49 -36.53 14.92
CA ALA A 326 -17.92 -36.85 14.84
C ALA A 326 -18.39 -36.83 13.39
N HIS A 327 -18.03 -35.78 12.65
CA HIS A 327 -18.42 -35.70 11.24
C HIS A 327 -17.93 -36.91 10.46
N GLU A 328 -16.67 -37.32 10.68
CA GLU A 328 -16.13 -38.46 9.95
C GLU A 328 -16.79 -39.75 10.39
N LEU A 329 -16.99 -39.94 11.70
CA LEU A 329 -17.61 -41.16 12.19
C LEU A 329 -19.05 -41.27 11.73
N ALA A 330 -19.75 -40.14 11.60
CA ALA A 330 -21.10 -40.18 11.05
C ALA A 330 -21.10 -40.65 9.61
N HIS A 331 -20.07 -40.29 8.85
CA HIS A 331 -19.99 -40.75 7.46
C HIS A 331 -19.95 -42.26 7.37
N GLN A 332 -19.49 -42.94 8.41
CA GLN A 332 -19.47 -44.40 8.40
C GLN A 332 -20.84 -44.96 8.09
N TRP A 333 -21.89 -44.30 8.56
CA TRP A 333 -23.27 -44.70 8.27
C TRP A 333 -23.80 -44.02 7.01
N PHE A 334 -23.78 -42.69 6.99
CA PHE A 334 -24.33 -41.92 5.88
C PHE A 334 -23.20 -41.61 4.90
N GLY A 335 -23.03 -42.48 3.90
CA GLY A 335 -22.02 -42.29 2.89
C GLY A 335 -21.22 -43.55 2.61
N ASN A 336 -20.82 -44.26 3.66
CA ASN A 336 -20.07 -45.51 3.52
C ASN A 336 -21.01 -46.70 3.47
N LEU A 337 -21.76 -46.93 4.56
CA LEU A 337 -22.73 -48.02 4.58
C LEU A 337 -23.86 -47.77 3.58
N VAL A 338 -24.32 -46.53 3.48
CA VAL A 338 -25.33 -46.12 2.51
C VAL A 338 -24.71 -44.99 1.68
N THR A 339 -24.37 -45.29 0.44
CA THR A 339 -23.74 -44.35 -0.46
C THR A 339 -24.79 -43.72 -1.39
N ILE A 340 -24.36 -42.70 -2.12
CA ILE A 340 -25.23 -42.00 -3.06
C ILE A 340 -25.13 -42.64 -4.43
N GLU A 341 -26.21 -42.52 -5.21
CA GLU A 341 -26.19 -43.03 -6.57
C GLU A 341 -25.25 -42.22 -7.45
N TRP A 342 -25.23 -40.90 -7.27
CA TRP A 342 -24.37 -40.04 -8.07
C TRP A 342 -24.07 -38.78 -7.28
N TRP A 343 -22.97 -38.12 -7.65
CA TRP A 343 -22.48 -36.98 -6.89
C TRP A 343 -23.49 -35.84 -6.82
N ASN A 344 -24.44 -35.79 -7.76
CA ASN A 344 -25.43 -34.73 -7.75
C ASN A 344 -26.22 -34.67 -6.45
N ASP A 345 -26.31 -35.79 -5.74
CA ASP A 345 -26.97 -35.86 -4.44
C ASP A 345 -25.97 -35.90 -3.29
N LEU A 346 -24.85 -35.20 -3.44
CA LEU A 346 -23.80 -35.23 -2.41
C LEU A 346 -24.34 -34.85 -1.04
N TRP A 347 -25.36 -34.00 -0.99
CA TRP A 347 -25.89 -33.54 0.29
C TRP A 347 -26.39 -34.70 1.15
N LEU A 348 -26.69 -35.86 0.55
CA LEU A 348 -27.14 -36.99 1.34
C LEU A 348 -26.04 -37.54 2.23
N ASN A 349 -24.78 -37.36 1.84
CA ASN A 349 -23.64 -37.79 2.64
C ASN A 349 -23.14 -36.64 3.53
N GLU A 350 -22.77 -35.52 2.90
CA GLU A 350 -22.18 -34.42 3.66
C GLU A 350 -23.23 -33.60 4.40
N GLY A 351 -24.47 -33.57 3.89
CA GLY A 351 -25.53 -32.87 4.60
C GLY A 351 -25.91 -33.58 5.88
N PHE A 352 -25.92 -34.91 5.87
CA PHE A 352 -26.22 -35.67 7.08
C PHE A 352 -25.07 -35.58 8.07
N ALA A 353 -23.85 -35.78 7.60
CA ALA A 353 -22.69 -35.68 8.49
C ALA A 353 -22.59 -34.31 9.12
N SER A 354 -22.87 -33.25 8.35
CA SER A 354 -22.74 -31.90 8.88
C SER A 354 -23.79 -31.61 9.96
N TYR A 355 -24.93 -32.31 9.93
CA TYR A 355 -25.91 -32.19 11.00
C TYR A 355 -25.59 -33.13 12.16
N VAL A 356 -25.28 -34.39 11.84
CA VAL A 356 -25.01 -35.39 12.87
C VAL A 356 -23.72 -35.08 13.63
N GLU A 357 -22.79 -34.34 13.02
CA GLU A 357 -21.53 -34.03 13.71
C GLU A 357 -21.80 -33.38 15.06
N TYR A 358 -22.92 -32.67 15.20
CA TYR A 358 -23.26 -32.05 16.47
C TYR A 358 -23.87 -33.05 17.44
N LEU A 359 -24.69 -33.97 16.93
CA LEU A 359 -25.27 -34.98 17.80
C LEU A 359 -24.20 -35.80 18.50
N GLY A 360 -23.12 -36.13 17.80
CA GLY A 360 -22.05 -36.89 18.41
C GLY A 360 -21.18 -36.04 19.32
N ALA A 361 -20.86 -34.82 18.89
CA ALA A 361 -20.04 -33.94 19.73
C ALA A 361 -20.74 -33.62 21.05
N ASP A 362 -22.05 -33.36 20.99
CA ASP A 362 -22.78 -33.09 22.22
C ASP A 362 -22.72 -34.26 23.19
N TYR A 363 -22.55 -35.48 22.66
CA TYR A 363 -22.43 -36.64 23.53
C TYR A 363 -21.06 -36.73 24.17
N ALA A 364 -20.01 -36.40 23.42
CA ALA A 364 -18.65 -36.48 23.96
C ALA A 364 -18.42 -35.40 25.02
N GLU A 365 -18.71 -34.14 24.67
CA GLU A 365 -18.55 -33.00 25.58
C GLU A 365 -19.92 -32.35 25.74
N PRO A 366 -20.74 -32.82 26.68
CA PRO A 366 -22.10 -32.27 26.81
C PRO A 366 -22.16 -30.91 27.48
N THR A 367 -21.12 -30.50 28.21
CA THR A 367 -21.12 -29.19 28.85
C THR A 367 -20.91 -28.04 27.87
N TRP A 368 -20.77 -28.32 26.58
CA TRP A 368 -20.46 -27.29 25.61
C TRP A 368 -21.68 -26.72 24.89
N ASN A 369 -22.79 -27.46 24.85
CA ASN A 369 -23.98 -27.03 24.13
C ASN A 369 -23.62 -26.63 22.70
N LEU A 370 -22.99 -27.57 21.99
CA LEU A 370 -22.49 -27.27 20.65
C LEU A 370 -23.60 -27.20 19.63
N LYS A 371 -24.72 -27.90 19.86
CA LYS A 371 -25.82 -27.86 18.90
C LYS A 371 -26.29 -26.43 18.65
N ASP A 372 -26.09 -25.54 19.62
CA ASP A 372 -26.52 -24.15 19.45
C ASP A 372 -25.66 -23.42 18.43
N LEU A 373 -24.37 -23.75 18.36
CA LEU A 373 -23.49 -23.09 17.39
C LEU A 373 -23.87 -23.41 15.96
N MET A 374 -24.68 -24.45 15.72
CA MET A 374 -25.05 -24.81 14.36
C MET A 374 -25.74 -23.66 13.65
N VAL A 375 -26.40 -22.77 14.39
CA VAL A 375 -27.09 -21.66 13.75
C VAL A 375 -26.09 -20.73 13.08
N LEU A 376 -24.97 -20.44 13.75
CA LEU A 376 -23.98 -19.52 13.21
C LEU A 376 -23.02 -20.22 12.25
N ASN A 377 -22.55 -21.41 12.62
CA ASN A 377 -21.53 -22.10 11.83
C ASN A 377 -22.08 -22.73 10.56
N ASP A 378 -23.40 -22.94 10.46
CA ASP A 378 -23.96 -23.64 9.32
C ASP A 378 -25.08 -22.85 8.64
N VAL A 379 -26.15 -22.55 9.38
CA VAL A 379 -27.32 -21.93 8.76
C VAL A 379 -26.94 -20.62 8.09
N TYR A 380 -26.43 -19.66 8.87
CA TYR A 380 -26.11 -18.35 8.32
C TYR A 380 -24.82 -18.36 7.50
N ARG A 381 -23.98 -19.39 7.64
CA ARG A 381 -22.81 -19.49 6.78
C ARG A 381 -23.20 -19.74 5.33
N VAL A 382 -24.30 -20.47 5.11
CA VAL A 382 -24.73 -20.80 3.74
C VAL A 382 -25.80 -19.85 3.23
N MET A 383 -26.48 -19.12 4.12
CA MET A 383 -27.49 -18.17 3.65
C MET A 383 -26.87 -17.06 2.82
N ALA A 384 -25.61 -16.70 3.11
CA ALA A 384 -24.96 -15.64 2.36
C ALA A 384 -24.77 -15.99 0.90
N VAL A 385 -24.63 -17.28 0.60
CA VAL A 385 -24.36 -17.71 -0.77
C VAL A 385 -25.64 -18.21 -1.41
N ASP A 386 -26.54 -18.78 -0.60
CA ASP A 386 -27.80 -19.30 -1.13
C ASP A 386 -28.78 -18.18 -1.46
N ALA A 387 -28.53 -16.95 -1.00
CA ALA A 387 -29.35 -15.82 -1.40
C ALA A 387 -29.05 -15.35 -2.82
N LEU A 388 -27.90 -15.71 -3.37
CA LEU A 388 -27.55 -15.31 -4.72
C LEU A 388 -28.31 -16.17 -5.74
N ALA A 389 -28.66 -15.54 -6.86
CA ALA A 389 -29.31 -16.28 -7.95
C ALA A 389 -28.37 -17.26 -8.63
N SER A 390 -27.07 -17.20 -8.34
CA SER A 390 -26.10 -18.12 -8.91
C SER A 390 -25.84 -19.33 -8.03
N SER A 391 -26.68 -19.57 -7.03
CA SER A 391 -26.57 -20.76 -6.21
C SER A 391 -27.10 -21.96 -7.00
N HIS A 392 -27.22 -23.11 -6.35
CA HIS A 392 -27.75 -24.31 -6.98
C HIS A 392 -28.61 -25.06 -5.97
N PRO A 393 -29.59 -25.82 -6.43
CA PRO A 393 -30.45 -26.56 -5.51
C PRO A 393 -29.67 -27.63 -4.76
N LEU A 394 -30.23 -28.03 -3.61
CA LEU A 394 -29.60 -29.06 -2.79
C LEU A 394 -29.35 -30.33 -3.61
N SER A 395 -30.29 -30.67 -4.50
CA SER A 395 -30.19 -31.85 -5.36
C SER A 395 -30.22 -31.38 -6.81
N THR A 396 -29.04 -31.18 -7.38
CA THR A 396 -28.93 -30.84 -8.78
C THR A 396 -29.26 -32.07 -9.64
N PRO A 397 -29.84 -31.87 -10.83
CA PRO A 397 -30.11 -33.03 -11.69
C PRO A 397 -28.83 -33.79 -12.03
N ALA A 398 -28.97 -35.11 -12.17
CA ALA A 398 -27.81 -35.95 -12.43
C ALA A 398 -27.14 -35.58 -13.75
N SER A 399 -27.92 -35.17 -14.75
CA SER A 399 -27.35 -34.81 -16.04
C SER A 399 -26.50 -33.54 -15.98
N GLU A 400 -26.68 -32.71 -14.96
CA GLU A 400 -25.94 -31.46 -14.87
C GLU A 400 -24.55 -31.64 -14.28
N ILE A 401 -24.29 -32.78 -13.62
CA ILE A 401 -22.99 -33.07 -13.01
C ILE A 401 -22.37 -34.21 -13.79
N ASN A 402 -21.19 -33.99 -14.38
CA ASN A 402 -20.53 -34.99 -15.19
C ASN A 402 -19.01 -34.98 -15.02
N THR A 403 -18.39 -33.81 -15.18
CA THR A 403 -16.94 -33.74 -15.16
C THR A 403 -16.40 -33.76 -13.73
N PRO A 404 -15.11 -34.04 -13.57
CA PRO A 404 -14.53 -33.99 -12.20
C PRO A 404 -14.58 -32.61 -11.59
N ALA A 405 -14.39 -31.56 -12.38
CA ALA A 405 -14.47 -30.20 -11.85
C ALA A 405 -15.86 -29.91 -11.32
N GLN A 406 -16.89 -30.27 -12.08
CA GLN A 406 -18.26 -30.09 -11.62
C GLN A 406 -18.55 -30.92 -10.37
N ILE A 407 -17.86 -32.04 -10.22
CA ILE A 407 -18.08 -32.90 -9.05
C ILE A 407 -17.41 -32.30 -7.81
N SER A 408 -16.11 -32.03 -7.90
CA SER A 408 -15.42 -31.39 -6.78
C SER A 408 -16.05 -30.05 -6.42
N GLU A 409 -16.75 -29.41 -7.36
CA GLU A 409 -17.38 -28.13 -7.08
C GLU A 409 -18.51 -28.26 -6.07
N LEU A 410 -19.19 -29.41 -6.04
CA LEU A 410 -20.34 -29.58 -5.16
C LEU A 410 -19.96 -29.74 -3.69
N PHE A 411 -18.67 -29.85 -3.38
CA PHE A 411 -18.22 -29.93 -1.99
C PHE A 411 -18.10 -28.52 -1.41
N ASP A 412 -19.23 -27.84 -1.36
CA ASP A 412 -19.32 -26.44 -0.97
C ASP A 412 -20.29 -26.28 0.20
N ALA A 413 -20.45 -25.03 0.64
CA ALA A 413 -21.30 -24.75 1.78
C ALA A 413 -22.72 -25.26 1.58
N ILE A 414 -23.20 -25.30 0.33
CA ILE A 414 -24.58 -25.72 0.08
C ILE A 414 -24.78 -27.16 0.53
N SER A 415 -23.96 -28.08 0.01
CA SER A 415 -24.14 -29.50 0.33
C SER A 415 -23.87 -29.76 1.80
N TYR A 416 -22.91 -29.06 2.40
CA TYR A 416 -22.59 -29.26 3.81
C TYR A 416 -23.57 -28.55 4.71
N SER A 417 -23.68 -27.22 4.58
CA SER A 417 -24.38 -26.44 5.57
C SER A 417 -25.88 -26.42 5.33
N LYS A 418 -26.31 -26.07 4.10
CA LYS A 418 -27.75 -26.06 3.84
C LYS A 418 -28.36 -27.43 4.07
N GLY A 419 -27.65 -28.49 3.65
CA GLY A 419 -28.08 -29.83 4.02
C GLY A 419 -28.21 -29.99 5.52
N ALA A 420 -27.24 -29.48 6.27
CA ALA A 420 -27.33 -29.52 7.73
C ALA A 420 -28.51 -28.69 8.22
N SER A 421 -28.72 -27.52 7.62
CA SER A 421 -29.83 -26.67 8.03
C SER A 421 -31.17 -27.32 7.72
N VAL A 422 -31.31 -27.91 6.53
CA VAL A 422 -32.54 -28.63 6.19
C VAL A 422 -32.73 -29.79 7.15
N LEU A 423 -31.65 -30.49 7.49
CA LEU A 423 -31.74 -31.57 8.45
C LEU A 423 -32.15 -31.06 9.84
N ARG A 424 -31.64 -29.88 10.21
CA ARG A 424 -32.07 -29.26 11.46
C ARG A 424 -33.57 -28.98 11.45
N MET A 425 -34.03 -28.29 10.40
CA MET A 425 -35.45 -27.96 10.31
C MET A 425 -36.32 -29.22 10.24
N LEU A 426 -35.83 -30.28 9.60
CA LEU A 426 -36.59 -31.50 9.51
C LEU A 426 -36.75 -32.15 10.88
N SER A 427 -35.66 -32.28 11.62
CA SER A 427 -35.72 -32.93 12.92
C SER A 427 -36.47 -32.11 13.96
N SER A 428 -36.62 -30.80 13.74
CA SER A 428 -37.32 -29.97 14.70
C SER A 428 -38.84 -30.11 14.57
N PHE A 429 -39.35 -30.17 13.34
CA PHE A 429 -40.78 -30.33 13.12
C PHE A 429 -41.20 -31.79 13.06
N LEU A 430 -40.26 -32.72 12.90
CA LEU A 430 -40.55 -34.14 13.08
C LEU A 430 -40.21 -34.64 14.47
N SER A 431 -39.41 -33.89 15.22
CA SER A 431 -38.90 -34.29 16.54
C SER A 431 -37.81 -35.35 16.40
N GLU A 432 -36.77 -35.22 17.21
CA GLU A 432 -35.59 -36.08 17.06
C GLU A 432 -35.95 -37.55 17.14
N ASP A 433 -36.77 -37.93 18.13
CA ASP A 433 -37.08 -39.34 18.32
C ASP A 433 -37.77 -39.93 17.09
N VAL A 434 -38.68 -39.18 16.48
CA VAL A 434 -39.32 -39.65 15.25
C VAL A 434 -38.32 -39.66 14.11
N PHE A 435 -37.55 -38.58 13.95
CA PHE A 435 -36.56 -38.51 12.88
C PHE A 435 -35.57 -39.67 12.96
N LYS A 436 -35.10 -39.97 14.17
CA LYS A 436 -34.21 -41.12 14.36
C LYS A 436 -34.82 -42.39 13.81
N GLN A 437 -36.12 -42.60 14.07
CA GLN A 437 -36.79 -43.82 13.62
C GLN A 437 -36.66 -43.99 12.12
N GLY A 438 -37.15 -43.02 11.35
CA GLY A 438 -37.11 -43.13 9.90
C GLY A 438 -35.71 -43.38 9.36
N LEU A 439 -34.69 -42.79 10.00
CA LEU A 439 -33.32 -42.99 9.54
C LEU A 439 -32.87 -44.42 9.77
N ALA A 440 -33.34 -45.07 10.83
CA ALA A 440 -32.98 -46.46 11.07
C ALA A 440 -33.51 -47.37 9.98
N SER A 441 -34.77 -47.18 9.59
CA SER A 441 -35.33 -47.99 8.51
C SER A 441 -34.70 -47.63 7.18
N TYR A 442 -34.30 -46.38 6.99
CA TYR A 442 -33.65 -45.98 5.74
C TYR A 442 -32.27 -46.60 5.61
N LEU A 443 -31.57 -46.81 6.73
CA LEU A 443 -30.23 -47.41 6.69
C LEU A 443 -30.31 -48.91 6.47
N HIS A 444 -31.14 -49.60 7.24
CA HIS A 444 -31.24 -51.06 7.13
C HIS A 444 -31.60 -51.48 5.72
N THR A 445 -32.59 -50.81 5.12
CA THR A 445 -33.07 -51.22 3.80
C THR A 445 -31.96 -51.10 2.76
N PHE A 446 -31.35 -49.91 2.65
CA PHE A 446 -30.41 -49.61 1.59
C PHE A 446 -28.96 -49.82 2.02
N ALA A 447 -28.71 -50.71 2.97
CA ALA A 447 -27.34 -50.99 3.38
C ALA A 447 -26.57 -51.60 2.22
N TYR A 448 -25.28 -51.25 2.15
CA TYR A 448 -24.40 -51.74 1.08
C TYR A 448 -24.99 -51.49 -0.30
N GLN A 449 -25.76 -50.40 -0.42
CA GLN A 449 -26.41 -50.05 -1.68
C GLN A 449 -26.22 -48.55 -1.89
N ASN A 450 -26.93 -48.00 -2.88
CA ASN A 450 -26.93 -46.58 -3.17
C ASN A 450 -28.35 -46.08 -3.26
N THR A 451 -28.56 -44.82 -2.88
CA THR A 451 -29.89 -44.25 -2.80
C THR A 451 -29.89 -42.84 -3.38
N ILE A 452 -31.09 -42.33 -3.63
CA ILE A 452 -31.28 -40.95 -4.06
C ILE A 452 -32.20 -40.26 -3.06
N TYR A 453 -32.45 -38.97 -3.27
CA TYR A 453 -33.27 -38.22 -2.33
C TYR A 453 -34.67 -38.82 -2.18
N LEU A 454 -35.19 -39.44 -3.24
CA LEU A 454 -36.53 -39.99 -3.18
C LEU A 454 -36.62 -41.12 -2.15
N ASN A 455 -35.64 -42.03 -2.17
CA ASN A 455 -35.66 -43.16 -1.24
C ASN A 455 -35.77 -42.69 0.20
N LEU A 456 -35.19 -41.54 0.53
CA LEU A 456 -35.28 -41.03 1.90
C LEU A 456 -36.70 -40.61 2.25
N TRP A 457 -37.38 -39.95 1.30
CA TRP A 457 -38.76 -39.54 1.55
C TRP A 457 -39.65 -40.74 1.84
N ASP A 458 -39.40 -41.86 1.15
CA ASP A 458 -40.21 -43.05 1.34
C ASP A 458 -40.15 -43.53 2.78
N HIS A 459 -38.94 -43.70 3.31
CA HIS A 459 -38.78 -44.24 4.66
C HIS A 459 -39.12 -43.22 5.73
N LEU A 460 -38.86 -41.94 5.48
CA LEU A 460 -39.31 -40.91 6.42
C LEU A 460 -40.83 -40.81 6.44
N GLN A 461 -41.47 -40.99 5.29
CA GLN A 461 -42.93 -41.00 5.25
C GLN A 461 -43.49 -42.18 6.04
N GLU A 462 -42.83 -43.33 5.97
CA GLU A 462 -43.28 -44.49 6.73
C GLU A 462 -43.24 -44.19 8.23
N ALA A 463 -42.17 -43.56 8.70
CA ALA A 463 -42.08 -43.21 10.12
C ALA A 463 -43.24 -42.32 10.54
N VAL A 464 -43.68 -41.42 9.66
CA VAL A 464 -44.81 -40.57 9.97
C VAL A 464 -46.09 -41.40 10.09
N ASN A 465 -46.17 -42.52 9.37
CA ASN A 465 -47.37 -43.34 9.41
C ASN A 465 -47.39 -44.24 10.64
N ASN A 466 -46.24 -44.83 11.00
CA ASN A 466 -46.19 -45.66 12.20
C ASN A 466 -46.44 -44.83 13.45
N ARG A 467 -45.85 -43.64 13.52
CA ARG A 467 -46.01 -42.74 14.66
C ARG A 467 -47.26 -41.87 14.57
N SER A 468 -47.96 -41.89 13.43
CA SER A 468 -49.20 -41.14 13.27
C SER A 468 -48.98 -39.64 13.45
N ILE A 469 -47.89 -39.13 12.90
CA ILE A 469 -47.59 -37.71 12.94
C ILE A 469 -48.40 -37.01 11.86
N GLN A 470 -48.93 -35.83 12.18
CA GLN A 470 -49.80 -35.08 11.28
C GLN A 470 -49.01 -33.94 10.65
N LEU A 471 -48.91 -33.95 9.32
CA LEU A 471 -48.24 -32.91 8.55
C LEU A 471 -49.18 -32.42 7.46
N PRO A 472 -49.01 -31.17 7.01
CA PRO A 472 -49.95 -30.61 6.01
C PRO A 472 -50.09 -31.46 4.76
N THR A 473 -49.08 -32.26 4.45
CA THR A 473 -49.11 -33.12 3.28
C THR A 473 -48.04 -34.19 3.43
N THR A 474 -47.74 -34.88 2.34
CA THR A 474 -46.77 -35.96 2.38
C THR A 474 -45.38 -35.41 2.62
N VAL A 475 -44.51 -36.27 3.17
CA VAL A 475 -43.14 -35.86 3.45
C VAL A 475 -42.39 -35.55 2.15
N ARG A 476 -42.71 -36.29 1.08
CA ARG A 476 -42.03 -36.07 -0.20
C ARG A 476 -42.27 -34.66 -0.71
N ASP A 477 -43.50 -34.16 -0.55
CA ASP A 477 -43.86 -32.87 -1.13
C ASP A 477 -43.40 -31.68 -0.28
N ILE A 478 -43.16 -31.88 1.02
CA ILE A 478 -42.66 -30.79 1.85
C ILE A 478 -41.16 -30.62 1.65
N MET A 479 -40.43 -31.72 1.55
CA MET A 479 -38.97 -31.63 1.42
C MET A 479 -38.55 -31.33 -0.02
N ASN A 480 -39.36 -31.73 -1.00
CA ASN A 480 -39.03 -31.40 -2.39
C ASN A 480 -38.89 -29.90 -2.58
N ARG A 481 -39.59 -29.11 -1.77
CA ARG A 481 -39.50 -27.65 -1.90
C ARG A 481 -38.13 -27.12 -1.51
N TRP A 482 -37.45 -27.78 -0.58
CA TRP A 482 -36.14 -27.35 -0.12
C TRP A 482 -34.99 -28.04 -0.84
N THR A 483 -35.26 -29.14 -1.53
CA THR A 483 -34.22 -29.93 -2.18
C THR A 483 -34.13 -29.70 -3.69
N LEU A 484 -35.28 -29.66 -4.38
CA LEU A 484 -35.25 -29.57 -5.83
C LEU A 484 -35.02 -28.16 -6.33
N GLN A 485 -35.24 -27.13 -5.50
CA GLN A 485 -35.08 -25.74 -5.90
C GLN A 485 -34.16 -25.03 -4.92
N MET A 486 -33.32 -24.16 -5.45
CA MET A 486 -32.33 -23.44 -4.64
C MET A 486 -33.00 -22.36 -3.80
N GLY A 487 -32.20 -21.70 -2.97
CA GLY A 487 -32.65 -20.55 -2.23
C GLY A 487 -33.49 -20.90 -1.02
N PHE A 488 -34.03 -19.85 -0.41
CA PHE A 488 -34.89 -19.95 0.76
C PHE A 488 -35.81 -18.74 0.77
N PRO A 489 -36.92 -18.81 1.49
CA PRO A 489 -37.85 -17.68 1.53
C PRO A 489 -37.51 -16.66 2.61
N VAL A 490 -38.14 -15.50 2.49
CA VAL A 490 -38.14 -14.48 3.53
C VAL A 490 -39.58 -14.29 3.96
N ILE A 491 -39.84 -14.44 5.26
CA ILE A 491 -41.19 -14.36 5.80
C ILE A 491 -41.45 -12.93 6.24
N THR A 492 -42.36 -12.26 5.54
CA THR A 492 -42.75 -10.89 5.87
C THR A 492 -44.03 -10.93 6.70
N VAL A 493 -43.99 -10.33 7.88
CA VAL A 493 -45.09 -10.37 8.84
C VAL A 493 -45.69 -8.98 8.95
N ASP A 494 -47.02 -8.92 8.93
CA ASP A 494 -47.78 -7.69 9.16
C ASP A 494 -48.51 -7.87 10.48
N THR A 495 -47.79 -7.63 11.59
CA THR A 495 -48.35 -7.90 12.91
C THR A 495 -49.57 -7.03 13.21
N SER A 496 -49.72 -5.90 12.52
CA SER A 496 -50.93 -5.10 12.69
C SER A 496 -52.17 -5.87 12.27
N THR A 497 -52.11 -6.53 11.11
CA THR A 497 -53.22 -7.29 10.57
C THR A 497 -53.00 -8.80 10.61
N GLY A 498 -51.87 -9.25 11.15
CA GLY A 498 -51.61 -10.67 11.23
C GLY A 498 -51.39 -11.37 9.91
N THR A 499 -51.09 -10.62 8.85
CA THR A 499 -50.89 -11.22 7.54
C THR A 499 -49.48 -11.79 7.43
N LEU A 500 -49.34 -12.81 6.59
CA LEU A 500 -48.10 -13.55 6.42
C LEU A 500 -47.80 -13.68 4.94
N SER A 501 -46.58 -13.29 4.54
CA SER A 501 -46.16 -13.35 3.15
C SER A 501 -44.78 -13.99 3.06
N GLN A 502 -44.49 -14.60 1.91
CA GLN A 502 -43.20 -15.23 1.66
C GLN A 502 -42.79 -14.99 0.22
N GLU A 503 -41.48 -14.90 0.00
CA GLU A 503 -40.94 -14.67 -1.33
C GLU A 503 -39.49 -15.11 -1.35
N HIS A 504 -39.01 -15.42 -2.55
CA HIS A 504 -37.62 -15.82 -2.73
C HIS A 504 -36.68 -14.69 -2.32
N PHE A 505 -35.88 -14.94 -1.28
CA PHE A 505 -34.94 -13.94 -0.78
C PHE A 505 -33.70 -13.89 -1.66
N LEU A 506 -33.37 -12.70 -2.14
CA LEU A 506 -32.18 -12.47 -2.94
C LEU A 506 -31.43 -11.28 -2.39
N LEU A 507 -30.11 -11.43 -2.21
CA LEU A 507 -29.31 -10.33 -1.68
C LEU A 507 -29.37 -9.11 -2.60
N ASP A 508 -29.46 -9.34 -3.91
CA ASP A 508 -29.58 -8.26 -4.88
C ASP A 508 -30.97 -8.35 -5.51
N PRO A 509 -31.90 -7.47 -5.16
CA PRO A 509 -33.27 -7.61 -5.70
C PRO A 509 -33.34 -7.58 -7.22
N ASP A 510 -32.32 -7.05 -7.89
CA ASP A 510 -32.31 -6.93 -9.34
C ASP A 510 -31.68 -8.13 -10.03
N SER A 511 -31.10 -9.07 -9.28
CA SER A 511 -30.48 -10.22 -9.91
C SER A 511 -31.49 -11.01 -10.73
N ASN A 512 -31.03 -11.56 -11.85
CA ASN A 512 -31.87 -12.29 -12.79
C ASN A 512 -31.78 -13.78 -12.46
N VAL A 513 -32.85 -14.32 -11.89
CA VAL A 513 -32.89 -15.75 -11.55
C VAL A 513 -33.09 -16.53 -12.84
N THR A 514 -32.05 -17.25 -13.26
CA THR A 514 -32.10 -18.04 -14.49
C THR A 514 -32.64 -19.43 -14.25
N ARG A 515 -32.28 -20.05 -13.14
CA ARG A 515 -32.70 -21.42 -12.86
C ARG A 515 -34.23 -21.50 -12.79
N PRO A 516 -34.87 -22.34 -13.59
CA PRO A 516 -36.31 -22.56 -13.42
C PRO A 516 -36.60 -23.57 -12.32
N SER A 517 -37.74 -23.37 -11.66
CA SER A 517 -38.17 -24.22 -10.56
C SER A 517 -39.58 -24.71 -10.85
N GLU A 518 -39.76 -26.04 -10.84
CA GLU A 518 -41.10 -26.60 -11.03
C GLU A 518 -42.09 -26.03 -10.02
N PHE A 519 -41.61 -25.62 -8.85
CA PHE A 519 -42.46 -25.05 -7.81
C PHE A 519 -42.50 -23.53 -7.86
N ASN A 520 -41.87 -22.91 -8.86
CA ASN A 520 -41.94 -21.46 -9.06
C ASN A 520 -41.45 -20.69 -7.83
N TYR A 521 -40.52 -21.28 -7.09
CA TYR A 521 -39.89 -20.64 -5.94
C TYR A 521 -40.93 -20.26 -4.88
N VAL A 522 -41.68 -21.27 -4.45
CA VAL A 522 -42.61 -21.15 -3.32
C VAL A 522 -42.34 -22.32 -2.39
N TRP A 523 -42.20 -22.04 -1.10
CA TRP A 523 -41.81 -23.05 -0.12
C TRP A 523 -42.96 -23.34 0.83
N ILE A 524 -42.86 -24.49 1.49
CA ILE A 524 -43.76 -24.91 2.56
C ILE A 524 -42.93 -24.91 3.83
N VAL A 525 -43.10 -23.89 4.66
CA VAL A 525 -42.21 -23.62 5.79
C VAL A 525 -42.98 -23.85 7.08
N PRO A 526 -42.42 -24.57 8.06
CA PRO A 526 -43.04 -24.62 9.39
C PRO A 526 -42.59 -23.45 10.26
N ILE A 527 -43.52 -22.57 10.61
CA ILE A 527 -43.20 -21.37 11.39
C ILE A 527 -43.43 -21.65 12.87
N THR A 528 -42.40 -21.40 13.67
CA THR A 528 -42.52 -21.40 15.12
C THR A 528 -42.28 -19.98 15.62
N SER A 529 -43.13 -19.53 16.55
CA SER A 529 -43.10 -18.15 16.99
C SER A 529 -43.20 -18.10 18.51
N ILE A 530 -42.85 -16.93 19.06
CA ILE A 530 -42.98 -16.66 20.48
C ILE A 530 -43.61 -15.29 20.66
N ARG A 531 -44.29 -15.11 21.80
CA ARG A 531 -45.00 -13.87 22.10
C ARG A 531 -44.59 -13.39 23.48
N ASP A 532 -43.87 -12.28 23.54
CA ASP A 532 -43.39 -11.72 24.80
C ASP A 532 -42.59 -12.73 25.59
N GLY A 533 -41.82 -13.56 24.87
CA GLY A 533 -41.00 -14.56 25.53
C GLY A 533 -41.72 -15.84 25.88
N ARG A 534 -42.77 -16.19 25.14
CA ARG A 534 -43.54 -17.40 25.40
C ARG A 534 -43.83 -18.08 24.07
N GLN A 535 -43.53 -19.37 23.98
CA GLN A 535 -43.70 -20.11 22.74
C GLN A 535 -45.18 -20.22 22.37
N GLN A 536 -45.50 -19.96 21.12
CA GLN A 536 -46.86 -20.02 20.60
C GLN A 536 -47.10 -21.38 19.96
N GLN A 537 -48.26 -21.54 19.34
CA GLN A 537 -48.59 -22.77 18.64
C GLN A 537 -47.91 -22.78 17.27
N ASP A 538 -47.29 -23.91 16.93
CA ASP A 538 -46.64 -24.03 15.65
C ASP A 538 -47.64 -23.84 14.51
N TYR A 539 -47.16 -23.31 13.39
CA TYR A 539 -48.00 -23.01 12.24
C TYR A 539 -47.31 -23.48 10.98
N TRP A 540 -48.11 -23.88 9.99
CA TRP A 540 -47.62 -24.32 8.69
C TRP A 540 -48.12 -23.36 7.62
N LEU A 541 -47.22 -22.94 6.75
CA LEU A 541 -47.52 -22.03 5.65
C LEU A 541 -47.38 -22.79 4.34
N ILE A 542 -48.51 -23.09 3.70
CA ILE A 542 -48.53 -23.85 2.46
C ILE A 542 -48.82 -23.00 1.24
N ASP A 543 -49.10 -21.71 1.43
CA ASP A 543 -49.46 -20.82 0.34
C ASP A 543 -48.52 -19.62 0.31
N VAL A 544 -48.59 -18.86 -0.78
CA VAL A 544 -47.70 -17.72 -0.95
C VAL A 544 -48.00 -16.65 0.09
N ARG A 545 -49.28 -16.46 0.41
CA ARG A 545 -49.70 -15.48 1.41
C ARG A 545 -50.83 -16.07 2.23
N ALA A 546 -50.76 -15.90 3.54
CA ALA A 546 -51.78 -16.39 4.46
C ALA A 546 -52.00 -15.37 5.56
N GLN A 547 -52.99 -15.65 6.40
CA GLN A 547 -53.31 -14.80 7.54
C GLN A 547 -53.64 -15.69 8.73
N ASN A 548 -53.20 -15.27 9.91
CA ASN A 548 -53.48 -16.02 11.13
C ASN A 548 -53.38 -15.10 12.33
N ASP A 549 -54.15 -15.41 13.36
CA ASP A 549 -54.14 -14.60 14.58
C ASP A 549 -52.87 -14.79 15.39
N LEU A 550 -52.14 -15.88 15.17
CA LEU A 550 -50.91 -16.11 15.91
C LEU A 550 -49.90 -14.98 15.75
N PHE A 551 -50.00 -14.21 14.67
CA PHE A 551 -49.00 -13.19 14.34
C PHE A 551 -49.55 -11.77 14.49
N SER A 552 -50.67 -11.60 15.17
CA SER A 552 -51.24 -10.28 15.43
C SER A 552 -50.85 -9.81 16.82
N THR A 553 -50.68 -8.49 16.95
CA THR A 553 -50.23 -7.89 18.20
C THR A 553 -51.01 -6.62 18.47
N SER A 554 -50.87 -6.11 19.70
CA SER A 554 -51.55 -4.90 20.13
C SER A 554 -50.80 -4.30 21.31
N GLY A 555 -50.49 -3.01 21.22
CA GLY A 555 -49.82 -2.33 22.31
C GLY A 555 -48.35 -2.70 22.44
N ASN A 556 -47.99 -3.26 23.59
CA ASN A 556 -46.62 -3.69 23.84
C ASN A 556 -46.33 -5.10 23.36
N GLU A 557 -47.35 -5.85 22.95
CA GLU A 557 -47.14 -7.21 22.48
C GLU A 557 -46.27 -7.22 21.24
N TRP A 558 -45.29 -8.13 21.21
CA TRP A 558 -44.44 -8.33 20.05
C TRP A 558 -44.21 -9.82 19.85
N VAL A 559 -43.97 -10.21 18.61
CA VAL A 559 -43.76 -11.60 18.25
C VAL A 559 -42.41 -11.74 17.56
N LEU A 560 -41.91 -12.97 17.54
CA LEU A 560 -40.66 -13.30 16.87
C LEU A 560 -40.83 -14.68 16.26
N LEU A 561 -40.68 -14.78 14.94
CA LEU A 561 -40.86 -16.05 14.26
C LEU A 561 -39.54 -16.81 14.16
N ASN A 562 -39.64 -18.12 13.97
CA ASN A 562 -38.48 -19.00 13.88
C ASN A 562 -37.74 -19.04 15.22
N LEU A 563 -38.31 -19.75 16.19
CA LEU A 563 -37.70 -19.85 17.50
C LEU A 563 -36.42 -20.68 17.42
N ASN A 564 -35.33 -20.14 17.97
CA ASN A 564 -34.03 -20.78 17.95
C ASN A 564 -33.56 -21.08 16.52
N VAL A 565 -34.17 -20.42 15.53
CA VAL A 565 -33.80 -20.57 14.12
C VAL A 565 -33.74 -22.04 13.76
N THR A 566 -34.80 -22.79 14.07
CA THR A 566 -34.86 -24.19 13.66
C THR A 566 -35.14 -24.31 12.17
N GLY A 567 -35.98 -23.43 11.65
CA GLY A 567 -36.31 -23.44 10.23
C GLY A 567 -35.33 -22.63 9.41
N TYR A 568 -35.14 -23.05 8.16
CA TYR A 568 -34.15 -22.47 7.27
C TYR A 568 -34.82 -21.35 6.46
N TYR A 569 -34.97 -20.20 7.09
CA TYR A 569 -35.61 -19.06 6.44
C TYR A 569 -35.36 -17.81 7.27
N ARG A 570 -35.34 -16.67 6.59
CA ARG A 570 -35.21 -15.38 7.23
C ARG A 570 -36.58 -14.78 7.51
N VAL A 571 -36.66 -13.93 8.54
CA VAL A 571 -37.91 -13.34 8.98
C VAL A 571 -37.78 -11.82 8.98
N ASN A 572 -38.84 -11.13 8.57
CA ASN A 572 -38.89 -9.68 8.55
C ASN A 572 -40.28 -9.24 9.00
N TYR A 573 -40.33 -8.18 9.81
CA TYR A 573 -41.57 -7.67 10.37
C TYR A 573 -41.82 -6.25 9.90
N ASP A 574 -42.99 -5.74 10.25
CA ASP A 574 -43.32 -4.35 9.96
C ASP A 574 -42.51 -3.42 10.86
N GLU A 575 -42.45 -2.15 10.45
CA GLU A 575 -41.66 -1.18 11.19
C GLU A 575 -42.08 -1.13 12.66
N GLU A 576 -43.38 -1.20 12.93
CA GLU A 576 -43.87 -1.10 14.30
C GLU A 576 -43.31 -2.22 15.16
N ASN A 577 -43.39 -3.46 14.67
CA ASN A 577 -42.92 -4.59 15.46
C ASN A 577 -41.43 -4.50 15.74
N TRP A 578 -40.64 -4.03 14.76
CA TRP A 578 -39.21 -3.85 14.98
C TRP A 578 -38.95 -2.92 16.15
N ARG A 579 -39.65 -1.78 16.20
CA ARG A 579 -39.46 -0.83 17.29
C ARG A 579 -39.70 -1.50 18.64
N LYS A 580 -40.75 -2.32 18.74
CA LYS A 580 -41.02 -3.02 19.99
C LYS A 580 -39.90 -3.99 20.34
N ILE A 581 -39.26 -4.58 19.33
CA ILE A 581 -38.14 -5.47 19.59
C ILE A 581 -36.93 -4.67 20.06
N GLN A 582 -36.63 -3.56 19.40
CA GLN A 582 -35.47 -2.76 19.76
C GLN A 582 -35.54 -2.30 21.21
N THR A 583 -36.68 -1.72 21.61
CA THR A 583 -36.83 -1.28 22.99
C THR A 583 -36.70 -2.46 23.95
N GLN A 584 -37.23 -3.63 23.55
CA GLN A 584 -37.11 -4.81 24.41
C GLN A 584 -35.65 -5.18 24.62
N LEU A 585 -34.83 -5.05 23.58
CA LEU A 585 -33.41 -5.37 23.73
C LEU A 585 -32.73 -4.41 24.69
N GLN A 586 -33.12 -3.14 24.68
CA GLN A 586 -32.51 -2.17 25.58
C GLN A 586 -33.03 -2.34 27.00
N ARG A 587 -34.28 -2.78 27.15
CA ARG A 587 -34.86 -2.92 28.49
C ARG A 587 -34.28 -4.14 29.20
N ASP A 588 -34.41 -5.32 28.59
CA ASP A 588 -33.88 -6.54 29.19
C ASP A 588 -33.68 -7.56 28.05
N HIS A 589 -32.51 -7.51 27.42
CA HIS A 589 -32.24 -8.40 26.30
C HIS A 589 -32.35 -9.87 26.69
N SER A 590 -32.15 -10.19 27.98
CA SER A 590 -32.27 -11.58 28.42
C SER A 590 -33.65 -12.14 28.16
N ALA A 591 -34.67 -11.29 28.00
CA ALA A 591 -36.01 -11.77 27.71
C ALA A 591 -36.11 -12.46 26.36
N ILE A 592 -35.15 -12.21 25.46
CA ILE A 592 -35.16 -12.80 24.13
C ILE A 592 -34.24 -14.03 24.14
N PRO A 593 -34.61 -15.13 23.50
CA PRO A 593 -33.70 -16.26 23.40
C PRO A 593 -32.36 -15.82 22.81
N VAL A 594 -31.27 -16.27 23.44
CA VAL A 594 -29.94 -15.86 23.01
C VAL A 594 -29.73 -16.20 21.53
N ILE A 595 -30.26 -17.33 21.09
CA ILE A 595 -30.13 -17.70 19.68
C ILE A 595 -30.88 -16.72 18.80
N ASN A 596 -32.07 -16.30 19.23
CA ASN A 596 -32.86 -15.36 18.44
C ASN A 596 -32.29 -13.95 18.50
N ARG A 597 -31.55 -13.61 19.55
CA ARG A 597 -30.86 -12.32 19.57
C ARG A 597 -29.87 -12.22 18.42
N ALA A 598 -29.18 -13.33 18.13
CA ALA A 598 -28.32 -13.37 16.95
C ALA A 598 -29.15 -13.28 15.67
N GLN A 599 -30.29 -13.97 15.63
CA GLN A 599 -31.16 -13.91 14.47
C GLN A 599 -31.56 -12.47 14.16
N ILE A 600 -31.91 -11.71 15.19
CA ILE A 600 -32.34 -10.33 14.97
C ILE A 600 -31.25 -9.54 14.26
N ILE A 601 -30.01 -9.64 14.75
CA ILE A 601 -28.91 -8.90 14.13
C ILE A 601 -28.66 -9.40 12.72
N ASN A 602 -28.51 -10.71 12.55
CA ASN A 602 -28.12 -11.26 11.25
C ASN A 602 -29.19 -10.99 10.20
N ASP A 603 -30.46 -11.25 10.54
CA ASP A 603 -31.53 -11.05 9.57
C ASP A 603 -31.62 -9.59 9.15
N ALA A 604 -31.56 -8.67 10.12
CA ALA A 604 -31.72 -7.25 9.82
C ALA A 604 -30.65 -6.78 8.84
N PHE A 605 -29.40 -7.15 9.08
CA PHE A 605 -28.32 -6.73 8.22
C PHE A 605 -28.50 -7.27 6.80
N ASN A 606 -28.78 -8.57 6.68
CA ASN A 606 -28.99 -9.15 5.36
C ASN A 606 -30.26 -8.60 4.70
N LEU A 607 -31.22 -8.14 5.51
CA LEU A 607 -32.43 -7.52 4.96
C LEU A 607 -32.11 -6.14 4.39
N ALA A 608 -31.30 -5.37 5.10
CA ALA A 608 -30.87 -4.07 4.59
C ALA A 608 -30.17 -4.23 3.24
N SER A 609 -29.25 -5.19 3.15
CA SER A 609 -28.57 -5.43 1.88
C SER A 609 -29.56 -5.78 0.78
N ALA A 610 -30.66 -6.44 1.13
CA ALA A 610 -31.69 -6.81 0.16
C ALA A 610 -32.68 -5.68 -0.11
N HIS A 611 -32.42 -4.49 0.43
CA HIS A 611 -33.30 -3.32 0.26
C HIS A 611 -34.70 -3.58 0.81
N LYS A 612 -34.82 -4.55 1.71
CA LYS A 612 -36.12 -4.87 2.32
C LYS A 612 -36.42 -4.02 3.54
N VAL A 613 -35.39 -3.58 4.26
CA VAL A 613 -35.55 -2.66 5.38
C VAL A 613 -34.41 -1.65 5.36
N PRO A 614 -34.63 -0.48 5.96
CA PRO A 614 -33.57 0.54 5.97
C PRO A 614 -32.33 0.02 6.70
N VAL A 615 -31.16 0.37 6.14
CA VAL A 615 -29.90 -0.02 6.77
C VAL A 615 -29.77 0.59 8.15
N THR A 616 -30.38 1.76 8.38
CA THR A 616 -30.34 2.37 9.70
C THR A 616 -31.02 1.49 10.75
N LEU A 617 -31.90 0.57 10.33
CA LEU A 617 -32.53 -0.34 11.28
C LEU A 617 -31.54 -1.38 11.76
N ALA A 618 -30.88 -2.08 10.84
CA ALA A 618 -29.93 -3.11 11.23
C ALA A 618 -28.89 -2.57 12.19
N LEU A 619 -28.32 -1.40 11.89
CA LEU A 619 -27.32 -0.81 12.77
C LEU A 619 -27.90 -0.51 14.14
N ASN A 620 -29.19 -0.18 14.21
CA ASN A 620 -29.80 0.10 15.51
C ASN A 620 -29.89 -1.17 16.35
N ASN A 621 -30.08 -2.33 15.72
CA ASN A 621 -30.15 -3.59 16.45
C ASN A 621 -28.84 -3.97 17.10
N THR A 622 -27.72 -3.32 16.74
CA THR A 622 -26.44 -3.58 17.34
C THR A 622 -26.13 -2.64 18.51
N LEU A 623 -27.08 -1.79 18.90
CA LEU A 623 -26.82 -0.87 19.99
C LEU A 623 -26.84 -1.55 21.34
N PHE A 624 -27.69 -2.57 21.51
CA PHE A 624 -27.79 -3.24 22.80
C PHE A 624 -26.53 -4.04 23.15
N LEU A 625 -25.65 -4.30 22.18
CA LEU A 625 -24.45 -5.08 22.44
C LEU A 625 -23.53 -4.43 23.46
N ILE A 626 -23.74 -3.15 23.78
CA ILE A 626 -22.82 -2.46 24.69
C ILE A 626 -22.87 -3.09 26.09
N GLU A 627 -23.99 -3.73 26.43
CA GLU A 627 -24.15 -4.42 27.70
C GLU A 627 -24.49 -5.89 27.47
N GLU A 628 -23.90 -6.48 26.42
CA GLU A 628 -24.10 -7.87 26.08
C GLU A 628 -22.86 -8.67 26.46
N ARG A 629 -23.05 -9.74 27.22
CA ARG A 629 -21.96 -10.58 27.68
C ARG A 629 -21.82 -11.88 26.90
N GLN A 630 -22.91 -12.37 26.32
CA GLN A 630 -22.88 -13.63 25.60
C GLN A 630 -21.88 -13.58 24.45
N TYR A 631 -21.59 -14.75 23.88
CA TYR A 631 -20.70 -14.87 22.74
C TYR A 631 -21.47 -14.84 21.42
N MET A 632 -22.60 -15.55 21.36
CA MET A 632 -23.27 -15.76 20.07
C MET A 632 -23.81 -14.46 19.49
N PRO A 633 -24.47 -13.57 20.25
CA PRO A 633 -24.97 -12.33 19.63
C PRO A 633 -23.86 -11.44 19.11
N TRP A 634 -22.81 -11.22 19.91
CA TRP A 634 -21.68 -10.42 19.47
C TRP A 634 -21.10 -10.98 18.16
N GLU A 635 -20.92 -12.30 18.09
CA GLU A 635 -20.35 -12.90 16.89
C GLU A 635 -21.25 -12.65 15.68
N ALA A 636 -22.57 -12.85 15.85
CA ALA A 636 -23.49 -12.59 14.75
C ALA A 636 -23.34 -11.18 14.23
N ALA A 637 -23.12 -10.21 15.13
CA ALA A 637 -22.90 -8.84 14.70
C ALA A 637 -21.56 -8.69 14.02
N LEU A 638 -20.49 -9.16 14.67
CA LEU A 638 -19.17 -9.10 14.07
C LEU A 638 -19.15 -9.78 12.70
N SER A 639 -19.97 -10.81 12.52
CA SER A 639 -20.01 -11.51 11.24
C SER A 639 -20.68 -10.65 10.17
N SER A 640 -21.88 -10.14 10.46
CA SER A 640 -22.56 -9.26 9.51
C SER A 640 -21.78 -7.97 9.31
N LEU A 641 -21.16 -7.45 10.37
CA LEU A 641 -20.37 -6.23 10.25
C LEU A 641 -19.07 -6.45 9.49
N SER A 642 -18.57 -7.69 9.43
CA SER A 642 -17.41 -7.96 8.59
C SER A 642 -17.67 -7.54 7.14
N TYR A 643 -18.92 -7.67 6.68
CA TYR A 643 -19.27 -7.17 5.35
C TYR A 643 -19.06 -5.66 5.26
N PHE A 644 -19.42 -4.94 6.33
CA PHE A 644 -19.18 -3.50 6.35
C PHE A 644 -17.68 -3.20 6.33
N LYS A 645 -16.89 -4.01 7.04
CA LYS A 645 -15.44 -3.85 6.99
C LYS A 645 -14.91 -4.06 5.58
N LEU A 646 -15.45 -5.05 4.86
CA LEU A 646 -14.98 -5.32 3.51
C LEU A 646 -15.30 -4.16 2.57
N MET A 647 -16.45 -3.53 2.75
CA MET A 647 -16.86 -2.47 1.84
C MET A 647 -16.21 -1.13 2.15
N PHE A 648 -15.83 -0.89 3.42
CA PHE A 648 -15.48 0.44 3.87
C PHE A 648 -14.10 0.56 4.50
N ASP A 649 -13.32 -0.51 4.59
CA ASP A 649 -12.02 -0.44 5.26
C ASP A 649 -10.94 0.22 4.41
N ARG A 650 -11.28 0.69 3.21
CA ARG A 650 -10.38 1.49 2.38
C ARG A 650 -10.99 2.86 2.08
N SER A 651 -11.83 3.36 2.97
CA SER A 651 -12.58 4.58 2.72
C SER A 651 -12.65 5.40 4.00
N GLU A 652 -13.19 6.61 3.86
CA GLU A 652 -13.36 7.50 5.00
C GLU A 652 -14.27 6.91 6.06
N VAL A 653 -15.10 5.93 5.71
CA VAL A 653 -16.08 5.40 6.65
C VAL A 653 -15.45 4.51 7.71
N TYR A 654 -14.25 3.97 7.46
CA TYR A 654 -13.67 3.03 8.41
C TYR A 654 -13.44 3.68 9.77
N GLY A 655 -12.78 4.83 9.78
CA GLY A 655 -12.46 5.51 11.02
C GLY A 655 -13.63 5.54 11.97
N PRO A 656 -14.74 6.16 11.55
CA PRO A 656 -15.95 6.15 12.40
C PRO A 656 -16.41 4.76 12.77
N MET A 657 -16.39 3.82 11.83
CA MET A 657 -16.80 2.45 12.13
C MET A 657 -15.96 1.87 13.27
N LYS A 658 -14.63 2.01 13.19
CA LYS A 658 -13.77 1.56 14.26
C LYS A 658 -14.11 2.25 15.58
N ASN A 659 -14.53 3.51 15.52
CA ASN A 659 -14.83 4.26 16.74
C ASN A 659 -16.13 3.75 17.38
N TYR A 660 -17.12 3.41 16.56
CA TYR A 660 -18.37 2.88 17.10
C TYR A 660 -18.15 1.52 17.73
N LEU A 661 -17.48 0.62 17.01
CA LEU A 661 -17.13 -0.68 17.59
C LEU A 661 -16.26 -0.51 18.83
N LYS A 662 -15.29 0.42 18.77
CA LYS A 662 -14.44 0.68 19.93
C LYS A 662 -15.26 1.09 21.15
N LYS A 663 -16.43 1.70 20.94
CA LYS A 663 -17.28 2.10 22.06
C LYS A 663 -18.20 0.98 22.52
N GLN A 664 -18.65 0.12 21.60
CA GLN A 664 -19.57 -0.94 21.96
C GLN A 664 -18.87 -2.07 22.71
N VAL A 665 -17.60 -2.32 22.40
CA VAL A 665 -16.90 -3.47 22.94
C VAL A 665 -16.07 -3.14 24.18
N THR A 666 -15.70 -1.88 24.38
CA THR A 666 -14.83 -1.55 25.50
C THR A 666 -15.40 -1.97 26.85
N PRO A 667 -16.69 -1.82 27.13
CA PRO A 667 -17.20 -2.31 28.43
C PRO A 667 -16.99 -3.80 28.62
N LEU A 668 -17.20 -4.60 27.58
CA LEU A 668 -16.98 -6.03 27.69
C LEU A 668 -15.51 -6.34 27.94
N PHE A 669 -14.61 -5.65 27.24
CA PHE A 669 -13.18 -5.87 27.44
C PHE A 669 -12.76 -5.60 28.88
N ILE A 670 -13.28 -4.52 29.47
CA ILE A 670 -12.96 -4.23 30.86
C ILE A 670 -13.57 -5.28 31.78
N HIS A 671 -14.76 -5.76 31.43
CA HIS A 671 -15.41 -6.77 32.25
C HIS A 671 -14.59 -8.06 32.29
N PHE A 672 -14.07 -8.48 31.13
CA PHE A 672 -13.30 -9.71 31.10
C PHE A 672 -11.92 -9.53 31.73
N ARG A 673 -11.39 -8.30 31.74
CA ARG A 673 -10.14 -8.06 32.44
C ARG A 673 -10.30 -8.27 33.94
N ASN A 674 -11.44 -7.86 34.49
CA ASN A 674 -11.72 -8.10 35.91
C ASN A 674 -12.15 -9.55 36.16
N ASN A 675 -12.84 -10.17 35.20
CA ASN A 675 -13.30 -11.55 35.38
C ASN A 675 -12.15 -12.54 35.24
N THR A 676 -11.12 -12.20 34.47
CA THR A 676 -10.01 -13.09 34.21
C THR A 676 -8.80 -12.81 35.09
N ASN A 677 -8.95 -11.94 36.09
CA ASN A 677 -7.86 -11.61 37.01
C ASN A 677 -6.64 -11.12 36.23
N ASN A 678 -6.87 -10.12 35.37
CA ASN A 678 -5.81 -9.52 34.55
C ASN A 678 -5.26 -10.55 33.54
N TRP A 679 -6.17 -11.27 32.89
CA TRP A 679 -5.84 -12.24 31.84
C TRP A 679 -5.06 -13.43 32.38
N ARG A 680 -5.16 -13.70 33.68
CA ARG A 680 -4.43 -14.84 34.24
C ARG A 680 -5.18 -16.15 34.03
N GLU A 681 -6.51 -16.11 34.09
CA GLU A 681 -7.35 -17.30 33.96
C GLU A 681 -8.30 -17.12 32.79
N ILE A 682 -9.05 -18.17 32.50
CA ILE A 682 -10.01 -18.18 31.40
C ILE A 682 -11.38 -18.57 31.94
N PRO A 683 -12.45 -18.18 31.24
CA PRO A 683 -13.79 -18.57 31.69
C PRO A 683 -13.96 -20.08 31.70
N GLU A 684 -14.76 -20.55 32.66
CA GLU A 684 -15.05 -21.98 32.76
C GLU A 684 -15.96 -22.42 31.61
N ASN A 685 -17.04 -21.67 31.37
CA ASN A 685 -17.93 -21.98 30.27
C ASN A 685 -17.21 -21.75 28.95
N LEU A 686 -17.37 -22.71 28.02
CA LEU A 686 -16.70 -22.58 26.73
C LEU A 686 -17.18 -21.35 25.98
N MET A 687 -18.50 -21.10 25.97
CA MET A 687 -19.03 -19.94 25.28
C MET A 687 -18.37 -18.65 25.77
N ASP A 688 -18.21 -18.51 27.08
CA ASP A 688 -17.57 -17.31 27.61
C ASP A 688 -16.12 -17.21 27.15
N GLN A 689 -15.41 -18.34 27.11
CA GLN A 689 -14.04 -18.33 26.59
C GLN A 689 -13.99 -17.70 25.20
N TYR A 690 -14.93 -18.08 24.33
CA TYR A 690 -14.99 -17.48 23.01
C TYR A 690 -15.39 -16.01 23.08
N SER A 691 -16.24 -15.65 24.03
CA SER A 691 -16.60 -14.25 24.22
C SER A 691 -15.38 -13.42 24.59
N GLU A 692 -14.54 -13.94 25.49
CA GLU A 692 -13.31 -13.23 25.85
C GLU A 692 -12.46 -12.96 24.62
N VAL A 693 -12.29 -13.97 23.76
CA VAL A 693 -11.46 -13.81 22.57
C VAL A 693 -12.08 -12.80 21.62
N ASN A 694 -13.37 -12.96 21.30
CA ASN A 694 -14.03 -12.02 20.40
C ASN A 694 -13.98 -10.61 20.95
N ALA A 695 -13.95 -10.46 22.29
CA ALA A 695 -13.82 -9.13 22.87
C ALA A 695 -12.39 -8.61 22.74
N ILE A 696 -11.40 -9.49 22.88
CA ILE A 696 -10.01 -9.06 22.79
C ILE A 696 -9.65 -8.71 21.35
N SER A 697 -10.11 -9.51 20.38
CA SER A 697 -9.81 -9.24 18.98
C SER A 697 -10.53 -7.98 18.52
N THR A 698 -11.81 -7.86 18.83
CA THR A 698 -12.56 -6.67 18.45
C THR A 698 -12.05 -5.43 19.19
N ALA A 699 -11.60 -5.59 20.43
CA ALA A 699 -11.07 -4.45 21.17
C ALA A 699 -9.77 -3.96 20.54
N CYS A 700 -8.89 -4.89 20.15
CA CYS A 700 -7.59 -4.49 19.62
C CYS A 700 -7.68 -4.05 18.16
N SER A 701 -8.55 -4.67 17.38
CA SER A 701 -8.68 -4.29 15.97
C SER A 701 -9.19 -2.86 15.83
N ASN A 702 -9.97 -2.39 16.80
CA ASN A 702 -10.62 -1.09 16.70
C ASN A 702 -9.95 -0.02 17.55
N GLY A 703 -8.74 -0.28 18.03
CA GLY A 703 -7.92 0.77 18.59
C GLY A 703 -8.07 1.04 20.07
N VAL A 704 -8.54 0.08 20.86
CA VAL A 704 -8.59 0.24 22.31
C VAL A 704 -7.17 0.17 22.85
N PRO A 705 -6.58 1.29 23.29
CA PRO A 705 -5.15 1.27 23.61
C PRO A 705 -4.77 0.32 24.73
N GLU A 706 -5.66 0.09 25.70
CA GLU A 706 -5.34 -0.84 26.78
C GLU A 706 -5.11 -2.25 26.25
N CYS A 707 -5.90 -2.66 25.24
CA CYS A 707 -5.68 -3.94 24.60
C CYS A 707 -4.38 -3.94 23.82
N GLU A 708 -4.11 -2.88 23.06
CA GLU A 708 -2.90 -2.82 22.25
C GLU A 708 -1.66 -2.87 23.13
N GLU A 709 -1.70 -2.24 24.31
CA GLU A 709 -0.56 -2.27 25.20
C GLU A 709 -0.36 -3.62 25.86
N MET A 710 -1.42 -4.44 25.95
CA MET A 710 -1.34 -5.74 26.60
C MET A 710 -0.84 -6.82 25.65
N VAL A 711 -1.43 -6.90 24.45
CA VAL A 711 -1.02 -7.93 23.50
C VAL A 711 0.41 -7.70 23.05
N SER A 712 0.85 -6.45 22.99
CA SER A 712 2.25 -6.19 22.65
C SER A 712 3.17 -6.56 23.81
N GLY A 713 2.78 -6.22 25.05
CA GLY A 713 3.61 -6.56 26.19
C GLY A 713 3.73 -8.06 26.39
N LEU A 714 2.65 -8.80 26.11
CA LEU A 714 2.71 -10.26 26.19
C LEU A 714 3.68 -10.82 25.16
N PHE A 715 3.56 -10.39 23.91
CA PHE A 715 4.46 -10.87 22.87
C PHE A 715 5.90 -10.53 23.20
N LYS A 716 6.15 -9.37 23.80
CA LYS A 716 7.52 -9.01 24.17
C LYS A 716 8.03 -9.90 25.29
N GLN A 717 7.18 -10.21 26.28
CA GLN A 717 7.57 -11.15 27.32
C GLN A 717 7.92 -12.50 26.71
N TRP A 718 7.13 -12.96 25.74
CA TRP A 718 7.43 -14.22 25.08
C TRP A 718 8.80 -14.17 24.40
N MET A 719 9.07 -13.08 23.67
CA MET A 719 10.36 -12.96 22.99
C MET A 719 11.52 -13.00 23.97
N GLU A 720 11.30 -12.61 25.22
CA GLU A 720 12.37 -12.65 26.22
C GLU A 720 12.62 -14.07 26.70
N ASN A 721 11.56 -14.87 26.85
CA ASN A 721 11.66 -16.28 27.25
C ASN A 721 10.92 -17.13 26.23
N PRO A 722 11.53 -17.37 25.06
CA PRO A 722 10.80 -18.11 24.01
C PRO A 722 10.27 -19.46 24.45
N ASN A 723 11.00 -20.18 25.30
CA ASN A 723 10.56 -21.51 25.69
C ASN A 723 9.27 -21.45 26.51
N ASN A 724 9.16 -20.47 27.40
CA ASN A 724 7.98 -20.31 28.24
C ASN A 724 7.04 -19.32 27.57
N ASN A 725 6.01 -19.85 26.91
CA ASN A 725 5.02 -19.02 26.23
C ASN A 725 3.95 -18.57 27.24
N PRO A 726 3.89 -17.28 27.58
CA PRO A 726 2.90 -16.84 28.58
C PRO A 726 1.50 -16.63 28.04
N ILE A 727 1.30 -16.74 26.73
CA ILE A 727 0.00 -16.46 26.12
C ILE A 727 -0.82 -17.75 26.14
N HIS A 728 -1.98 -17.68 26.79
CA HIS A 728 -2.86 -18.85 26.81
C HIS A 728 -3.28 -19.21 25.39
N PRO A 729 -3.39 -20.50 25.07
CA PRO A 729 -3.73 -20.88 23.69
C PRO A 729 -4.90 -20.11 23.09
N ASN A 730 -5.98 -19.90 23.85
CA ASN A 730 -7.15 -19.22 23.29
C ASN A 730 -6.82 -17.82 22.80
N LEU A 731 -5.88 -17.14 23.46
CA LEU A 731 -5.50 -15.78 23.09
C LEU A 731 -4.36 -15.74 22.09
N ARG A 732 -3.65 -16.85 21.88
CA ARG A 732 -2.49 -16.84 21.00
C ARG A 732 -2.88 -16.40 19.59
N SER A 733 -3.98 -16.93 19.07
CA SER A 733 -4.42 -16.57 17.73
C SER A 733 -4.50 -15.06 17.56
N THR A 734 -5.21 -14.39 18.47
CA THR A 734 -5.45 -12.95 18.31
C THR A 734 -4.25 -12.13 18.78
N VAL A 735 -3.57 -12.56 19.86
CA VAL A 735 -2.41 -11.82 20.34
C VAL A 735 -1.31 -11.85 19.30
N TYR A 736 -1.17 -12.96 18.57
CA TYR A 736 -0.12 -13.05 17.56
C TYR A 736 -0.36 -12.05 16.44
N CYS A 737 -1.55 -12.05 15.85
CA CYS A 737 -1.81 -11.19 14.69
C CYS A 737 -1.59 -9.72 15.04
N ASN A 738 -2.12 -9.28 16.17
CA ASN A 738 -2.03 -7.86 16.52
C ASN A 738 -0.60 -7.46 16.89
N ALA A 739 0.10 -8.31 17.65
CA ALA A 739 1.47 -7.97 18.06
C ALA A 739 2.40 -7.88 16.85
N ILE A 740 2.14 -8.66 15.81
CA ILE A 740 2.97 -8.60 14.62
C ILE A 740 2.63 -7.37 13.78
N ALA A 741 1.36 -6.97 13.76
CA ALA A 741 0.98 -5.77 13.02
C ALA A 741 1.53 -4.52 13.69
N GLN A 742 1.42 -4.43 15.02
CA GLN A 742 1.98 -3.30 15.74
C GLN A 742 3.50 -3.31 15.68
N GLY A 743 4.11 -4.49 15.78
CA GLY A 743 5.54 -4.61 15.73
C GLY A 743 6.08 -4.41 14.33
N GLY A 744 7.35 -4.79 14.16
CA GLY A 744 8.05 -4.64 12.91
C GLY A 744 8.68 -5.95 12.47
N GLU A 745 9.79 -5.83 11.74
CA GLU A 745 10.48 -6.99 11.20
C GLU A 745 11.03 -7.88 12.31
N GLU A 746 11.41 -7.29 13.45
CA GLU A 746 11.97 -8.09 14.53
C GLU A 746 10.92 -9.03 15.12
N GLU A 747 9.67 -8.58 15.21
CA GLU A 747 8.59 -9.45 15.66
C GLU A 747 8.18 -10.44 14.58
N TRP A 748 8.25 -10.04 13.31
CA TRP A 748 7.86 -10.93 12.23
C TRP A 748 8.85 -12.07 12.07
N ASP A 749 10.14 -11.77 12.17
CA ASP A 749 11.17 -12.81 12.04
C ASP A 749 11.09 -13.79 13.20
N PHE A 750 10.83 -13.30 14.41
CA PHE A 750 10.73 -14.19 15.56
C PHE A 750 9.55 -15.15 15.41
N ALA A 751 8.40 -14.64 14.97
CA ALA A 751 7.27 -15.52 14.73
C ALA A 751 7.51 -16.44 13.55
N TRP A 752 8.35 -16.02 12.59
CA TRP A 752 8.71 -16.91 11.49
C TRP A 752 9.65 -18.00 11.97
N GLU A 753 10.64 -17.65 12.80
CA GLU A 753 11.49 -18.65 13.41
C GLU A 753 10.67 -19.68 14.17
N GLN A 754 9.66 -19.22 14.91
CA GLN A 754 8.81 -20.14 15.66
C GLN A 754 8.04 -21.05 14.74
N PHE A 755 7.58 -20.54 13.59
CA PHE A 755 6.76 -21.33 12.69
C PHE A 755 7.56 -22.47 12.04
N ARG A 756 8.86 -22.24 11.80
CA ARG A 756 9.69 -23.28 11.19
C ARG A 756 10.06 -24.36 12.21
N ASN A 757 10.43 -23.96 13.42
CA ASN A 757 10.84 -24.89 14.46
C ASN A 757 9.65 -25.46 15.24
N ALA A 758 8.43 -25.21 14.78
CA ALA A 758 7.25 -25.62 15.53
C ALA A 758 7.08 -27.13 15.49
N THR A 759 6.64 -27.71 16.62
CA THR A 759 6.37 -29.14 16.72
C THR A 759 4.88 -29.45 16.75
N LEU A 760 4.02 -28.47 16.92
CA LEU A 760 2.57 -28.66 16.94
C LEU A 760 1.95 -27.89 15.79
N VAL A 761 1.08 -28.55 15.03
CA VAL A 761 0.49 -27.92 13.86
C VAL A 761 -0.49 -26.83 14.28
N ASN A 762 -1.21 -27.03 15.39
CA ASN A 762 -2.09 -25.99 15.90
C ASN A 762 -1.33 -24.70 16.12
N GLU A 763 -0.15 -24.79 16.74
CA GLU A 763 0.66 -23.58 16.97
C GLU A 763 1.12 -22.98 15.64
N ALA A 764 1.61 -23.81 14.74
CA ALA A 764 2.11 -23.30 13.47
C ALA A 764 1.01 -22.58 12.70
N ASP A 765 -0.20 -23.14 12.69
CA ASP A 765 -1.30 -22.52 11.98
C ASP A 765 -1.60 -21.12 12.51
N LYS A 766 -1.61 -20.96 13.84
CA LYS A 766 -1.79 -19.64 14.41
C LYS A 766 -0.67 -18.70 13.97
N LEU A 767 0.57 -19.19 14.00
CA LEU A 767 1.69 -18.35 13.58
C LEU A 767 1.58 -17.99 12.10
N ARG A 768 1.26 -18.96 11.25
CA ARG A 768 1.19 -18.71 9.82
C ARG A 768 0.21 -17.58 9.50
N ALA A 769 -1.01 -17.65 10.07
CA ALA A 769 -2.00 -16.62 9.81
C ALA A 769 -1.53 -15.27 10.36
N ALA A 770 -1.02 -15.26 11.60
CA ALA A 770 -0.63 -14.02 12.22
C ALA A 770 0.47 -13.30 11.45
N LEU A 771 1.36 -14.06 10.79
CA LEU A 771 2.41 -13.42 10.00
C LEU A 771 1.82 -12.58 8.87
N ALA A 772 0.61 -12.92 8.42
CA ALA A 772 -0.05 -12.18 7.34
C ALA A 772 -0.67 -10.88 7.82
N CYS A 773 -0.52 -10.52 9.10
CA CYS A 773 -1.06 -9.29 9.65
C CYS A 773 -0.07 -8.13 9.61
N SER A 774 1.14 -8.36 9.09
CA SER A 774 2.12 -7.29 9.01
C SER A 774 1.61 -6.15 8.12
N LYS A 775 1.76 -4.92 8.61
CA LYS A 775 1.33 -3.76 7.84
C LYS A 775 2.36 -3.31 6.81
N GLU A 776 3.57 -3.87 6.85
CA GLU A 776 4.61 -3.49 5.89
C GLU A 776 4.37 -4.19 4.56
N LEU A 777 4.36 -3.42 3.48
CA LEU A 777 4.03 -3.97 2.17
C LEU A 777 5.14 -4.86 1.63
N TRP A 778 6.40 -4.59 2.01
CA TRP A 778 7.50 -5.43 1.52
C TRP A 778 7.52 -6.78 2.23
N ILE A 779 7.10 -6.82 3.50
CA ILE A 779 7.04 -8.08 4.22
C ILE A 779 5.98 -8.98 3.62
N LEU A 780 4.77 -8.44 3.38
CA LEU A 780 3.72 -9.24 2.77
C LEU A 780 4.15 -9.77 1.40
N ASN A 781 4.92 -8.99 0.65
CA ASN A 781 5.38 -9.43 -0.66
C ASN A 781 6.38 -10.57 -0.52
N ARG A 782 7.33 -10.45 0.41
CA ARG A 782 8.23 -11.57 0.70
C ARG A 782 7.46 -12.78 1.19
N TYR A 783 6.57 -12.57 2.16
CA TYR A 783 5.78 -13.67 2.69
C TYR A 783 4.95 -14.36 1.61
N LEU A 784 4.47 -13.60 0.63
CA LEU A 784 3.70 -14.21 -0.45
C LEU A 784 4.55 -15.19 -1.25
N SER A 785 5.80 -14.81 -1.56
CA SER A 785 6.68 -15.70 -2.30
C SER A 785 7.02 -16.96 -1.50
N TYR A 786 6.94 -16.90 -0.18
CA TYR A 786 7.16 -18.09 0.63
C TYR A 786 6.03 -19.09 0.44
N THR A 787 4.79 -18.62 0.27
CA THR A 787 3.65 -19.51 0.24
C THR A 787 3.69 -20.48 -0.93
N LEU A 788 4.50 -20.21 -1.95
CA LEU A 788 4.61 -21.07 -3.10
C LEU A 788 5.86 -21.95 -3.06
N ASN A 789 6.65 -21.86 -2.01
CA ASN A 789 7.83 -22.71 -1.84
C ASN A 789 7.46 -23.88 -0.93
N PRO A 790 7.28 -25.09 -1.45
CA PRO A 790 6.91 -26.21 -0.58
C PRO A 790 7.88 -26.46 0.56
N ASP A 791 9.13 -26.00 0.44
CA ASP A 791 10.08 -26.17 1.53
C ASP A 791 9.76 -25.25 2.70
N LEU A 792 9.12 -24.11 2.43
CA LEU A 792 8.82 -23.12 3.47
C LEU A 792 7.38 -23.21 3.96
N ILE A 793 6.42 -23.45 3.06
CA ILE A 793 5.02 -23.56 3.42
C ILE A 793 4.43 -24.75 2.69
N ARG A 794 3.80 -25.65 3.44
CA ARG A 794 3.26 -26.86 2.85
C ARG A 794 2.21 -26.53 1.79
N LYS A 795 2.30 -27.21 0.65
CA LYS A 795 1.30 -27.04 -0.40
C LYS A 795 -0.13 -27.16 0.14
N GLN A 796 -0.32 -27.91 1.22
CA GLN A 796 -1.64 -28.03 1.82
C GLN A 796 -2.06 -26.74 2.51
N ASP A 797 -1.13 -25.84 2.81
CA ASP A 797 -1.43 -24.58 3.46
C ASP A 797 -1.26 -23.37 2.53
N ALA A 798 -0.88 -23.59 1.28
CA ALA A 798 -0.61 -22.48 0.37
C ALA A 798 -1.84 -21.59 0.20
N THR A 799 -2.91 -22.15 -0.34
CA THR A 799 -4.13 -21.37 -0.55
C THR A 799 -4.54 -20.64 0.72
N SER A 800 -4.52 -21.34 1.86
CA SER A 800 -4.93 -20.71 3.11
C SER A 800 -4.07 -19.48 3.41
N THR A 801 -2.76 -19.62 3.34
CA THR A 801 -1.89 -18.49 3.66
C THR A 801 -2.15 -17.31 2.74
N ILE A 802 -2.36 -17.57 1.45
CA ILE A 802 -2.65 -16.49 0.52
C ILE A 802 -3.97 -15.84 0.87
N ILE A 803 -4.96 -16.64 1.28
CA ILE A 803 -6.25 -16.08 1.68
C ILE A 803 -6.09 -15.20 2.92
N SER A 804 -5.10 -15.49 3.76
CA SER A 804 -4.89 -14.64 4.94
C SER A 804 -4.26 -13.31 4.56
N ILE A 805 -3.37 -13.31 3.57
CA ILE A 805 -2.73 -12.06 3.15
C ILE A 805 -3.74 -11.13 2.50
N THR A 806 -4.59 -11.67 1.61
CA THR A 806 -5.61 -10.84 0.99
C THR A 806 -6.60 -10.29 2.01
N ASN A 807 -6.77 -11.00 3.14
CA ASN A 807 -7.62 -10.46 4.20
C ASN A 807 -7.02 -9.20 4.80
N ASN A 808 -5.71 -8.99 4.66
CA ASN A 808 -5.07 -7.76 5.09
C ASN A 808 -5.32 -6.66 4.08
N VAL A 809 -5.80 -5.51 4.55
CA VAL A 809 -6.16 -4.43 3.64
C VAL A 809 -4.94 -3.93 2.87
N ILE A 810 -3.75 -4.09 3.44
CA ILE A 810 -2.53 -3.68 2.73
C ILE A 810 -2.13 -4.72 1.68
N GLY A 811 -2.58 -5.96 1.81
CA GLY A 811 -2.30 -6.99 0.85
C GLY A 811 -3.43 -7.32 -0.10
N GLN A 812 -4.59 -6.68 0.08
CA GLN A 812 -5.73 -6.95 -0.79
C GLN A 812 -5.36 -6.78 -2.26
N GLY A 813 -4.67 -5.68 -2.59
CA GLY A 813 -4.30 -5.44 -3.97
C GLY A 813 -3.08 -6.22 -4.42
N LEU A 814 -2.22 -6.60 -3.48
CA LEU A 814 -1.06 -7.41 -3.83
C LEU A 814 -1.47 -8.78 -4.33
N VAL A 815 -2.45 -9.42 -3.66
CA VAL A 815 -2.89 -10.75 -4.07
C VAL A 815 -3.74 -10.68 -5.33
N TRP A 816 -4.61 -9.65 -5.44
CA TRP A 816 -5.40 -9.50 -6.65
C TRP A 816 -4.50 -9.33 -7.87
N ASP A 817 -3.46 -8.50 -7.75
CA ASP A 817 -2.48 -8.39 -8.81
C ASP A 817 -1.80 -9.73 -9.05
N PHE A 818 -1.43 -10.42 -7.97
CA PHE A 818 -0.78 -11.72 -8.09
C PHE A 818 -1.68 -12.72 -8.82
N VAL A 819 -2.97 -12.75 -8.46
CA VAL A 819 -3.89 -13.68 -9.11
C VAL A 819 -4.05 -13.33 -10.58
N GLN A 820 -4.23 -12.04 -10.88
CA GLN A 820 -4.44 -11.62 -12.27
C GLN A 820 -3.24 -11.96 -13.15
N SER A 821 -2.03 -11.70 -12.64
CA SER A 821 -0.83 -11.86 -13.46
C SER A 821 -0.58 -13.33 -13.78
N ASN A 822 -0.41 -14.15 -12.74
CA ASN A 822 -0.01 -15.54 -12.96
C ASN A 822 -1.11 -16.51 -12.52
N TRP A 823 -2.29 -16.39 -13.15
CA TRP A 823 -3.36 -17.36 -12.92
C TRP A 823 -3.11 -18.64 -13.69
N LYS A 824 -2.95 -18.54 -15.01
CA LYS A 824 -2.65 -19.70 -15.84
C LYS A 824 -1.52 -20.51 -15.22
N LYS A 825 -0.36 -19.87 -15.02
CA LYS A 825 0.76 -20.54 -14.38
C LYS A 825 0.34 -21.14 -13.04
N LEU A 826 -0.51 -20.42 -12.29
CA LEU A 826 -0.99 -20.93 -11.02
C LEU A 826 -2.00 -22.05 -11.20
N PHE A 827 -2.75 -22.03 -12.31
CA PHE A 827 -3.77 -23.05 -12.54
C PHE A 827 -3.17 -24.31 -13.15
N ASN A 828 -2.32 -24.15 -14.18
CA ASN A 828 -1.70 -25.30 -14.82
C ASN A 828 -0.89 -26.11 -13.82
N ASP A 829 -0.05 -25.45 -13.02
CA ASP A 829 0.82 -26.17 -12.11
C ASP A 829 0.01 -26.92 -11.04
N TYR A 830 -1.03 -26.29 -10.50
CA TYR A 830 -1.83 -26.88 -9.43
C TYR A 830 -3.19 -27.38 -9.91
N GLY A 831 -3.28 -27.77 -11.18
CA GLY A 831 -4.53 -28.28 -11.70
C GLY A 831 -4.97 -29.57 -11.04
N GLY A 832 -6.06 -29.51 -10.28
CA GLY A 832 -6.56 -30.70 -9.61
C GLY A 832 -5.67 -31.24 -8.52
N GLY A 833 -4.92 -30.35 -7.88
CA GLY A 833 -3.98 -30.75 -6.81
C GLY A 833 -4.34 -30.18 -5.44
N SER A 834 -3.32 -29.71 -4.72
CA SER A 834 -3.42 -29.18 -3.35
C SER A 834 -3.98 -27.77 -3.34
N PHE A 835 -4.23 -27.19 -4.51
CA PHE A 835 -4.65 -25.80 -4.57
C PHE A 835 -6.15 -25.73 -4.86
N SER A 836 -6.88 -25.08 -3.96
CA SER A 836 -8.31 -24.83 -4.15
C SER A 836 -8.49 -23.46 -4.80
N PHE A 837 -9.07 -23.45 -6.00
CA PHE A 837 -9.23 -22.21 -6.75
C PHE A 837 -10.51 -21.48 -6.39
N SER A 838 -11.56 -22.20 -5.98
CA SER A 838 -12.80 -21.56 -5.59
C SER A 838 -12.61 -20.69 -4.34
N ASN A 839 -11.98 -21.25 -3.30
CA ASN A 839 -11.82 -20.51 -2.06
C ASN A 839 -11.01 -19.23 -2.28
N LEU A 840 -9.96 -19.30 -3.09
CA LEU A 840 -9.13 -18.12 -3.31
C LEU A 840 -9.90 -17.05 -4.09
N ILE A 841 -10.66 -17.46 -5.10
CA ILE A 841 -11.49 -16.51 -5.83
C ILE A 841 -12.51 -15.88 -4.90
N GLN A 842 -13.19 -16.71 -4.11
CA GLN A 842 -14.21 -16.21 -3.20
C GLN A 842 -13.65 -15.14 -2.28
N ALA A 843 -12.40 -15.31 -1.84
CA ALA A 843 -11.82 -14.41 -0.84
C ALA A 843 -11.18 -13.17 -1.42
N VAL A 844 -10.63 -13.26 -2.63
CA VAL A 844 -9.94 -12.11 -3.21
C VAL A 844 -10.93 -11.09 -3.76
N THR A 845 -12.13 -11.53 -4.14
CA THR A 845 -13.14 -10.64 -4.71
C THR A 845 -14.10 -10.08 -3.66
N ARG A 846 -13.99 -10.50 -2.40
CA ARG A 846 -14.96 -10.09 -1.39
C ARG A 846 -15.03 -8.58 -1.24
N ARG A 847 -13.92 -7.87 -1.49
CA ARG A 847 -13.85 -6.43 -1.27
C ARG A 847 -14.30 -5.61 -2.48
N PHE A 848 -14.47 -6.23 -3.65
CA PHE A 848 -14.80 -5.47 -4.85
C PHE A 848 -16.10 -4.70 -4.64
N SER A 849 -16.04 -3.39 -4.84
CA SER A 849 -17.20 -2.52 -4.65
C SER A 849 -17.26 -1.38 -5.65
N THR A 850 -16.27 -1.22 -6.51
CA THR A 850 -16.21 -0.14 -7.48
C THR A 850 -16.38 -0.69 -8.90
N GLU A 851 -16.79 0.19 -9.81
CA GLU A 851 -16.95 -0.23 -11.20
C GLU A 851 -15.60 -0.60 -11.82
N TYR A 852 -14.50 -0.03 -11.30
CA TYR A 852 -13.18 -0.37 -11.82
C TYR A 852 -12.82 -1.82 -11.49
N GLU A 853 -13.07 -2.23 -10.24
CA GLU A 853 -12.81 -3.62 -9.87
C GLU A 853 -13.68 -4.57 -10.67
N LEU A 854 -14.97 -4.23 -10.84
CA LEU A 854 -15.84 -5.04 -11.68
C LEU A 854 -15.28 -5.20 -13.08
N GLN A 855 -14.69 -4.13 -13.62
CA GLN A 855 -14.02 -4.23 -14.91
C GLN A 855 -12.89 -5.25 -14.85
N GLN A 856 -12.03 -5.12 -13.84
CA GLN A 856 -10.91 -6.05 -13.69
C GLN A 856 -11.40 -7.49 -13.60
N LEU A 857 -12.49 -7.72 -12.87
CA LEU A 857 -12.98 -9.08 -12.69
C LEU A 857 -13.58 -9.63 -13.98
N GLU A 858 -14.39 -8.83 -14.68
CA GLU A 858 -14.95 -9.28 -15.94
C GLU A 858 -13.85 -9.53 -16.97
N GLN A 859 -12.79 -8.72 -16.94
CA GLN A 859 -11.66 -8.97 -17.84
C GLN A 859 -10.91 -10.23 -17.43
N PHE A 860 -10.78 -10.46 -16.12
CA PHE A 860 -10.16 -11.70 -15.65
C PHE A 860 -10.91 -12.91 -16.18
N LYS A 861 -12.24 -12.85 -16.21
CA LYS A 861 -13.03 -13.96 -16.74
C LYS A 861 -12.76 -14.14 -18.23
N LYS A 862 -12.75 -13.04 -18.99
CA LYS A 862 -12.56 -13.13 -20.44
C LYS A 862 -11.18 -13.67 -20.78
N ASP A 863 -10.14 -13.20 -20.08
CA ASP A 863 -8.78 -13.62 -20.41
C ASP A 863 -8.61 -15.12 -20.23
N ASN A 864 -9.02 -15.66 -19.08
CA ASN A 864 -8.78 -17.04 -18.72
C ASN A 864 -9.96 -17.96 -19.02
N GLU A 865 -10.78 -17.61 -20.01
CA GLU A 865 -11.88 -18.50 -20.39
C GLU A 865 -11.36 -19.71 -21.13
N GLU A 866 -10.22 -19.59 -21.82
CA GLU A 866 -9.62 -20.76 -22.46
C GLU A 866 -8.97 -21.67 -21.43
N THR A 867 -8.25 -21.10 -20.46
CA THR A 867 -7.64 -21.91 -19.41
C THR A 867 -8.70 -22.59 -18.56
N GLY A 868 -9.80 -21.88 -18.26
CA GLY A 868 -10.87 -22.42 -17.46
C GLY A 868 -10.74 -22.07 -16.00
N PHE A 869 -11.75 -22.51 -15.23
CA PHE A 869 -11.77 -22.29 -13.79
C PHE A 869 -12.14 -23.53 -12.99
N GLY A 870 -12.70 -24.57 -13.62
CA GLY A 870 -12.97 -25.82 -12.96
C GLY A 870 -13.75 -25.71 -11.67
N SER A 871 -13.09 -26.05 -10.55
CA SER A 871 -13.76 -26.01 -9.25
C SER A 871 -14.19 -24.61 -8.87
N GLY A 872 -13.67 -23.59 -9.52
CA GLY A 872 -14.01 -22.21 -9.22
C GLY A 872 -14.94 -21.54 -10.20
N THR A 873 -15.57 -22.28 -11.12
CA THR A 873 -16.46 -21.67 -12.09
C THR A 873 -17.64 -21.00 -11.40
N ARG A 874 -18.40 -21.76 -10.59
CA ARG A 874 -19.52 -21.18 -9.87
C ARG A 874 -19.06 -20.06 -8.94
N ALA A 875 -17.94 -20.26 -8.25
CA ALA A 875 -17.44 -19.24 -7.35
C ALA A 875 -17.14 -17.95 -8.10
N LEU A 876 -16.75 -18.06 -9.38
CA LEU A 876 -16.47 -16.86 -10.17
C LEU A 876 -17.77 -16.12 -10.49
N GLU A 877 -18.80 -16.85 -10.93
CA GLU A 877 -20.09 -16.22 -11.20
C GLU A 877 -20.66 -15.60 -9.93
N GLN A 878 -20.60 -16.32 -8.81
CA GLN A 878 -21.06 -15.75 -7.55
C GLN A 878 -20.30 -14.48 -7.22
N ALA A 879 -19.01 -14.43 -7.56
CA ALA A 879 -18.25 -13.20 -7.32
C ALA A 879 -18.72 -12.08 -8.23
N LEU A 880 -19.05 -12.40 -9.49
CA LEU A 880 -19.52 -11.39 -10.42
C LEU A 880 -20.86 -10.82 -9.96
N GLU A 881 -21.75 -11.67 -9.43
CA GLU A 881 -23.04 -11.20 -8.96
C GLU A 881 -22.90 -10.42 -7.66
N LYS A 882 -22.12 -10.96 -6.71
CA LYS A 882 -21.93 -10.27 -5.43
C LYS A 882 -21.23 -8.94 -5.62
N THR A 883 -20.40 -8.82 -6.68
CA THR A 883 -19.70 -7.56 -6.93
C THR A 883 -20.64 -6.51 -7.50
N LYS A 884 -21.41 -6.88 -8.52
CA LYS A 884 -22.41 -5.96 -9.07
C LYS A 884 -23.34 -5.46 -7.98
N ALA A 885 -23.70 -6.34 -7.05
CA ALA A 885 -24.56 -5.92 -5.94
C ALA A 885 -23.82 -4.97 -5.00
N ASN A 886 -22.53 -5.21 -4.78
CA ASN A 886 -21.76 -4.37 -3.87
C ASN A 886 -21.65 -2.93 -4.38
N ILE A 887 -21.60 -2.75 -5.70
CA ILE A 887 -21.47 -1.40 -6.26
C ILE A 887 -22.72 -0.58 -5.94
N LYS A 888 -23.90 -1.16 -6.17
CA LYS A 888 -25.14 -0.48 -5.82
C LYS A 888 -25.20 -0.21 -4.33
N TRP A 889 -24.95 -1.23 -3.51
CA TRP A 889 -25.08 -1.10 -2.07
C TRP A 889 -24.25 0.07 -1.53
N VAL A 890 -23.00 0.17 -1.97
CA VAL A 890 -22.11 1.21 -1.44
C VAL A 890 -22.60 2.59 -1.87
N LYS A 891 -22.95 2.74 -3.14
CA LYS A 891 -23.50 4.02 -3.61
C LYS A 891 -24.71 4.42 -2.81
N GLU A 892 -25.56 3.45 -2.45
CA GLU A 892 -26.82 3.75 -1.78
C GLU A 892 -26.64 4.03 -0.29
N ASN A 893 -25.60 3.45 0.33
CA ASN A 893 -25.44 3.51 1.78
C ASN A 893 -24.15 4.17 2.23
N LYS A 894 -23.26 4.55 1.31
CA LYS A 894 -21.99 5.14 1.71
C LYS A 894 -22.19 6.34 2.62
N GLU A 895 -23.17 7.19 2.32
CA GLU A 895 -23.36 8.40 3.10
C GLU A 895 -24.18 8.16 4.35
N VAL A 896 -25.35 7.53 4.20
CA VAL A 896 -26.22 7.29 5.36
C VAL A 896 -25.48 6.52 6.44
N VAL A 897 -24.71 5.51 6.04
CA VAL A 897 -23.99 4.69 7.02
C VAL A 897 -22.96 5.53 7.76
N LEU A 898 -22.15 6.29 7.00
CA LEU A 898 -21.15 7.15 7.61
C LEU A 898 -21.78 8.05 8.67
N GLN A 899 -22.95 8.61 8.36
CA GLN A 899 -23.65 9.44 9.32
C GLN A 899 -23.95 8.66 10.60
N TRP A 900 -24.46 7.44 10.46
CA TRP A 900 -24.87 6.67 11.64
C TRP A 900 -23.67 6.33 12.51
N PHE A 901 -22.54 5.97 11.91
CA PHE A 901 -21.36 5.61 12.70
C PHE A 901 -20.80 6.82 13.45
N THR A 902 -20.75 7.98 12.79
CA THR A 902 -20.16 9.16 13.41
C THR A 902 -21.00 9.63 14.59
N GLU A 903 -22.33 9.54 14.47
CA GLU A 903 -23.21 10.01 15.54
C GLU A 903 -23.14 9.08 16.75
N ASN A 904 -23.34 7.78 16.53
CA ASN A 904 -23.40 6.82 17.63
C ASN A 904 -22.03 6.48 18.20
N SER A 905 -20.95 7.02 17.62
CA SER A 905 -19.62 6.78 18.15
C SER A 905 -19.30 7.66 19.35
N LYS A 906 -20.06 8.73 19.56
CA LYS A 906 -19.79 9.68 20.63
C LYS A 906 -20.33 9.17 21.95
N SER B 7 -0.92 31.44 -46.53
CA SER B 7 -0.23 31.93 -47.71
C SER B 7 -0.08 33.45 -47.67
N LYS B 8 -0.98 34.12 -46.95
CA LYS B 8 -0.93 35.57 -46.80
C LYS B 8 -0.13 35.93 -45.55
N ALA B 9 0.33 37.18 -45.51
CA ALA B 9 1.18 37.63 -44.41
C ALA B 9 0.48 37.51 -43.06
N TRP B 10 -0.84 37.71 -43.04
CA TRP B 10 -1.60 37.65 -41.79
C TRP B 10 -1.99 36.22 -41.40
N ASN B 11 -1.53 35.22 -42.16
CA ASN B 11 -1.72 33.83 -41.78
C ASN B 11 -0.44 33.19 -41.24
N ARG B 12 0.69 33.89 -41.30
CA ARG B 12 1.96 33.40 -40.77
C ARG B 12 2.17 33.95 -39.36
N TYR B 13 2.73 33.11 -38.49
CA TYR B 13 2.83 33.46 -37.08
C TYR B 13 3.93 34.48 -36.81
N ARG B 14 4.97 34.50 -37.63
CA ARG B 14 6.00 35.52 -37.48
C ARG B 14 5.55 36.83 -38.11
N LEU B 15 6.14 37.92 -37.64
CA LEU B 15 5.79 39.24 -38.15
C LEU B 15 6.57 39.56 -39.41
N PRO B 16 6.06 40.44 -40.26
CA PRO B 16 6.86 40.91 -41.40
C PRO B 16 7.94 41.87 -40.93
N ASN B 17 9.00 41.96 -41.74
CA ASN B 17 10.08 42.89 -41.46
C ASN B 17 9.81 44.29 -42.01
N THR B 18 8.67 44.50 -42.67
CA THR B 18 8.40 45.79 -43.28
C THR B 18 8.28 46.89 -42.24
N LEU B 19 7.43 46.69 -41.23
CA LEU B 19 7.16 47.70 -40.22
C LEU B 19 7.93 47.36 -38.95
N LYS B 20 8.54 48.38 -38.34
CA LYS B 20 9.26 48.23 -37.09
C LYS B 20 8.90 49.41 -36.19
N PRO B 21 8.43 49.17 -34.96
CA PRO B 21 8.03 50.27 -34.10
C PRO B 21 9.23 51.02 -33.54
N ASP B 22 8.97 52.26 -33.11
CA ASP B 22 9.99 53.12 -32.53
C ASP B 22 9.64 53.59 -31.13
N SER B 23 8.44 54.14 -30.91
CA SER B 23 7.98 54.56 -29.57
C SER B 23 6.51 54.18 -29.44
N TYR B 24 6.02 54.01 -28.22
CA TYR B 24 4.62 53.63 -27.92
C TYR B 24 4.08 54.50 -26.80
N ARG B 25 2.79 54.78 -26.80
CA ARG B 25 2.11 55.53 -25.73
C ARG B 25 0.97 54.63 -25.30
N VAL B 26 1.01 54.07 -24.09
CA VAL B 26 -0.07 53.15 -23.64
C VAL B 26 -0.73 53.73 -22.39
N THR B 27 -2.06 53.68 -22.31
CA THR B 27 -2.84 54.15 -21.16
C THR B 27 -3.85 53.08 -20.81
N LEU B 28 -3.80 52.59 -19.57
CA LEU B 28 -4.64 51.49 -19.13
C LEU B 28 -5.37 51.88 -17.85
N ARG B 29 -6.59 51.38 -17.72
CA ARG B 29 -7.46 51.70 -16.58
C ARG B 29 -8.23 50.45 -16.17
N PRO B 30 -7.80 49.77 -15.11
CA PRO B 30 -8.52 48.55 -14.69
C PRO B 30 -9.71 48.85 -13.79
N TYR B 31 -10.78 48.08 -13.97
CA TYR B 31 -11.96 48.15 -13.13
C TYR B 31 -11.95 46.92 -12.23
N LEU B 32 -11.55 47.11 -10.98
CA LEU B 32 -11.45 46.03 -10.01
C LEU B 32 -12.80 45.62 -9.44
N THR B 33 -13.89 46.14 -9.97
CA THR B 33 -15.23 45.76 -9.56
C THR B 33 -16.03 45.25 -10.75
N PRO B 34 -16.78 44.16 -10.60
CA PRO B 34 -17.58 43.67 -11.74
C PRO B 34 -18.56 44.71 -12.23
N ASN B 35 -18.78 44.72 -13.54
CA ASN B 35 -19.71 45.65 -14.16
C ASN B 35 -21.11 45.04 -14.17
N ASP B 36 -22.02 45.64 -14.92
CA ASP B 36 -23.40 45.16 -14.95
C ASP B 36 -23.50 43.73 -15.48
N ARG B 37 -22.53 43.29 -16.27
CA ARG B 37 -22.54 41.94 -16.81
C ARG B 37 -21.84 40.92 -15.91
N GLY B 38 -21.19 41.37 -14.84
CA GLY B 38 -20.47 40.45 -13.98
C GLY B 38 -19.08 40.11 -14.46
N LEU B 39 -18.43 41.02 -15.18
CA LEU B 39 -17.11 40.79 -15.76
C LEU B 39 -16.15 41.88 -15.28
N TYR B 40 -14.97 41.46 -14.83
CA TYR B 40 -13.89 42.40 -14.57
C TYR B 40 -13.30 42.85 -15.91
N VAL B 41 -13.34 44.16 -16.17
CA VAL B 41 -12.89 44.71 -17.44
C VAL B 41 -11.83 45.78 -17.18
N PHE B 42 -11.08 46.09 -18.23
CA PHE B 42 -10.09 47.15 -18.21
C PHE B 42 -10.19 47.92 -19.52
N LYS B 43 -10.17 49.25 -19.42
CA LYS B 43 -10.26 50.12 -20.58
C LYS B 43 -8.93 50.82 -20.79
N GLY B 44 -8.52 50.93 -22.06
CA GLY B 44 -7.23 51.52 -22.35
C GLY B 44 -7.16 52.03 -23.77
N SER B 45 -6.14 52.84 -24.02
CA SER B 45 -5.88 53.38 -25.35
C SER B 45 -4.38 53.36 -25.58
N SER B 46 -3.99 53.23 -26.86
CA SER B 46 -2.58 53.17 -27.20
C SER B 46 -2.35 53.84 -28.55
N THR B 47 -1.15 54.40 -28.72
CA THR B 47 -0.70 55.06 -29.96
C THR B 47 0.75 54.59 -30.19
N VAL B 48 1.05 53.94 -31.30
CA VAL B 48 2.40 53.46 -31.63
C VAL B 48 2.93 54.25 -32.81
N ARG B 49 4.19 54.70 -32.75
CA ARG B 49 4.89 55.42 -33.83
C ARG B 49 5.88 54.42 -34.41
N PHE B 50 5.73 54.02 -35.67
CA PHE B 50 6.57 53.03 -36.31
C PHE B 50 7.10 53.57 -37.63
N THR B 51 8.21 52.99 -38.08
CA THR B 51 8.87 53.35 -39.32
C THR B 51 8.64 52.26 -40.35
N CYS B 52 8.41 52.67 -41.60
CA CYS B 52 8.18 51.74 -42.70
C CYS B 52 9.50 51.44 -43.37
N LYS B 53 10.16 50.38 -42.91
CA LYS B 53 11.44 49.99 -43.50
C LYS B 53 11.29 49.47 -44.93
N GLU B 54 10.09 49.02 -45.31
CA GLU B 54 9.84 48.53 -46.65
C GLU B 54 8.40 48.84 -47.03
N ALA B 55 8.21 49.37 -48.24
CA ALA B 55 6.88 49.76 -48.69
C ALA B 55 5.92 48.59 -48.65
N THR B 56 4.74 48.81 -48.08
CA THR B 56 3.70 47.79 -48.02
C THR B 56 2.36 48.48 -47.86
N ASP B 57 1.31 47.79 -48.27
CA ASP B 57 -0.05 48.33 -48.25
C ASP B 57 -0.89 47.78 -47.10
N VAL B 58 -0.26 47.12 -46.13
CA VAL B 58 -0.99 46.56 -44.99
C VAL B 58 -0.15 46.77 -43.73
N ILE B 59 -0.82 47.01 -42.61
CA ILE B 59 -0.19 47.10 -41.30
C ILE B 59 -0.62 45.87 -40.52
N ILE B 60 0.34 44.99 -40.22
CA ILE B 60 0.10 43.77 -39.46
C ILE B 60 0.67 43.97 -38.06
N ILE B 61 -0.20 43.88 -37.06
CA ILE B 61 0.17 44.11 -35.66
C ILE B 61 -0.55 43.08 -34.79
N HIS B 62 0.02 42.80 -33.62
CA HIS B 62 -0.51 41.76 -32.76
C HIS B 62 -1.68 42.27 -31.93
N SER B 63 -2.69 41.41 -31.75
CA SER B 63 -3.86 41.73 -30.95
C SER B 63 -4.48 40.43 -30.48
N LYS B 64 -4.80 40.35 -29.19
CA LYS B 64 -5.29 39.12 -28.58
C LYS B 64 -6.45 39.46 -27.66
N LYS B 65 -7.61 38.84 -27.92
CA LYS B 65 -8.81 39.03 -27.11
C LYS B 65 -9.02 40.49 -26.73
N LEU B 66 -9.01 41.35 -27.76
CA LEU B 66 -9.21 42.78 -27.60
C LEU B 66 -10.37 43.23 -28.47
N ASN B 67 -11.19 44.14 -27.95
CA ASN B 67 -12.27 44.77 -28.69
C ASN B 67 -11.93 46.23 -28.91
N TYR B 68 -12.07 46.68 -30.15
CA TYR B 68 -11.66 48.03 -30.54
C TYR B 68 -12.87 48.93 -30.69
N THR B 69 -12.71 50.18 -30.28
CA THR B 69 -13.76 51.19 -30.41
C THR B 69 -13.69 51.80 -31.80
N LEU B 70 -14.71 51.56 -32.61
CA LEU B 70 -14.73 52.06 -33.99
C LEU B 70 -14.80 53.58 -33.99
N SER B 71 -13.78 54.21 -34.54
CA SER B 71 -13.70 55.66 -34.65
C SER B 71 -13.41 56.03 -36.11
N GLN B 72 -14.14 57.02 -36.61
CA GLN B 72 -14.03 57.45 -38.00
C GLN B 72 -14.28 56.32 -38.98
N GLY B 73 -14.98 55.28 -38.56
CA GLY B 73 -15.35 54.17 -39.42
C GLY B 73 -14.39 53.01 -39.42
N HIS B 74 -13.45 52.94 -38.49
CA HIS B 74 -12.47 51.87 -38.47
C HIS B 74 -12.03 51.61 -37.04
N ARG B 75 -11.41 50.43 -36.83
CA ARG B 75 -10.95 50.08 -35.50
C ARG B 75 -9.81 50.98 -35.03
N VAL B 76 -9.03 51.52 -35.96
CA VAL B 76 -7.87 52.32 -35.64
C VAL B 76 -7.87 53.57 -36.51
N VAL B 77 -7.06 54.55 -36.09
CA VAL B 77 -6.85 55.79 -36.83
C VAL B 77 -5.38 55.89 -37.19
N LEU B 78 -5.10 56.25 -38.44
CA LEU B 78 -3.74 56.34 -38.95
C LEU B 78 -3.43 57.80 -39.28
N ARG B 79 -2.39 58.33 -38.64
CA ARG B 79 -1.91 59.69 -38.88
C ARG B 79 -0.46 59.62 -39.35
N GLY B 80 0.10 60.80 -39.64
CA GLY B 80 1.48 60.89 -40.07
C GLY B 80 2.32 61.70 -39.09
N VAL B 81 3.63 61.52 -39.16
CA VAL B 81 4.57 62.28 -38.35
C VAL B 81 5.67 62.83 -39.25
N GLY B 82 6.13 64.03 -38.95
CA GLY B 82 7.18 64.64 -39.76
C GLY B 82 6.78 64.91 -41.19
N GLY B 83 5.50 65.23 -41.42
CA GLY B 83 5.03 65.54 -42.75
C GLY B 83 4.71 64.33 -43.62
N SER B 84 4.68 63.14 -43.04
CA SER B 84 4.33 61.96 -43.82
C SER B 84 2.84 61.95 -44.15
N GLN B 85 2.50 61.35 -45.29
CA GLN B 85 1.12 61.31 -45.77
C GLN B 85 0.52 59.95 -45.46
N PRO B 86 -0.33 59.81 -44.44
CA PRO B 86 -0.93 58.52 -44.14
C PRO B 86 -2.05 58.20 -45.11
N PRO B 87 -1.94 57.11 -45.88
CA PRO B 87 -3.02 56.75 -46.80
C PRO B 87 -4.34 56.52 -46.07
N ASP B 88 -5.40 56.41 -46.85
CA ASP B 88 -6.73 56.15 -46.30
C ASP B 88 -6.84 54.68 -45.92
N ILE B 89 -7.50 54.42 -44.80
CA ILE B 89 -7.72 53.06 -44.33
C ILE B 89 -8.87 52.45 -45.12
N ASP B 90 -8.64 51.25 -45.65
CA ASP B 90 -9.68 50.54 -46.40
C ASP B 90 -10.57 49.70 -45.49
N LYS B 91 -9.97 48.82 -44.69
CA LYS B 91 -10.73 48.00 -43.75
C LYS B 91 -9.73 47.37 -42.79
N THR B 92 -10.26 46.86 -41.67
CA THR B 92 -9.47 46.16 -40.68
C THR B 92 -10.17 44.87 -40.30
N GLU B 93 -9.36 43.89 -39.89
CA GLU B 93 -9.89 42.61 -39.46
C GLU B 93 -9.01 42.07 -38.35
N LEU B 94 -9.53 41.07 -37.63
CA LEU B 94 -8.80 40.40 -36.56
C LEU B 94 -8.74 38.91 -36.90
N VAL B 95 -7.53 38.37 -36.96
CA VAL B 95 -7.30 36.96 -37.27
C VAL B 95 -6.97 36.26 -35.96
N GLU B 96 -7.88 35.37 -35.53
CA GLU B 96 -7.72 34.73 -34.22
C GLU B 96 -6.52 33.80 -34.17
N PRO B 97 -6.31 32.90 -35.13
CA PRO B 97 -5.19 31.94 -35.00
C PRO B 97 -3.84 32.61 -34.75
N THR B 98 -3.51 33.64 -35.51
CA THR B 98 -2.21 34.30 -35.39
C THR B 98 -2.25 35.56 -34.52
N GLU B 99 -3.39 35.87 -33.92
CA GLU B 99 -3.51 36.98 -32.98
C GLU B 99 -2.97 38.27 -33.60
N TYR B 100 -3.61 38.66 -34.70
CA TYR B 100 -3.21 39.83 -35.48
C TYR B 100 -4.35 40.83 -35.55
N LEU B 101 -3.99 42.07 -35.87
CA LEU B 101 -4.93 43.12 -36.25
C LEU B 101 -4.46 43.63 -37.61
N VAL B 102 -5.09 43.15 -38.68
CA VAL B 102 -4.72 43.53 -40.03
C VAL B 102 -5.43 44.82 -40.41
N VAL B 103 -4.69 45.78 -40.94
CA VAL B 103 -5.23 47.06 -41.38
C VAL B 103 -4.93 47.18 -42.87
N HIS B 104 -5.94 46.93 -43.70
CA HIS B 104 -5.78 47.05 -45.14
C HIS B 104 -5.88 48.51 -45.55
N LEU B 105 -4.89 48.97 -46.31
CA LEU B 105 -4.80 50.36 -46.74
C LEU B 105 -5.09 50.49 -48.23
N LYS B 106 -5.63 51.63 -48.62
CA LYS B 106 -5.89 51.90 -50.03
C LYS B 106 -4.61 52.23 -50.79
N GLY B 107 -3.65 52.88 -50.12
CA GLY B 107 -2.37 53.16 -50.72
C GLY B 107 -1.23 52.57 -49.92
N SER B 108 -0.06 52.41 -50.54
CA SER B 108 1.08 51.83 -49.86
C SER B 108 1.84 52.89 -49.07
N LEU B 109 2.51 52.45 -48.01
CA LEU B 109 3.33 53.35 -47.22
C LEU B 109 4.67 53.60 -47.90
N VAL B 110 5.27 54.74 -47.57
CA VAL B 110 6.53 55.15 -48.16
C VAL B 110 7.68 54.59 -47.32
N LYS B 111 8.74 54.16 -48.00
CA LYS B 111 9.89 53.60 -47.31
C LYS B 111 10.65 54.69 -46.56
N ASP B 112 11.04 54.38 -45.31
CA ASP B 112 11.84 55.27 -44.48
C ASP B 112 11.06 56.53 -44.12
N SER B 113 9.78 56.38 -43.79
CA SER B 113 8.96 57.48 -43.32
C SER B 113 8.12 57.00 -42.15
N GLN B 114 8.07 57.80 -41.09
CA GLN B 114 7.38 57.40 -39.87
C GLN B 114 5.88 57.62 -39.99
N TYR B 115 5.13 56.86 -39.18
CA TYR B 115 3.69 57.00 -39.08
C TYR B 115 3.28 56.74 -37.64
N GLU B 116 2.05 57.14 -37.31
CA GLU B 116 1.51 56.95 -35.95
C GLU B 116 0.12 56.30 -36.08
N MET B 117 -0.15 55.22 -35.37
CA MET B 117 -1.45 54.53 -35.36
C MET B 117 -2.07 54.67 -33.98
N ASP B 118 -3.28 55.21 -33.92
CA ASP B 118 -4.01 55.41 -32.68
C ASP B 118 -5.11 54.37 -32.54
N SER B 119 -5.32 53.90 -31.30
CA SER B 119 -6.32 52.87 -31.05
C SER B 119 -6.93 53.08 -29.68
N GLU B 120 -8.21 52.71 -29.56
CA GLU B 120 -8.93 52.70 -28.30
C GLU B 120 -9.62 51.35 -28.18
N PHE B 121 -9.52 50.72 -27.01
CA PHE B 121 -9.91 49.33 -26.88
C PHE B 121 -10.35 49.03 -25.45
N GLU B 122 -11.00 47.87 -25.30
CA GLU B 122 -11.41 47.35 -24.00
C GLU B 122 -11.13 45.85 -23.99
N GLY B 123 -10.82 45.33 -22.80
CA GLY B 123 -10.50 43.92 -22.66
C GLY B 123 -11.02 43.38 -21.34
N GLU B 124 -10.95 42.05 -21.22
CA GLU B 124 -11.46 41.35 -20.06
C GLU B 124 -10.32 41.13 -19.07
N LEU B 125 -10.39 41.82 -17.92
CA LEU B 125 -9.41 41.65 -16.85
C LEU B 125 -9.69 40.34 -16.13
N ALA B 126 -9.49 39.25 -16.85
CA ALA B 126 -9.78 37.93 -16.32
C ALA B 126 -8.71 37.51 -15.31
N ASP B 127 -8.84 36.29 -14.82
CA ASP B 127 -7.85 35.72 -13.89
C ASP B 127 -7.15 34.53 -14.55
N ASP B 128 -6.63 34.73 -15.75
CA ASP B 128 -5.93 33.68 -16.49
C ASP B 128 -4.42 33.89 -16.53
N LEU B 129 -3.90 34.81 -15.71
CA LEU B 129 -2.46 35.03 -15.59
C LEU B 129 -1.81 35.27 -16.95
N ALA B 130 -2.45 36.13 -17.75
CA ALA B 130 -1.96 36.45 -19.08
C ALA B 130 -2.25 37.91 -19.38
N GLY B 131 -1.24 38.64 -19.84
CA GLY B 131 -1.42 40.05 -20.13
C GLY B 131 -1.84 40.80 -18.89
N PHE B 132 -2.83 41.69 -19.06
CA PHE B 132 -3.38 42.47 -17.95
C PHE B 132 -4.49 41.64 -17.32
N TYR B 133 -4.20 41.02 -16.19
CA TYR B 133 -5.13 40.12 -15.51
C TYR B 133 -5.31 40.56 -14.07
N ARG B 134 -6.30 39.97 -13.42
CA ARG B 134 -6.62 40.28 -12.02
C ARG B 134 -6.21 39.09 -11.15
N SER B 135 -5.53 39.41 -10.04
CA SER B 135 -5.14 38.41 -9.06
C SER B 135 -5.89 38.70 -7.75
N GLU B 136 -6.48 37.66 -7.19
CA GLU B 136 -7.30 37.79 -5.99
C GLU B 136 -6.62 37.09 -4.82
N TYR B 137 -6.82 37.62 -3.62
CA TYR B 137 -6.26 37.03 -2.41
C TYR B 137 -7.11 37.45 -1.22
N MET B 138 -6.94 36.71 -0.12
CA MET B 138 -7.71 36.91 1.10
C MET B 138 -6.81 37.53 2.16
N GLU B 139 -7.22 38.66 2.71
CA GLU B 139 -6.54 39.31 3.82
C GLU B 139 -7.48 39.26 5.03
N GLY B 140 -7.20 38.34 5.95
CA GLY B 140 -8.08 38.10 7.07
C GLY B 140 -9.36 37.43 6.61
N ASN B 141 -10.43 38.21 6.48
CA ASN B 141 -11.68 37.72 5.93
C ASN B 141 -12.21 38.65 4.84
N VAL B 142 -11.35 39.50 4.28
CA VAL B 142 -11.72 40.43 3.22
C VAL B 142 -11.15 39.92 1.90
N ARG B 143 -11.90 40.12 0.82
CA ARG B 143 -11.50 39.68 -0.51
C ARG B 143 -10.87 40.86 -1.23
N LYS B 144 -9.54 40.83 -1.35
CA LYS B 144 -8.80 41.89 -2.01
C LYS B 144 -8.54 41.54 -3.47
N VAL B 145 -8.64 42.54 -4.34
CA VAL B 145 -8.44 42.39 -5.77
C VAL B 145 -7.22 43.20 -6.19
N VAL B 146 -6.45 42.64 -7.11
CA VAL B 146 -5.22 43.27 -7.60
C VAL B 146 -5.15 43.11 -9.11
N ALA B 147 -4.79 44.18 -9.80
CA ALA B 147 -4.60 44.18 -11.25
C ALA B 147 -3.10 44.21 -11.54
N THR B 148 -2.57 43.07 -11.96
CA THR B 148 -1.15 42.91 -12.28
C THR B 148 -1.01 42.47 -13.72
N THR B 149 0.24 42.23 -14.13
CA THR B 149 0.56 41.85 -15.49
C THR B 149 1.40 40.58 -15.52
N GLN B 150 1.38 39.92 -16.67
CA GLN B 150 2.21 38.74 -16.92
C GLN B 150 2.48 38.69 -18.42
N MET B 151 3.54 39.36 -18.84
CA MET B 151 3.97 39.38 -20.23
C MET B 151 5.09 38.35 -20.37
N GLN B 152 4.78 37.24 -21.05
CA GLN B 152 5.73 36.15 -21.22
C GLN B 152 5.12 35.15 -22.18
N ALA B 153 5.92 34.69 -23.14
CA ALA B 153 5.41 33.86 -24.24
C ALA B 153 4.43 34.65 -25.10
N ALA B 154 4.65 35.96 -25.21
CA ALA B 154 3.87 36.82 -26.09
C ALA B 154 2.42 36.98 -25.62
N ASP B 155 2.23 37.68 -24.51
CA ASP B 155 0.90 38.04 -24.03
C ASP B 155 0.71 39.53 -23.86
N ALA B 156 1.71 40.34 -24.19
CA ALA B 156 1.51 41.79 -24.18
C ALA B 156 0.40 42.19 -25.15
N ARG B 157 0.27 41.46 -26.25
CA ARG B 157 -0.83 41.71 -27.19
C ARG B 157 -2.19 41.57 -26.52
N LYS B 158 -2.27 40.86 -25.40
CA LYS B 158 -3.54 40.70 -24.70
C LYS B 158 -3.94 41.95 -23.92
N SER B 159 -2.98 42.84 -23.64
CA SER B 159 -3.26 44.06 -22.91
C SER B 159 -3.43 45.29 -23.80
N PHE B 160 -2.71 45.36 -24.91
CA PHE B 160 -2.83 46.47 -25.84
C PHE B 160 -2.18 46.06 -27.16
N PRO B 161 -2.60 46.67 -28.28
CA PRO B 161 -2.00 46.30 -29.56
C PRO B 161 -0.56 46.77 -29.67
N CYS B 162 0.28 45.91 -30.22
CA CYS B 162 1.71 46.18 -30.33
C CYS B 162 2.33 45.14 -31.25
N PHE B 163 3.62 45.32 -31.53
CA PHE B 163 4.39 44.35 -32.31
C PHE B 163 5.03 43.37 -31.33
N ASP B 164 4.20 42.45 -30.83
CA ASP B 164 4.58 41.56 -29.73
C ASP B 164 5.60 40.55 -30.22
N GLU B 165 6.85 41.01 -30.35
CA GLU B 165 7.98 40.15 -30.67
C GLU B 165 9.20 40.74 -29.97
N PRO B 166 10.07 39.91 -29.38
CA PRO B 166 11.18 40.46 -28.60
C PRO B 166 12.14 41.31 -29.43
N ALA B 167 12.22 41.09 -30.74
CA ALA B 167 13.11 41.87 -31.59
C ALA B 167 12.56 43.25 -31.91
N MET B 168 11.26 43.47 -31.74
CA MET B 168 10.63 44.76 -32.03
C MET B 168 10.69 45.63 -30.77
N LYS B 169 11.90 46.00 -30.40
CA LYS B 169 12.09 46.86 -29.24
C LYS B 169 11.58 48.27 -29.51
N ALA B 170 11.23 48.97 -28.44
CA ALA B 170 10.70 50.32 -28.53
C ALA B 170 10.61 50.90 -27.13
N GLU B 171 10.34 52.19 -27.05
CA GLU B 171 10.21 52.95 -25.77
C GLU B 171 8.71 53.05 -25.47
N PHE B 172 8.33 52.93 -24.21
CA PHE B 172 6.91 52.86 -23.79
C PHE B 172 6.57 53.95 -22.79
N ASN B 173 5.68 54.89 -23.13
CA ASN B 173 5.19 55.90 -22.20
C ASN B 173 3.92 55.36 -21.56
N ILE B 174 4.04 54.73 -20.39
CA ILE B 174 2.91 54.01 -19.74
C ILE B 174 2.08 54.97 -18.88
N THR B 175 0.76 54.89 -18.95
CA THR B 175 -0.15 55.69 -18.10
C THR B 175 -1.15 54.74 -17.43
N LEU B 176 -1.33 54.81 -16.12
CA LEU B 176 -2.29 53.98 -15.42
C LEU B 176 -3.30 54.85 -14.70
N ILE B 177 -4.57 54.50 -14.82
CA ILE B 177 -5.66 55.18 -14.14
C ILE B 177 -6.24 54.20 -13.12
N HIS B 178 -6.08 54.51 -11.84
CA HIS B 178 -6.40 53.62 -10.75
C HIS B 178 -7.24 54.35 -9.70
N PRO B 179 -7.98 53.62 -8.85
CA PRO B 179 -8.73 54.26 -7.78
C PRO B 179 -7.78 55.22 -7.03
N LYS B 180 -8.33 56.09 -6.19
CA LYS B 180 -7.55 57.10 -5.43
C LYS B 180 -6.88 56.45 -4.21
N ASP B 181 -7.35 55.28 -3.78
CA ASP B 181 -6.83 54.55 -2.59
C ASP B 181 -5.96 53.37 -3.03
N LEU B 182 -5.56 53.29 -4.30
CA LEU B 182 -4.70 52.22 -4.79
C LEU B 182 -3.45 52.80 -5.41
N THR B 183 -2.36 52.04 -5.32
CA THR B 183 -1.07 52.44 -5.88
C THR B 183 -0.89 51.83 -7.26
N ALA B 184 -0.14 52.52 -8.09
CA ALA B 184 0.17 52.07 -9.44
C ALA B 184 1.68 52.04 -9.63
N LEU B 185 2.17 50.97 -10.27
CA LEU B 185 3.60 50.79 -10.49
C LEU B 185 3.82 50.34 -11.93
N SER B 186 5.06 50.49 -12.39
CA SER B 186 5.43 50.05 -13.73
C SER B 186 6.96 49.94 -13.78
N ASN B 187 7.48 49.72 -14.99
CA ASN B 187 8.92 49.51 -15.14
C ASN B 187 9.71 50.73 -14.66
N MET B 188 9.29 51.92 -15.06
CA MET B 188 9.99 53.14 -14.71
C MET B 188 9.36 53.80 -13.49
N LEU B 189 9.98 54.88 -13.03
CA LEU B 189 9.45 55.65 -11.92
C LEU B 189 8.39 56.63 -12.42
N PRO B 190 7.51 57.09 -11.53
CA PRO B 190 6.52 58.10 -11.94
C PRO B 190 7.18 59.44 -12.21
N LYS B 191 6.62 60.21 -13.16
CA LYS B 191 7.11 61.56 -13.53
C LYS B 191 6.14 62.52 -12.83
N GLY B 192 6.38 62.81 -11.55
CA GLY B 192 5.53 63.64 -10.75
C GLY B 192 4.58 62.83 -9.88
N PRO B 193 3.82 63.50 -9.03
CA PRO B 193 2.89 62.80 -8.15
C PRO B 193 1.60 62.42 -8.87
N SER B 194 0.85 61.51 -8.27
CA SER B 194 -0.41 60.99 -8.84
C SER B 194 -1.50 62.07 -8.68
N THR B 195 -2.19 62.47 -9.75
CA THR B 195 -3.21 63.55 -9.74
C THR B 195 -4.62 62.97 -9.92
N PRO B 196 -5.68 63.58 -9.34
CA PRO B 196 -7.04 63.06 -9.45
C PRO B 196 -7.57 63.21 -10.88
N LEU B 197 -8.17 62.17 -11.46
CA LEU B 197 -8.76 62.29 -12.79
C LEU B 197 -9.84 63.37 -12.78
N PRO B 198 -9.92 64.22 -13.82
CA PRO B 198 -10.93 65.27 -13.82
C PRO B 198 -12.36 64.74 -13.98
N GLU B 199 -12.57 63.83 -14.94
CA GLU B 199 -13.91 63.34 -15.20
C GLU B 199 -14.51 62.68 -13.98
N ASP B 200 -13.70 61.97 -13.20
CA ASP B 200 -14.18 61.29 -12.00
C ASP B 200 -13.13 61.41 -10.90
N PRO B 201 -13.42 62.15 -9.82
CA PRO B 201 -12.40 62.34 -8.77
C PRO B 201 -12.05 61.07 -8.02
N ASN B 202 -12.89 60.03 -8.08
CA ASN B 202 -12.61 58.80 -7.35
C ASN B 202 -11.31 58.14 -7.80
N TRP B 203 -10.88 58.40 -9.03
CA TRP B 203 -9.67 57.79 -9.58
C TRP B 203 -8.52 58.79 -9.59
N ASN B 204 -7.29 58.29 -9.55
CA ASN B 204 -6.03 59.04 -9.71
C ASN B 204 -5.40 58.63 -11.05
N VAL B 205 -4.43 59.42 -11.51
CA VAL B 205 -3.69 59.19 -12.74
C VAL B 205 -2.20 59.17 -12.41
N THR B 206 -1.49 58.20 -12.99
CA THR B 206 -0.05 58.06 -12.76
C THR B 206 0.60 57.76 -14.10
N GLU B 207 1.34 58.73 -14.68
CA GLU B 207 2.11 58.54 -15.93
C GLU B 207 3.55 58.29 -15.55
N PHE B 208 4.25 57.38 -16.23
CA PHE B 208 5.65 57.04 -15.91
C PHE B 208 6.61 57.55 -16.97
N HIS B 209 7.89 57.55 -16.60
CA HIS B 209 9.01 58.00 -17.46
C HIS B 209 9.13 57.08 -18.66
N THR B 210 9.65 57.60 -19.76
CA THR B 210 9.82 56.82 -21.00
C THR B 210 10.77 55.65 -20.69
N THR B 211 10.42 54.42 -21.03
CA THR B 211 11.28 53.27 -20.83
C THR B 211 12.37 53.25 -21.89
N PRO B 212 13.51 52.62 -21.61
CA PRO B 212 14.52 52.41 -22.66
C PRO B 212 13.97 51.48 -23.74
N LYS B 213 14.75 51.34 -24.82
CA LYS B 213 14.37 50.41 -25.86
C LYS B 213 14.35 48.99 -25.30
N MET B 214 13.16 48.49 -24.98
CA MET B 214 12.99 47.19 -24.36
C MET B 214 11.99 46.37 -25.16
N SER B 215 11.82 45.12 -24.75
CA SER B 215 10.92 44.20 -25.42
C SER B 215 9.55 44.21 -24.75
N THR B 216 8.51 43.94 -25.56
CA THR B 216 7.15 44.01 -25.05
C THR B 216 6.93 43.02 -23.91
N TYR B 217 7.55 41.85 -23.97
CA TYR B 217 7.32 40.83 -22.97
C TYR B 217 7.89 41.18 -21.60
N LEU B 218 8.60 42.31 -21.48
CA LEU B 218 9.16 42.73 -20.20
C LEU B 218 8.39 43.89 -19.57
N LEU B 219 7.30 44.32 -20.19
CA LEU B 219 6.47 45.37 -19.62
C LEU B 219 5.73 44.85 -18.40
N ALA B 220 5.29 45.78 -17.56
CA ALA B 220 4.57 45.41 -16.34
C ALA B 220 3.79 46.59 -15.82
N PHE B 221 2.49 46.40 -15.60
CA PHE B 221 1.61 47.41 -15.02
C PHE B 221 0.85 46.76 -13.87
N ILE B 222 1.06 47.26 -12.66
CA ILE B 222 0.48 46.68 -11.46
C ILE B 222 -0.29 47.75 -10.70
N VAL B 223 -1.46 47.38 -10.19
CA VAL B 223 -2.28 48.26 -9.36
C VAL B 223 -2.70 47.45 -8.13
N SER B 224 -2.34 47.92 -6.95
CA SER B 224 -2.60 47.18 -5.72
C SER B 224 -2.59 48.14 -4.55
N GLU B 225 -2.85 47.59 -3.35
CA GLU B 225 -2.84 48.35 -2.11
C GLU B 225 -1.61 48.03 -1.26
N PHE B 226 -0.56 47.49 -1.88
CA PHE B 226 0.61 47.04 -1.14
C PHE B 226 1.42 48.25 -0.62
N ASP B 227 2.22 47.98 0.40
CA ASP B 227 3.22 48.90 0.90
C ASP B 227 4.60 48.40 0.45
N TYR B 228 5.65 48.96 1.03
CA TYR B 228 6.99 48.54 0.65
C TYR B 228 8.02 49.03 1.67
N VAL B 229 9.19 48.41 1.62
CA VAL B 229 10.37 48.85 2.35
C VAL B 229 11.47 49.11 1.33
N GLU B 230 12.13 50.25 1.43
CA GLU B 230 13.13 50.66 0.45
C GLU B 230 14.48 50.85 1.12
N LYS B 231 15.50 51.01 0.27
CA LYS B 231 16.86 51.25 0.75
C LYS B 231 17.65 51.91 -0.38
N GLN B 232 18.07 53.15 -0.16
CA GLN B 232 18.88 53.86 -1.16
C GLN B 232 20.20 53.13 -1.36
N ALA B 233 20.42 52.63 -2.57
CA ALA B 233 21.60 51.84 -2.85
C ALA B 233 22.85 52.71 -2.80
N SER B 234 24.01 52.03 -2.74
CA SER B 234 25.29 52.73 -2.70
C SER B 234 25.64 53.37 -4.04
N ASN B 235 25.03 52.91 -5.13
CA ASN B 235 25.30 53.43 -6.47
C ASN B 235 24.13 54.26 -7.00
N GLY B 236 23.30 54.81 -6.12
CA GLY B 236 22.19 55.64 -6.53
C GLY B 236 20.99 54.90 -7.05
N VAL B 237 20.92 53.58 -6.88
CA VAL B 237 19.81 52.77 -7.35
C VAL B 237 18.75 52.69 -6.26
N LEU B 238 17.49 52.87 -6.64
CA LEU B 238 16.38 52.76 -5.72
C LEU B 238 15.94 51.31 -5.61
N ILE B 239 15.94 50.78 -4.39
CA ILE B 239 15.54 49.41 -4.10
C ILE B 239 14.25 49.46 -3.29
N ARG B 240 13.22 48.76 -3.76
CA ARG B 240 11.95 48.67 -3.05
C ARG B 240 11.46 47.24 -3.06
N ILE B 241 10.92 46.80 -1.93
CA ILE B 241 10.37 45.45 -1.78
C ILE B 241 8.88 45.62 -1.47
N TRP B 242 8.03 45.35 -2.46
CA TRP B 242 6.60 45.51 -2.30
C TRP B 242 5.97 44.18 -1.87
N ALA B 243 4.97 44.27 -1.00
CA ALA B 243 4.26 43.10 -0.50
C ALA B 243 3.03 43.60 0.27
N ARG B 244 2.26 42.65 0.80
CA ARG B 244 1.05 43.01 1.53
C ARG B 244 1.40 43.94 2.69
N PRO B 245 0.47 44.80 3.10
CA PRO B 245 0.79 45.74 4.19
C PRO B 245 1.25 45.05 5.46
N SER B 246 0.44 44.13 5.98
CA SER B 246 0.81 43.45 7.23
C SER B 246 2.15 42.73 7.09
N ALA B 247 2.34 42.03 5.96
CA ALA B 247 3.58 41.28 5.77
C ALA B 247 4.79 42.20 5.80
N ILE B 248 4.67 43.39 5.21
CA ILE B 248 5.77 44.35 5.28
C ILE B 248 5.97 44.83 6.70
N ALA B 249 4.88 45.12 7.42
CA ALA B 249 5.00 45.55 8.80
C ALA B 249 5.57 44.44 9.68
N ALA B 250 5.12 43.20 9.48
CA ALA B 250 5.65 42.09 10.24
C ALA B 250 7.13 41.86 9.98
N GLY B 251 7.62 42.39 8.87
CA GLY B 251 9.04 42.34 8.50
C GLY B 251 9.39 41.11 7.67
N HIS B 252 8.39 40.49 7.05
CA HIS B 252 8.58 39.26 6.22
C HIS B 252 9.37 39.59 4.95
N GLY B 253 9.43 40.85 4.54
CA GLY B 253 10.16 41.29 3.33
C GLY B 253 11.46 42.01 3.66
N ASP B 254 11.88 41.98 4.93
CA ASP B 254 13.11 42.67 5.41
C ASP B 254 14.34 41.92 4.87
N TYR B 255 14.25 40.60 4.72
CA TYR B 255 15.38 39.77 4.23
C TYR B 255 15.47 39.86 2.70
N ALA B 256 14.38 40.22 2.02
CA ALA B 256 14.35 40.37 0.56
C ALA B 256 15.13 41.63 0.18
N LEU B 257 15.00 42.67 1.01
CA LEU B 257 15.68 43.97 0.84
C LEU B 257 17.16 43.77 1.17
N ASN B 258 17.44 43.27 2.37
CA ASN B 258 18.80 42.97 2.88
C ASN B 258 19.74 42.48 1.79
N VAL B 259 19.33 41.45 1.03
CA VAL B 259 20.18 40.79 0.00
C VAL B 259 20.01 41.39 -1.40
N THR B 260 19.00 42.22 -1.68
CA THR B 260 18.84 42.78 -3.02
C THR B 260 19.95 43.77 -3.33
N GLY B 261 20.37 44.56 -2.34
CA GLY B 261 21.44 45.50 -2.52
C GLY B 261 22.75 44.82 -2.87
N PRO B 262 23.24 43.96 -1.97
CA PRO B 262 24.47 43.21 -2.28
C PRO B 262 24.43 42.50 -3.61
N ILE B 263 23.33 41.81 -3.93
CA ILE B 263 23.23 41.10 -5.20
C ILE B 263 23.36 42.08 -6.36
N LEU B 264 22.53 43.13 -6.36
CA LEU B 264 22.55 44.10 -7.44
C LEU B 264 23.90 44.77 -7.55
N ASN B 265 24.60 44.95 -6.42
CA ASN B 265 25.94 45.52 -6.46
C ASN B 265 26.94 44.54 -7.08
N PHE B 266 26.79 43.24 -6.80
CA PHE B 266 27.70 42.25 -7.32
C PHE B 266 27.63 42.19 -8.85
N PHE B 267 26.41 42.06 -9.38
CA PHE B 267 26.25 41.95 -10.83
C PHE B 267 26.85 43.15 -11.56
N ALA B 268 26.81 44.32 -10.93
CA ALA B 268 27.40 45.51 -11.57
C ALA B 268 28.88 45.30 -11.86
N GLY B 269 29.58 44.62 -10.96
CA GLY B 269 31.00 44.36 -11.16
C GLY B 269 31.26 43.10 -11.97
N HIS B 270 30.26 42.23 -12.05
CA HIS B 270 30.40 41.01 -12.83
C HIS B 270 30.20 41.27 -14.32
N TYR B 271 29.26 42.14 -14.66
CA TYR B 271 29.05 42.56 -16.04
C TYR B 271 29.86 43.80 -16.41
N ASP B 272 30.52 44.44 -15.44
CA ASP B 272 31.22 45.69 -15.69
C ASP B 272 30.28 46.73 -16.30
N THR B 273 29.04 46.73 -15.82
CA THR B 273 27.97 47.58 -16.34
C THR B 273 27.11 48.03 -15.16
N PRO B 274 26.73 49.30 -15.12
CA PRO B 274 25.85 49.76 -14.03
C PRO B 274 24.40 49.40 -14.29
N TYR B 275 23.64 49.33 -13.19
CA TYR B 275 22.22 49.00 -13.28
C TYR B 275 21.52 49.99 -14.21
N PRO B 276 20.97 49.54 -15.34
CA PRO B 276 20.51 50.50 -16.35
C PRO B 276 19.26 51.28 -15.96
N LEU B 277 18.49 50.83 -14.97
CA LEU B 277 17.26 51.50 -14.61
C LEU B 277 17.44 52.33 -13.34
N PRO B 278 16.53 53.28 -13.08
CA PRO B 278 16.65 54.10 -11.86
C PRO B 278 16.09 53.44 -10.61
N LYS B 279 15.30 52.38 -10.74
CA LYS B 279 14.74 51.68 -9.60
C LYS B 279 14.73 50.19 -9.89
N SER B 280 14.52 49.40 -8.83
CA SER B 280 14.40 47.94 -8.94
C SER B 280 13.33 47.51 -7.94
N ASP B 281 12.08 47.48 -8.40
CA ASP B 281 10.97 47.06 -7.56
C ASP B 281 10.87 45.54 -7.52
N GLN B 282 10.55 45.02 -6.34
CA GLN B 282 10.36 43.58 -6.13
C GLN B 282 9.04 43.39 -5.43
N ILE B 283 8.05 42.81 -6.13
CA ILE B 283 6.70 42.65 -5.63
C ILE B 283 6.40 41.16 -5.50
N GLY B 284 5.71 40.80 -4.42
CA GLY B 284 5.33 39.43 -4.20
C GLY B 284 3.82 39.23 -4.18
N LEU B 285 3.29 38.58 -5.21
CA LEU B 285 1.85 38.33 -5.26
C LEU B 285 1.52 37.05 -4.49
N PRO B 286 0.42 37.03 -3.73
CA PRO B 286 0.02 35.77 -3.07
C PRO B 286 -0.17 34.63 -4.06
N ASP B 287 -0.88 34.88 -5.16
CA ASP B 287 -1.14 33.87 -6.18
C ASP B 287 -0.38 34.25 -7.44
N PHE B 288 0.71 33.53 -7.72
CA PHE B 288 1.47 33.70 -8.95
C PHE B 288 1.88 32.32 -9.45
N ASN B 289 1.32 31.92 -10.59
CA ASN B 289 1.61 30.61 -11.15
C ASN B 289 3.11 30.41 -11.36
N ALA B 290 3.67 31.09 -12.36
CA ALA B 290 5.10 30.96 -12.63
C ALA B 290 5.90 31.39 -11.42
N GLY B 291 7.10 30.82 -11.29
CA GLY B 291 7.94 31.13 -10.14
C GLY B 291 8.17 32.62 -10.00
N ALA B 292 8.53 33.27 -11.09
CA ALA B 292 8.77 34.71 -11.10
C ALA B 292 8.91 35.16 -12.55
N MET B 293 8.78 36.46 -12.76
CA MET B 293 8.92 37.05 -14.08
C MET B 293 9.89 38.23 -13.99
N GLU B 294 10.84 38.28 -14.92
CA GLU B 294 11.93 39.26 -14.90
C GLU B 294 11.55 40.57 -15.56
N ASN B 295 10.35 41.10 -15.31
CA ASN B 295 9.98 42.38 -15.89
C ASN B 295 11.00 43.44 -15.48
N TRP B 296 11.41 44.25 -16.45
CA TRP B 296 12.50 45.20 -16.23
C TRP B 296 12.08 46.25 -15.20
N GLY B 297 12.76 46.25 -14.06
CA GLY B 297 12.49 47.20 -13.00
C GLY B 297 11.30 46.89 -12.13
N LEU B 298 10.59 45.78 -12.38
CA LEU B 298 9.41 45.44 -11.59
C LEU B 298 9.22 43.92 -11.63
N VAL B 299 10.10 43.21 -10.94
CA VAL B 299 10.06 41.75 -10.92
C VAL B 299 8.92 41.29 -10.03
N THR B 300 8.24 40.22 -10.45
CA THR B 300 7.12 39.63 -9.72
C THR B 300 7.51 38.25 -9.21
N TYR B 301 7.10 37.95 -7.98
CA TYR B 301 7.45 36.68 -7.34
C TYR B 301 6.20 36.05 -6.74
N ARG B 302 6.32 34.77 -6.39
CA ARG B 302 5.39 34.15 -5.46
C ARG B 302 5.64 34.70 -4.06
N GLU B 303 4.56 34.98 -3.33
CA GLU B 303 4.71 35.52 -1.98
C GLU B 303 5.65 34.64 -1.16
N ASN B 304 5.42 33.32 -1.16
CA ASN B 304 6.27 32.40 -0.42
C ASN B 304 7.69 32.34 -0.99
N SER B 305 7.88 32.75 -2.24
CA SER B 305 9.19 32.73 -2.87
C SER B 305 9.98 34.01 -2.64
N LEU B 306 9.35 35.06 -2.14
CA LEU B 306 10.02 36.33 -1.87
C LEU B 306 10.02 36.70 -0.39
N LEU B 307 8.93 36.44 0.32
CA LEU B 307 8.88 36.71 1.75
C LEU B 307 9.57 35.60 2.53
N PHE B 308 9.96 35.93 3.76
CA PHE B 308 10.65 34.98 4.62
C PHE B 308 10.40 35.37 6.07
N ASP B 309 9.82 34.44 6.83
CA ASP B 309 9.54 34.66 8.25
C ASP B 309 10.53 33.88 9.09
N PRO B 310 11.39 34.53 9.87
CA PRO B 310 12.36 33.77 10.68
C PRO B 310 11.72 32.77 11.63
N LEU B 311 10.44 32.90 11.94
CA LEU B 311 9.80 32.05 12.94
C LEU B 311 9.12 30.83 12.36
N SER B 312 8.86 30.79 11.04
CA SER B 312 8.18 29.67 10.42
C SER B 312 8.84 29.17 9.13
N SER B 313 9.72 29.96 8.51
CA SER B 313 10.40 29.53 7.30
C SER B 313 11.72 28.87 7.65
N SER B 314 12.13 27.93 6.82
CA SER B 314 13.32 27.13 7.05
C SER B 314 14.50 27.69 6.25
N SER B 315 15.70 27.27 6.66
CA SER B 315 16.91 27.68 5.93
C SER B 315 16.84 27.24 4.47
N SER B 316 16.13 26.15 4.19
CA SER B 316 15.94 25.75 2.79
C SER B 316 15.02 26.72 2.06
N ASN B 317 14.03 27.28 2.74
CA ASN B 317 13.22 28.33 2.14
C ASN B 317 14.03 29.60 1.95
N LYS B 318 14.83 29.95 2.96
CA LYS B 318 15.73 31.10 2.82
C LYS B 318 16.64 30.96 1.61
N GLU B 319 16.98 29.72 1.24
CA GLU B 319 17.81 29.52 0.06
C GLU B 319 17.04 29.80 -1.22
N ARG B 320 15.80 29.33 -1.31
CA ARG B 320 14.99 29.60 -2.49
C ARG B 320 14.83 31.11 -2.71
N VAL B 321 14.55 31.85 -1.63
CA VAL B 321 14.35 33.30 -1.75
C VAL B 321 15.59 33.95 -2.35
N VAL B 322 16.76 33.62 -1.81
CA VAL B 322 18.00 34.24 -2.30
C VAL B 322 18.29 33.81 -3.72
N THR B 323 18.16 32.52 -4.01
CA THR B 323 18.51 32.03 -5.34
C THR B 323 17.56 32.57 -6.40
N VAL B 324 16.26 32.61 -6.12
CA VAL B 324 15.30 33.12 -7.10
C VAL B 324 15.52 34.62 -7.32
N ILE B 325 15.76 35.37 -6.24
CA ILE B 325 16.06 36.79 -6.39
C ILE B 325 17.25 36.98 -7.32
N ALA B 326 18.36 36.29 -7.04
CA ALA B 326 19.54 36.42 -7.88
C ALA B 326 19.23 36.08 -9.33
N HIS B 327 18.38 35.08 -9.56
CA HIS B 327 18.06 34.70 -10.93
C HIS B 327 17.37 35.86 -11.67
N GLU B 328 16.36 36.46 -11.05
CA GLU B 328 15.58 37.49 -11.73
C GLU B 328 16.39 38.76 -11.93
N LEU B 329 17.23 39.12 -10.95
CA LEU B 329 18.05 40.32 -11.10
C LEU B 329 19.09 40.16 -12.19
N ALA B 330 19.59 38.93 -12.40
CA ALA B 330 20.55 38.70 -13.48
C ALA B 330 19.92 39.02 -14.83
N HIS B 331 18.60 38.85 -14.96
CA HIS B 331 17.93 39.13 -16.22
C HIS B 331 17.91 40.62 -16.53
N GLN B 332 18.00 41.48 -15.51
CA GLN B 332 17.97 42.93 -15.76
C GLN B 332 19.09 43.33 -16.71
N TRP B 333 20.27 42.72 -16.56
CA TRP B 333 21.36 42.92 -17.51
C TRP B 333 21.25 41.96 -18.68
N PHE B 334 21.33 40.66 -18.40
CA PHE B 334 21.45 39.61 -19.42
C PHE B 334 20.05 39.08 -19.75
N GLY B 335 19.43 39.66 -20.77
CA GLY B 335 18.10 39.25 -21.19
C GLY B 335 17.18 40.44 -21.42
N ASN B 336 17.27 41.45 -20.55
CA ASN B 336 16.46 42.64 -20.66
C ASN B 336 17.19 43.78 -21.37
N LEU B 337 18.39 44.12 -20.91
CA LEU B 337 19.22 45.09 -21.64
C LEU B 337 19.67 44.52 -22.96
N VAL B 338 20.03 43.23 -22.99
CA VAL B 338 20.44 42.54 -24.21
C VAL B 338 19.46 41.38 -24.39
N THR B 339 18.43 41.61 -25.18
CA THR B 339 17.40 40.60 -25.41
C THR B 339 17.84 39.65 -26.52
N ILE B 340 17.13 38.54 -26.64
CA ILE B 340 17.38 37.54 -27.67
C ILE B 340 16.65 37.94 -28.94
N GLU B 341 17.19 37.54 -30.09
CA GLU B 341 16.54 37.84 -31.35
C GLU B 341 15.18 37.14 -31.45
N TRP B 342 15.11 35.89 -30.98
CA TRP B 342 13.89 35.11 -31.04
C TRP B 342 13.93 34.07 -29.94
N TRP B 343 12.75 33.51 -29.64
CA TRP B 343 12.63 32.57 -28.53
C TRP B 343 13.49 31.32 -28.73
N ASN B 344 13.88 31.02 -29.97
CA ASN B 344 14.65 29.80 -30.22
C ASN B 344 15.94 29.76 -29.41
N ASP B 345 16.48 30.93 -29.05
CA ASP B 345 17.70 31.02 -28.27
C ASP B 345 17.41 31.30 -26.80
N LEU B 346 16.23 30.92 -26.32
CA LEU B 346 15.88 31.14 -24.92
C LEU B 346 16.85 30.44 -23.98
N TRP B 347 17.38 29.28 -24.38
CA TRP B 347 18.31 28.56 -23.52
C TRP B 347 19.49 29.44 -23.14
N LEU B 348 19.96 30.29 -24.06
CA LEU B 348 21.08 31.15 -23.76
C LEU B 348 20.74 32.14 -22.64
N ASN B 349 19.50 32.61 -22.61
CA ASN B 349 19.09 33.61 -21.63
C ASN B 349 18.80 32.97 -20.27
N GLU B 350 17.83 32.06 -20.23
CA GLU B 350 17.49 31.42 -18.96
C GLU B 350 18.61 30.51 -18.48
N GLY B 351 19.33 29.86 -19.39
CA GLY B 351 20.46 29.06 -18.97
C GLY B 351 21.52 29.88 -18.27
N PHE B 352 21.83 31.06 -18.80
CA PHE B 352 22.83 31.93 -18.16
C PHE B 352 22.35 32.40 -16.79
N ALA B 353 21.08 32.79 -16.69
CA ALA B 353 20.55 33.22 -15.41
C ALA B 353 20.55 32.07 -14.41
N SER B 354 20.29 30.85 -14.88
CA SER B 354 20.25 29.70 -13.99
C SER B 354 21.64 29.32 -13.48
N TYR B 355 22.69 29.62 -14.26
CA TYR B 355 24.04 29.38 -13.78
C TYR B 355 24.51 30.48 -12.85
N VAL B 356 24.31 31.73 -13.23
CA VAL B 356 24.82 32.86 -12.46
C VAL B 356 23.99 33.15 -11.23
N GLU B 357 22.78 32.58 -11.13
CA GLU B 357 22.00 32.75 -9.90
C GLU B 357 22.78 32.30 -8.68
N TYR B 358 23.66 31.32 -8.84
CA TYR B 358 24.50 30.88 -7.73
C TYR B 358 25.63 31.87 -7.47
N LEU B 359 26.34 32.25 -8.52
CA LEU B 359 27.45 33.20 -8.37
C LEU B 359 26.99 34.47 -7.65
N GLY B 360 25.75 34.89 -7.86
CA GLY B 360 25.22 36.04 -7.18
C GLY B 360 24.86 35.75 -5.73
N ALA B 361 24.18 34.63 -5.51
CA ALA B 361 23.82 34.24 -4.15
C ALA B 361 25.05 33.99 -3.29
N ASP B 362 26.16 33.57 -3.91
CA ASP B 362 27.40 33.42 -3.17
C ASP B 362 27.88 34.75 -2.61
N TYR B 363 27.62 35.85 -3.31
CA TYR B 363 28.04 37.15 -2.83
C TYR B 363 27.20 37.60 -1.65
N ALA B 364 25.88 37.43 -1.73
CA ALA B 364 25.00 37.86 -0.65
C ALA B 364 25.30 37.11 0.65
N GLU B 365 25.36 35.77 0.56
CA GLU B 365 25.62 34.90 1.71
C GLU B 365 26.82 34.03 1.37
N PRO B 366 28.04 34.54 1.54
CA PRO B 366 29.23 33.78 1.14
C PRO B 366 29.64 32.67 2.11
N THR B 367 29.04 32.62 3.30
CA THR B 367 29.37 31.59 4.28
C THR B 367 28.58 30.30 4.06
N TRP B 368 27.97 30.13 2.89
CA TRP B 368 27.13 28.98 2.61
C TRP B 368 27.73 28.03 1.59
N ASN B 369 28.82 28.40 0.93
CA ASN B 369 29.37 27.59 -0.16
C ASN B 369 28.28 27.18 -1.13
N LEU B 370 27.38 28.13 -1.43
CA LEU B 370 26.21 27.83 -2.24
C LEU B 370 26.56 27.49 -3.68
N LYS B 371 27.70 27.96 -4.18
CA LYS B 371 28.09 27.63 -5.54
C LYS B 371 28.20 26.13 -5.74
N ASP B 372 28.54 25.39 -4.67
CA ASP B 372 28.78 23.95 -4.82
C ASP B 372 27.49 23.17 -5.02
N LEU B 373 26.36 23.67 -4.49
CA LEU B 373 25.10 22.94 -4.60
C LEU B 373 24.62 22.83 -6.03
N MET B 374 25.13 23.66 -6.94
CA MET B 374 24.65 23.66 -8.31
C MET B 374 24.82 22.30 -8.97
N VAL B 375 25.87 21.55 -8.60
CA VAL B 375 26.11 20.26 -9.22
C VAL B 375 24.96 19.30 -8.93
N LEU B 376 24.37 19.40 -7.73
CA LEU B 376 23.30 18.50 -7.33
C LEU B 376 21.93 18.97 -7.82
N ASN B 377 21.68 20.28 -7.81
CA ASN B 377 20.35 20.79 -8.13
C ASN B 377 20.16 20.94 -9.64
N ASP B 378 21.21 21.33 -10.37
CA ASP B 378 21.10 21.63 -11.79
C ASP B 378 21.73 20.56 -12.66
N VAL B 379 23.03 20.33 -12.54
CA VAL B 379 23.75 19.43 -13.43
C VAL B 379 23.12 18.04 -13.40
N TYR B 380 23.26 17.34 -12.28
CA TYR B 380 22.78 15.97 -12.21
C TYR B 380 21.26 15.87 -12.37
N ARG B 381 20.53 16.97 -12.13
CA ARG B 381 19.10 16.96 -12.39
C ARG B 381 18.82 16.79 -13.88
N VAL B 382 19.46 17.61 -14.72
CA VAL B 382 19.23 17.57 -16.16
C VAL B 382 20.01 16.46 -16.84
N MET B 383 21.00 15.87 -16.16
CA MET B 383 21.66 14.69 -16.72
C MET B 383 20.72 13.50 -16.77
N ALA B 384 19.82 13.38 -15.78
CA ALA B 384 18.83 12.30 -15.81
C ALA B 384 17.94 12.41 -17.04
N VAL B 385 17.66 13.62 -17.49
CA VAL B 385 16.80 13.82 -18.66
C VAL B 385 17.59 13.78 -19.96
N ASP B 386 18.85 14.25 -19.95
CA ASP B 386 19.65 14.28 -21.16
C ASP B 386 20.21 12.91 -21.51
N ALA B 387 20.20 11.96 -20.58
CA ALA B 387 20.66 10.59 -20.84
C ALA B 387 19.65 9.75 -21.60
N LEU B 388 18.48 10.29 -21.91
CA LEU B 388 17.46 9.56 -22.64
C LEU B 388 17.61 9.79 -24.14
N ALA B 389 17.16 8.81 -24.91
CA ALA B 389 17.19 8.92 -26.36
C ALA B 389 16.13 9.87 -26.90
N SER B 390 15.28 10.42 -26.05
CA SER B 390 14.22 11.34 -26.46
C SER B 390 14.53 12.78 -26.07
N SER B 391 15.78 13.09 -25.76
CA SER B 391 16.18 14.46 -25.47
C SER B 391 16.31 15.25 -26.77
N HIS B 392 16.60 16.53 -26.66
CA HIS B 392 16.74 17.41 -27.82
C HIS B 392 17.96 18.29 -27.63
N PRO B 393 18.53 18.80 -28.73
CA PRO B 393 19.70 19.68 -28.61
C PRO B 393 19.36 20.98 -27.90
N LEU B 394 20.42 21.65 -27.43
CA LEU B 394 20.23 22.93 -26.74
C LEU B 394 19.73 24.00 -27.70
N SER B 395 20.37 24.12 -28.86
CA SER B 395 19.98 25.11 -29.86
C SER B 395 18.95 24.53 -30.81
N THR B 396 17.96 25.35 -31.16
CA THR B 396 16.94 24.98 -32.13
C THR B 396 16.96 25.97 -33.29
N PRO B 397 16.72 25.50 -34.53
CA PRO B 397 16.59 26.44 -35.64
C PRO B 397 15.41 27.39 -35.42
N ALA B 398 15.65 28.68 -35.68
CA ALA B 398 14.62 29.67 -35.43
C ALA B 398 13.37 29.42 -36.26
N SER B 399 13.53 28.83 -37.45
CA SER B 399 12.38 28.57 -38.30
C SER B 399 11.42 27.53 -37.71
N GLU B 400 11.87 26.77 -36.71
CA GLU B 400 11.04 25.73 -36.12
C GLU B 400 10.14 26.25 -35.00
N ILE B 401 10.43 27.42 -34.46
CA ILE B 401 9.63 28.03 -33.39
C ILE B 401 8.78 29.13 -34.02
N ASN B 402 7.46 29.01 -33.89
CA ASN B 402 6.55 29.95 -34.53
C ASN B 402 5.38 30.33 -33.63
N THR B 403 4.58 29.35 -33.22
CA THR B 403 3.35 29.62 -32.50
C THR B 403 3.60 29.77 -31.01
N PRO B 404 2.67 30.40 -30.28
CA PRO B 404 2.86 30.55 -28.83
C PRO B 404 3.03 29.23 -28.11
N ALA B 405 2.49 28.14 -28.66
CA ALA B 405 2.63 26.84 -28.02
C ALA B 405 4.04 26.30 -28.19
N GLN B 406 4.60 26.41 -29.39
CA GLN B 406 5.97 25.95 -29.62
C GLN B 406 6.97 26.72 -28.78
N ILE B 407 6.65 27.97 -28.43
CA ILE B 407 7.55 28.75 -27.60
C ILE B 407 7.53 28.24 -26.16
N SER B 408 6.35 27.94 -25.64
CA SER B 408 6.25 27.49 -24.26
C SER B 408 6.95 26.15 -24.06
N GLU B 409 6.99 25.30 -25.10
CA GLU B 409 7.70 24.04 -24.99
C GLU B 409 9.17 24.26 -24.65
N LEU B 410 9.74 25.39 -25.06
CA LEU B 410 11.15 25.66 -24.82
C LEU B 410 11.46 26.02 -23.38
N PHE B 411 10.44 26.24 -22.55
CA PHE B 411 10.65 26.47 -21.12
C PHE B 411 10.64 25.13 -20.39
N ASP B 412 11.72 24.39 -20.55
CA ASP B 412 11.86 23.05 -20.00
C ASP B 412 13.23 22.92 -19.34
N ALA B 413 13.47 21.74 -18.75
CA ALA B 413 14.68 21.54 -17.97
C ALA B 413 15.94 21.62 -18.81
N ILE B 414 15.85 21.28 -20.10
CA ILE B 414 17.04 21.29 -20.94
C ILE B 414 17.58 22.71 -21.09
N SER B 415 16.70 23.64 -21.47
CA SER B 415 17.12 25.03 -21.64
C SER B 415 17.70 25.57 -20.34
N TYR B 416 16.94 25.46 -19.25
CA TYR B 416 17.34 26.08 -17.99
C TYR B 416 18.61 25.45 -17.45
N SER B 417 18.60 24.14 -17.25
CA SER B 417 19.63 23.47 -16.46
C SER B 417 20.84 23.06 -17.28
N LYS B 418 20.64 22.40 -18.42
CA LYS B 418 21.77 22.05 -19.26
C LYS B 418 22.42 23.31 -19.83
N GLY B 419 21.62 24.31 -20.21
CA GLY B 419 22.18 25.57 -20.63
C GLY B 419 23.09 26.18 -19.57
N ALA B 420 22.68 26.07 -18.30
CA ALA B 420 23.50 26.60 -17.22
C ALA B 420 24.79 25.79 -17.04
N SER B 421 24.68 24.46 -17.08
CA SER B 421 25.86 23.63 -16.92
C SER B 421 26.83 23.82 -18.07
N VAL B 422 26.31 23.93 -19.29
CA VAL B 422 27.15 24.17 -20.46
C VAL B 422 27.87 25.50 -20.33
N LEU B 423 27.17 26.52 -19.84
CA LEU B 423 27.79 27.83 -19.67
C LEU B 423 28.77 27.83 -18.51
N ARG B 424 28.46 27.10 -17.44
CA ARG B 424 29.41 26.97 -16.33
C ARG B 424 30.70 26.30 -16.80
N MET B 425 30.57 25.20 -17.55
CA MET B 425 31.75 24.56 -18.12
C MET B 425 32.54 25.52 -18.97
N LEU B 426 31.85 26.41 -19.69
CA LEU B 426 32.52 27.39 -20.55
C LEU B 426 33.36 28.36 -19.73
N SER B 427 32.74 29.00 -18.74
CA SER B 427 33.46 29.96 -17.90
C SER B 427 34.62 29.32 -17.15
N SER B 428 34.58 28.01 -16.93
CA SER B 428 35.65 27.35 -16.18
C SER B 428 36.89 27.18 -17.04
N PHE B 429 36.74 26.66 -18.26
CA PHE B 429 37.90 26.42 -19.11
C PHE B 429 38.36 27.69 -19.82
N LEU B 430 37.50 28.70 -19.93
CA LEU B 430 37.93 29.99 -20.42
C LEU B 430 38.57 30.84 -19.33
N SER B 431 38.24 30.57 -18.06
CA SER B 431 38.64 31.36 -16.90
C SER B 431 37.58 32.41 -16.62
N GLU B 432 37.31 32.66 -15.33
CA GLU B 432 36.27 33.60 -14.97
C GLU B 432 36.57 35.01 -15.49
N ASP B 433 37.82 35.45 -15.36
CA ASP B 433 38.17 36.80 -15.82
C ASP B 433 38.02 36.92 -17.32
N VAL B 434 38.48 35.92 -18.07
CA VAL B 434 38.30 35.95 -19.52
C VAL B 434 36.82 35.93 -19.87
N PHE B 435 36.04 35.12 -19.15
CA PHE B 435 34.60 35.09 -19.37
C PHE B 435 33.97 36.44 -19.06
N LYS B 436 34.36 37.06 -17.93
CA LYS B 436 33.82 38.36 -17.58
C LYS B 436 34.21 39.42 -18.61
N GLN B 437 35.42 39.34 -19.14
CA GLN B 437 35.86 40.31 -20.13
C GLN B 437 35.01 40.23 -21.39
N GLY B 438 34.84 39.02 -21.94
CA GLY B 438 33.98 38.85 -23.09
C GLY B 438 32.53 39.20 -22.79
N LEU B 439 32.12 39.03 -21.54
CA LEU B 439 30.75 39.38 -21.15
C LEU B 439 30.54 40.89 -21.20
N ALA B 440 31.46 41.65 -20.60
CA ALA B 440 31.34 43.11 -20.62
C ALA B 440 31.35 43.64 -22.05
N SER B 441 32.25 43.12 -22.89
CA SER B 441 32.29 43.54 -24.28
C SER B 441 30.98 43.21 -24.99
N TYR B 442 30.42 42.04 -24.71
CA TYR B 442 29.21 41.61 -25.41
C TYR B 442 28.02 42.49 -25.06
N LEU B 443 27.87 42.84 -23.78
CA LEU B 443 26.73 43.64 -23.36
C LEU B 443 26.85 45.07 -23.87
N HIS B 444 28.02 45.69 -23.67
CA HIS B 444 28.20 47.07 -24.11
C HIS B 444 27.93 47.23 -25.59
N THR B 445 28.25 46.22 -26.40
CA THR B 445 28.08 46.32 -27.84
C THR B 445 26.63 46.17 -28.25
N PHE B 446 25.86 45.33 -27.56
CA PHE B 446 24.49 45.03 -27.93
C PHE B 446 23.48 45.53 -26.89
N ALA B 447 23.84 46.57 -26.14
CA ALA B 447 22.92 47.12 -25.16
C ALA B 447 21.69 47.69 -25.85
N TYR B 448 20.52 47.42 -25.28
CA TYR B 448 19.25 47.85 -25.85
C TYR B 448 19.04 47.31 -27.25
N GLN B 449 19.54 46.10 -27.50
CA GLN B 449 19.45 45.47 -28.81
C GLN B 449 19.12 44.00 -28.63
N ASN B 450 19.04 43.28 -29.75
CA ASN B 450 18.74 41.85 -29.77
C ASN B 450 19.89 41.10 -30.42
N THR B 451 20.21 39.93 -29.89
CA THR B 451 21.37 39.17 -30.32
C THR B 451 21.01 37.69 -30.45
N ILE B 452 21.96 36.92 -30.99
CA ILE B 452 21.85 35.48 -31.07
C ILE B 452 23.04 34.86 -30.34
N TYR B 453 22.95 33.56 -30.07
CA TYR B 453 23.99 32.91 -29.28
C TYR B 453 25.34 32.95 -29.99
N LEU B 454 25.34 33.00 -31.33
CA LEU B 454 26.61 33.09 -32.05
C LEU B 454 27.32 34.40 -31.76
N ASN B 455 26.58 35.48 -31.53
CA ASN B 455 27.21 36.76 -31.23
C ASN B 455 28.00 36.70 -29.93
N LEU B 456 27.56 35.90 -28.97
CA LEU B 456 28.28 35.79 -27.71
C LEU B 456 29.59 35.03 -27.91
N TRP B 457 29.56 33.95 -28.70
CA TRP B 457 30.79 33.23 -28.99
C TRP B 457 31.80 34.14 -29.70
N ASP B 458 31.30 35.03 -30.56
CA ASP B 458 32.18 35.96 -31.26
C ASP B 458 32.87 36.90 -30.27
N HIS B 459 32.12 37.45 -29.31
CA HIS B 459 32.71 38.39 -28.36
C HIS B 459 33.58 37.68 -27.34
N LEU B 460 33.24 36.46 -26.95
CA LEU B 460 34.12 35.70 -26.07
C LEU B 460 35.40 35.30 -26.81
N GLN B 461 35.27 34.86 -28.06
CA GLN B 461 36.45 34.58 -28.87
C GLN B 461 37.35 35.81 -28.96
N GLU B 462 36.77 36.98 -29.22
CA GLU B 462 37.54 38.21 -29.24
C GLU B 462 38.24 38.44 -27.90
N ALA B 463 37.65 37.96 -26.81
CA ALA B 463 38.31 38.05 -25.50
C ALA B 463 39.34 36.95 -25.32
N VAL B 464 39.13 35.78 -25.93
CA VAL B 464 40.12 34.72 -25.87
C VAL B 464 41.41 35.17 -26.55
N ASN B 465 41.28 35.72 -27.76
CA ASN B 465 42.46 36.16 -28.51
C ASN B 465 43.18 37.29 -27.79
N ASN B 466 42.44 38.27 -27.29
CA ASN B 466 43.06 39.42 -26.64
C ASN B 466 43.85 39.04 -25.40
N ARG B 467 43.62 37.85 -24.84
CA ARG B 467 44.35 37.36 -23.68
C ARG B 467 45.28 36.20 -24.02
N SER B 468 45.26 35.73 -25.27
CA SER B 468 46.15 34.65 -25.72
C SER B 468 45.93 33.38 -24.90
N ILE B 469 44.65 32.97 -24.80
CA ILE B 469 44.29 31.71 -24.18
C ILE B 469 44.23 30.65 -25.26
N GLN B 470 44.94 29.55 -25.05
CA GLN B 470 45.08 28.50 -26.07
C GLN B 470 43.94 27.51 -25.95
N LEU B 471 43.27 27.25 -27.06
CA LEU B 471 42.19 26.29 -27.17
C LEU B 471 42.41 25.40 -28.38
N PRO B 472 41.81 24.21 -28.40
CA PRO B 472 42.00 23.32 -29.56
C PRO B 472 41.41 23.85 -30.85
N THR B 473 40.41 24.73 -30.77
CA THR B 473 39.76 25.28 -31.96
C THR B 473 39.00 26.52 -31.53
N THR B 474 38.23 27.10 -32.46
CA THR B 474 37.46 28.28 -32.16
C THR B 474 36.35 27.96 -31.16
N VAL B 475 36.01 28.96 -30.32
CA VAL B 475 35.00 28.74 -29.30
C VAL B 475 33.67 28.34 -29.94
N ARG B 476 33.37 28.86 -31.12
CA ARG B 476 32.15 28.47 -31.82
C ARG B 476 32.17 26.99 -32.18
N ASP B 477 33.32 26.49 -32.62
CA ASP B 477 33.43 25.07 -32.95
C ASP B 477 33.41 24.20 -31.69
N ILE B 478 33.87 24.73 -30.57
CA ILE B 478 33.80 23.98 -29.31
C ILE B 478 32.35 23.82 -28.88
N MET B 479 31.58 24.90 -28.91
CA MET B 479 30.22 24.88 -28.40
C MET B 479 29.23 24.24 -29.35
N ASN B 480 29.51 24.24 -30.65
CA ASN B 480 28.67 23.49 -31.57
C ASN B 480 28.54 22.03 -31.17
N ARG B 481 29.51 21.51 -30.41
CA ARG B 481 29.45 20.14 -29.93
C ARG B 481 28.52 19.99 -28.74
N TRP B 482 28.34 21.06 -27.96
CA TRP B 482 27.45 21.05 -26.79
C TRP B 482 26.15 21.78 -27.05
N THR B 483 25.96 22.34 -28.24
CA THR B 483 24.80 23.16 -28.55
C THR B 483 23.99 22.66 -29.73
N LEU B 484 24.59 21.91 -30.65
CA LEU B 484 23.91 21.41 -31.83
C LEU B 484 23.52 19.95 -31.73
N GLN B 485 23.84 19.29 -30.61
CA GLN B 485 23.49 17.89 -30.44
C GLN B 485 23.16 17.62 -28.98
N MET B 486 22.18 16.75 -28.76
CA MET B 486 21.72 16.44 -27.42
C MET B 486 22.74 15.56 -26.69
N GLY B 487 22.50 15.36 -25.40
CA GLY B 487 23.27 14.41 -24.62
C GLY B 487 24.63 14.94 -24.21
N PHE B 488 25.38 14.06 -23.56
CA PHE B 488 26.73 14.36 -23.09
C PHE B 488 27.53 13.08 -23.12
N PRO B 489 28.86 13.18 -23.10
CA PRO B 489 29.70 11.98 -23.17
C PRO B 489 29.99 11.39 -21.80
N VAL B 490 30.48 10.15 -21.82
CA VAL B 490 31.05 9.51 -20.65
C VAL B 490 32.52 9.25 -20.96
N ILE B 491 33.40 9.71 -20.08
CA ILE B 491 34.84 9.59 -20.28
C ILE B 491 35.31 8.34 -19.53
N THR B 492 35.80 7.36 -20.29
CA THR B 492 36.27 6.09 -19.73
C THR B 492 37.79 6.10 -19.70
N VAL B 493 38.36 5.96 -18.50
CA VAL B 493 39.79 6.02 -18.28
C VAL B 493 40.34 4.62 -18.11
N ASP B 494 41.39 4.29 -18.86
CA ASP B 494 42.14 3.05 -18.70
C ASP B 494 43.51 3.43 -18.15
N THR B 495 43.61 3.49 -16.82
CA THR B 495 44.86 3.90 -16.20
C THR B 495 46.01 2.96 -16.52
N SER B 496 45.71 1.73 -16.96
CA SER B 496 46.77 0.80 -17.32
C SER B 496 47.61 1.35 -18.47
N THR B 497 46.95 1.78 -19.54
CA THR B 497 47.62 2.31 -20.72
C THR B 497 47.51 3.82 -20.85
N GLY B 498 46.63 4.47 -20.10
CA GLY B 498 46.48 5.91 -20.18
C GLY B 498 45.60 6.40 -21.31
N THR B 499 44.69 5.56 -21.80
CA THR B 499 43.82 5.91 -22.92
C THR B 499 42.47 6.41 -22.41
N LEU B 500 41.96 7.45 -23.07
CA LEU B 500 40.65 8.01 -22.78
C LEU B 500 39.71 7.73 -23.95
N SER B 501 38.47 7.40 -23.64
CA SER B 501 37.45 7.15 -24.65
C SER B 501 36.17 7.84 -24.23
N GLN B 502 35.44 8.36 -25.21
CA GLN B 502 34.18 9.06 -24.96
C GLN B 502 33.09 8.46 -25.85
N GLU B 503 31.88 8.44 -25.32
CA GLU B 503 30.75 7.92 -26.08
C GLU B 503 29.46 8.51 -25.51
N HIS B 504 28.44 8.56 -26.37
CA HIS B 504 27.12 9.05 -25.97
C HIS B 504 26.59 8.26 -24.78
N PHE B 505 26.59 8.89 -23.60
CA PHE B 505 26.06 8.23 -22.41
C PHE B 505 24.54 8.11 -22.50
N LEU B 506 24.04 6.91 -22.27
CA LEU B 506 22.60 6.65 -22.26
C LEU B 506 22.25 5.81 -21.06
N LEU B 507 21.19 6.20 -20.34
CA LEU B 507 20.82 5.46 -19.14
C LEU B 507 20.23 4.10 -19.46
N ASP B 508 19.60 3.96 -20.63
CA ASP B 508 18.97 2.71 -21.03
C ASP B 508 19.86 2.00 -22.04
N PRO B 509 20.50 0.88 -21.67
CA PRO B 509 21.45 0.25 -22.60
C PRO B 509 20.83 -0.28 -23.89
N ASP B 510 19.51 -0.28 -24.00
CA ASP B 510 18.82 -0.77 -25.19
C ASP B 510 18.02 0.34 -25.87
N SER B 511 18.48 1.58 -25.76
CA SER B 511 17.78 2.73 -26.31
C SER B 511 18.17 2.92 -27.77
N ASN B 512 17.16 3.08 -28.63
CA ASN B 512 17.36 3.32 -30.06
C ASN B 512 17.40 4.82 -30.28
N VAL B 513 18.59 5.37 -30.48
CA VAL B 513 18.77 6.79 -30.74
C VAL B 513 18.53 7.04 -32.22
N THR B 514 17.44 7.74 -32.54
CA THR B 514 17.06 8.01 -33.93
C THR B 514 17.50 9.40 -34.39
N ARG B 515 17.66 10.35 -33.49
CA ARG B 515 18.00 11.73 -33.85
C ARG B 515 19.41 11.79 -34.39
N PRO B 516 19.63 12.10 -35.67
CA PRO B 516 20.99 12.17 -36.20
C PRO B 516 21.72 13.44 -35.76
N SER B 517 23.03 13.30 -35.61
CA SER B 517 23.91 14.38 -35.18
C SER B 517 25.02 14.57 -36.21
N GLU B 518 25.28 15.84 -36.57
CA GLU B 518 26.33 16.13 -37.52
C GLU B 518 27.71 15.71 -37.02
N PHE B 519 27.87 15.57 -35.70
CA PHE B 519 29.12 15.13 -35.10
C PHE B 519 29.09 13.68 -34.65
N ASN B 520 27.98 12.98 -34.87
CA ASN B 520 27.84 11.57 -34.50
C ASN B 520 28.12 11.36 -33.01
N TYR B 521 27.74 12.34 -32.20
CA TYR B 521 27.84 12.26 -30.74
C TYR B 521 29.31 12.06 -30.32
N VAL B 522 30.11 13.08 -30.63
CA VAL B 522 31.50 13.16 -30.20
C VAL B 522 31.76 14.60 -29.79
N TRP B 523 32.29 14.79 -28.59
CA TRP B 523 32.44 16.11 -27.99
C TRP B 523 33.90 16.49 -27.87
N ILE B 524 34.13 17.81 -27.77
CA ILE B 524 35.41 18.37 -27.39
C ILE B 524 35.31 18.75 -25.92
N VAL B 525 36.03 18.04 -25.07
CA VAL B 525 35.81 18.09 -23.62
C VAL B 525 37.01 18.74 -22.97
N PRO B 526 36.81 19.70 -22.05
CA PRO B 526 37.93 20.19 -21.24
C PRO B 526 38.13 19.36 -19.99
N ILE B 527 39.13 18.50 -19.99
CA ILE B 527 39.34 17.54 -18.91
C ILE B 527 40.29 18.16 -17.88
N THR B 528 39.79 18.34 -16.67
CA THR B 528 40.61 18.72 -15.52
C THR B 528 40.62 17.58 -14.52
N SER B 529 41.81 17.16 -14.11
CA SER B 529 41.97 15.99 -13.27
C SER B 529 42.82 16.34 -12.06
N ILE B 530 42.94 15.36 -11.15
CA ILE B 530 43.81 15.46 -9.99
C ILE B 530 44.46 14.10 -9.77
N ARG B 531 45.72 14.12 -9.32
CA ARG B 531 46.49 12.91 -9.04
C ARG B 531 46.92 12.95 -7.58
N ASP B 532 46.37 12.04 -6.78
CA ASP B 532 46.69 11.97 -5.35
C ASP B 532 46.38 13.29 -4.65
N GLY B 533 45.33 13.98 -5.09
CA GLY B 533 44.93 15.23 -4.47
C GLY B 533 45.65 16.46 -4.96
N ARG B 534 46.26 16.41 -6.13
CA ARG B 534 46.95 17.56 -6.72
C ARG B 534 46.44 17.75 -8.13
N GLN B 535 45.94 18.95 -8.42
CA GLN B 535 45.41 19.24 -9.75
C GLN B 535 46.50 19.09 -10.79
N GLN B 536 46.19 18.32 -11.84
CA GLN B 536 47.11 18.14 -12.95
C GLN B 536 46.88 19.22 -14.01
N GLN B 537 47.74 19.24 -15.02
CA GLN B 537 47.59 20.18 -16.12
C GLN B 537 46.37 19.81 -16.96
N ASP B 538 45.54 20.81 -17.28
CA ASP B 538 44.33 20.56 -18.04
C ASP B 538 44.67 19.88 -19.37
N TYR B 539 43.67 19.19 -19.92
CA TYR B 539 43.83 18.46 -21.18
C TYR B 539 42.55 18.59 -21.99
N TRP B 540 42.70 18.57 -23.32
CA TRP B 540 41.59 18.67 -24.25
C TRP B 540 41.48 17.37 -25.04
N LEU B 541 40.28 16.78 -25.03
CA LEU B 541 40.00 15.55 -25.76
C LEU B 541 39.10 15.91 -26.94
N ILE B 542 39.70 16.00 -28.13
CA ILE B 542 38.96 16.35 -29.34
C ILE B 542 38.65 15.16 -30.22
N ASP B 543 39.08 13.95 -29.83
CA ASP B 543 38.86 12.75 -30.62
C ASP B 543 38.16 11.70 -29.76
N VAL B 544 37.63 10.69 -30.44
CA VAL B 544 36.91 9.63 -29.73
C VAL B 544 37.84 8.92 -28.76
N ARG B 545 39.08 8.71 -29.15
CA ARG B 545 40.07 8.03 -28.30
C ARG B 545 41.39 8.78 -28.36
N ALA B 546 42.02 8.94 -27.20
CA ALA B 546 43.31 9.60 -27.11
C ALA B 546 44.11 8.95 -25.98
N GLN B 547 45.43 9.12 -26.06
CA GLN B 547 46.35 8.59 -25.06
C GLN B 547 47.21 9.72 -24.52
N ASN B 548 47.33 9.79 -23.20
CA ASN B 548 48.17 10.81 -22.57
C ASN B 548 48.71 10.27 -21.26
N ASP B 549 49.94 10.66 -20.93
CA ASP B 549 50.58 10.18 -19.71
C ASP B 549 49.93 10.74 -18.46
N LEU B 550 49.16 11.83 -18.58
CA LEU B 550 48.47 12.38 -17.42
C LEU B 550 47.47 11.40 -16.82
N PHE B 551 47.04 10.40 -17.59
CA PHE B 551 46.01 9.46 -17.17
C PHE B 551 46.55 8.05 -16.99
N SER B 552 47.85 7.91 -16.77
CA SER B 552 48.46 6.64 -16.43
C SER B 552 48.90 6.67 -14.96
N THR B 553 48.73 5.55 -14.27
CA THR B 553 49.03 5.46 -12.85
C THR B 553 49.96 4.28 -12.61
N SER B 554 50.53 4.24 -11.40
CA SER B 554 51.44 3.18 -11.01
C SER B 554 51.40 3.01 -9.49
N GLY B 555 51.39 1.76 -9.05
CA GLY B 555 51.38 1.47 -7.62
C GLY B 555 50.12 1.96 -6.92
N ASN B 556 50.28 2.94 -6.04
CA ASN B 556 49.16 3.49 -5.27
C ASN B 556 48.61 4.78 -5.86
N GLU B 557 49.17 5.26 -6.98
CA GLU B 557 48.69 6.48 -7.58
C GLU B 557 47.29 6.29 -8.16
N TRP B 558 46.41 7.25 -7.92
CA TRP B 558 45.06 7.24 -8.46
C TRP B 558 44.76 8.59 -9.09
N VAL B 559 43.74 8.61 -9.94
CA VAL B 559 43.38 9.80 -10.70
C VAL B 559 41.88 10.02 -10.62
N LEU B 560 41.47 11.28 -10.75
CA LEU B 560 40.07 11.67 -10.78
C LEU B 560 39.89 12.76 -11.80
N LEU B 561 39.05 12.53 -12.79
CA LEU B 561 38.79 13.51 -13.85
C LEU B 561 37.59 14.37 -13.48
N ASN B 562 37.54 15.56 -14.10
CA ASN B 562 36.43 16.48 -13.91
C ASN B 562 36.40 17.03 -12.49
N LEU B 563 37.43 17.79 -12.12
CA LEU B 563 37.51 18.36 -10.78
C LEU B 563 36.32 19.28 -10.53
N ASN B 564 35.64 19.07 -9.40
CA ASN B 564 34.46 19.84 -9.02
C ASN B 564 33.34 19.71 -10.06
N VAL B 565 33.44 18.73 -10.96
CA VAL B 565 32.45 18.50 -12.00
C VAL B 565 32.19 19.81 -12.74
N THR B 566 33.26 20.49 -13.16
CA THR B 566 33.09 21.71 -13.94
C THR B 566 32.55 21.40 -15.34
N GLY B 567 32.92 20.24 -15.89
CA GLY B 567 32.44 19.86 -17.21
C GLY B 567 31.15 19.08 -17.15
N TYR B 568 30.49 18.99 -18.30
CA TYR B 568 29.18 18.36 -18.42
C TYR B 568 29.33 16.97 -19.02
N TYR B 569 29.91 16.07 -18.22
CA TYR B 569 30.16 14.71 -18.66
C TYR B 569 30.43 13.83 -17.44
N ARG B 570 30.17 12.54 -17.59
CA ARG B 570 30.42 11.56 -16.55
C ARG B 570 31.77 10.88 -16.77
N VAL B 571 32.33 10.37 -15.68
CA VAL B 571 33.66 9.76 -15.69
C VAL B 571 33.54 8.31 -15.23
N ASN B 572 34.27 7.43 -15.91
CA ASN B 572 34.34 6.02 -15.55
C ASN B 572 35.79 5.56 -15.65
N TYR B 573 36.21 4.71 -14.72
CA TYR B 573 37.57 4.19 -14.68
C TYR B 573 37.54 2.68 -14.74
N ASP B 574 38.73 2.10 -14.83
CA ASP B 574 38.86 0.65 -14.73
C ASP B 574 38.61 0.19 -13.30
N GLU B 575 38.29 -1.09 -13.16
CA GLU B 575 38.00 -1.63 -11.83
C GLU B 575 39.16 -1.42 -10.87
N GLU B 576 40.39 -1.40 -11.39
CA GLU B 576 41.56 -1.21 -10.52
C GLU B 576 41.59 0.20 -9.97
N ASN B 577 41.43 1.21 -10.84
CA ASN B 577 41.48 2.59 -10.38
C ASN B 577 40.33 2.91 -9.45
N TRP B 578 39.13 2.37 -9.73
CA TRP B 578 38.02 2.52 -8.80
C TRP B 578 38.41 2.04 -7.42
N ARG B 579 38.99 0.83 -7.33
CA ARG B 579 39.38 0.28 -6.03
C ARG B 579 40.36 1.22 -5.32
N LYS B 580 41.31 1.79 -6.06
CA LYS B 580 42.24 2.73 -5.45
C LYS B 580 41.51 3.97 -4.92
N ILE B 581 40.44 4.39 -5.60
CA ILE B 581 39.66 5.52 -5.11
C ILE B 581 38.89 5.12 -3.86
N GLN B 582 38.31 3.92 -3.85
CA GLN B 582 37.57 3.45 -2.69
C GLN B 582 38.46 3.39 -1.46
N THR B 583 39.66 2.82 -1.61
CA THR B 583 40.60 2.76 -0.49
C THR B 583 40.89 4.15 0.06
N GLN B 584 41.09 5.13 -0.83
CA GLN B 584 41.36 6.49 -0.38
C GLN B 584 40.19 7.04 0.44
N LEU B 585 38.96 6.76 0.02
CA LEU B 585 37.80 7.30 0.72
C LEU B 585 37.71 6.73 2.14
N GLN B 586 38.15 5.50 2.35
CA GLN B 586 38.06 4.89 3.68
C GLN B 586 39.09 5.49 4.62
N ARG B 587 40.32 5.70 4.14
CA ARG B 587 41.39 6.20 5.01
C ARG B 587 41.20 7.68 5.31
N ASP B 588 41.13 8.51 4.27
CA ASP B 588 41.00 9.96 4.41
C ASP B 588 40.10 10.45 3.28
N HIS B 589 38.80 10.57 3.57
CA HIS B 589 37.86 11.02 2.55
C HIS B 589 38.00 12.50 2.23
N SER B 590 38.56 13.29 3.15
CA SER B 590 38.72 14.72 2.94
C SER B 590 39.76 15.06 1.87
N ALA B 591 40.59 14.10 1.48
CA ALA B 591 41.61 14.38 0.46
C ALA B 591 41.00 14.60 -0.92
N ILE B 592 39.76 14.19 -1.13
CA ILE B 592 39.07 14.39 -2.40
C ILE B 592 38.12 15.56 -2.27
N PRO B 593 38.02 16.44 -3.27
CA PRO B 593 37.07 17.56 -3.18
C PRO B 593 35.68 17.09 -2.79
N VAL B 594 35.06 17.80 -1.85
CA VAL B 594 33.75 17.39 -1.35
C VAL B 594 32.77 17.21 -2.50
N ILE B 595 32.87 18.05 -3.54
CA ILE B 595 32.01 17.89 -4.70
C ILE B 595 32.33 16.59 -5.44
N ASN B 596 33.62 16.26 -5.56
CA ASN B 596 34.00 15.04 -6.27
C ASN B 596 33.61 13.80 -5.50
N ARG B 597 33.49 13.89 -4.17
CA ARG B 597 32.96 12.77 -3.41
C ARG B 597 31.53 12.47 -3.84
N ALA B 598 30.71 13.51 -4.03
CA ALA B 598 29.37 13.30 -4.54
C ALA B 598 29.39 12.85 -6.00
N GLN B 599 30.38 13.30 -6.77
CA GLN B 599 30.50 12.84 -8.15
C GLN B 599 30.74 11.34 -8.22
N ILE B 600 31.62 10.83 -7.36
CA ILE B 600 31.95 9.40 -7.38
C ILE B 600 30.72 8.56 -7.09
N ILE B 601 29.89 8.99 -6.14
CA ILE B 601 28.69 8.24 -5.80
C ILE B 601 27.69 8.29 -6.95
N ASN B 602 27.37 9.48 -7.44
CA ASN B 602 26.33 9.63 -8.45
C ASN B 602 26.75 8.99 -9.77
N ASP B 603 27.98 9.24 -10.21
CA ASP B 603 28.44 8.68 -11.47
C ASP B 603 28.40 7.15 -11.43
N ALA B 604 28.90 6.56 -10.35
CA ALA B 604 28.95 5.11 -10.25
C ALA B 604 27.54 4.50 -10.28
N PHE B 605 26.56 5.17 -9.67
CA PHE B 605 25.20 4.65 -9.65
C PHE B 605 24.55 4.77 -11.02
N ASN B 606 24.70 5.92 -11.67
CA ASN B 606 24.15 6.09 -13.01
C ASN B 606 24.87 5.20 -14.01
N LEU B 607 26.17 4.95 -13.79
CA LEU B 607 26.90 4.01 -14.65
C LEU B 607 26.38 2.58 -14.46
N ALA B 608 26.06 2.21 -13.22
CA ALA B 608 25.54 0.87 -12.96
C ALA B 608 24.24 0.63 -13.72
N SER B 609 23.30 1.57 -13.64
CA SER B 609 22.04 1.42 -14.36
C SER B 609 22.24 1.36 -15.87
N ALA B 610 23.37 1.85 -16.37
CA ALA B 610 23.68 1.80 -17.78
C ALA B 610 24.48 0.56 -18.17
N HIS B 611 24.82 -0.29 -17.20
CA HIS B 611 25.56 -1.54 -17.40
C HIS B 611 27.05 -1.27 -17.64
N LYS B 612 27.52 -0.05 -17.39
CA LYS B 612 28.93 0.26 -17.63
C LYS B 612 29.82 -0.25 -16.50
N VAL B 613 29.27 -0.41 -15.30
CA VAL B 613 30.01 -0.99 -14.18
C VAL B 613 29.07 -1.85 -13.36
N PRO B 614 29.63 -2.79 -12.59
CA PRO B 614 28.77 -3.63 -11.73
C PRO B 614 28.08 -2.79 -10.67
N VAL B 615 26.84 -3.19 -10.34
CA VAL B 615 26.10 -2.47 -9.31
C VAL B 615 26.83 -2.54 -7.98
N THR B 616 27.53 -3.65 -7.71
CA THR B 616 28.29 -3.75 -6.46
C THR B 616 29.39 -2.70 -6.38
N LEU B 617 29.83 -2.17 -7.52
CA LEU B 617 30.82 -1.10 -7.51
C LEU B 617 30.20 0.20 -7.01
N ALA B 618 28.99 0.52 -7.48
CA ALA B 618 28.34 1.75 -7.03
C ALA B 618 28.00 1.68 -5.54
N LEU B 619 27.54 0.51 -5.08
CA LEU B 619 27.19 0.37 -3.67
C LEU B 619 28.42 0.52 -2.79
N ASN B 620 29.57 0.02 -3.26
CA ASN B 620 30.80 0.13 -2.47
C ASN B 620 31.15 1.59 -2.21
N ASN B 621 30.89 2.46 -3.18
CA ASN B 621 31.22 3.88 -3.03
C ASN B 621 30.43 4.56 -1.92
N THR B 622 29.41 3.90 -1.36
CA THR B 622 28.66 4.43 -0.24
C THR B 622 29.20 3.96 1.11
N LEU B 623 30.21 3.10 1.12
CA LEU B 623 30.71 2.56 2.37
C LEU B 623 31.34 3.64 3.23
N PHE B 624 32.07 4.57 2.62
CA PHE B 624 32.78 5.59 3.39
C PHE B 624 31.83 6.58 4.06
N LEU B 625 30.56 6.62 3.66
CA LEU B 625 29.62 7.56 4.26
C LEU B 625 29.48 7.35 5.76
N ILE B 626 29.92 6.21 6.29
CA ILE B 626 29.80 5.94 7.71
C ILE B 626 30.61 6.93 8.55
N GLU B 627 31.60 7.60 7.93
CA GLU B 627 32.39 8.62 8.61
C GLU B 627 32.29 9.98 7.91
N GLU B 628 31.28 10.17 7.07
CA GLU B 628 31.09 11.41 6.34
C GLU B 628 30.10 12.30 7.07
N ARG B 629 30.41 13.59 7.13
CA ARG B 629 29.56 14.58 7.78
C ARG B 629 29.10 15.69 6.84
N GLN B 630 29.55 15.68 5.59
CA GLN B 630 29.12 16.70 4.64
C GLN B 630 27.74 16.37 4.06
N TYR B 631 27.03 17.41 3.65
CA TYR B 631 25.68 17.23 3.13
C TYR B 631 25.69 16.72 1.70
N MET B 632 26.65 17.18 0.89
CA MET B 632 26.60 16.86 -0.54
C MET B 632 26.81 15.39 -0.81
N PRO B 633 27.86 14.75 -0.29
CA PRO B 633 28.05 13.31 -0.58
C PRO B 633 26.90 12.46 -0.07
N TRP B 634 26.32 12.80 1.08
CA TRP B 634 25.16 12.07 1.59
C TRP B 634 23.95 12.28 0.69
N GLU B 635 23.63 13.54 0.38
CA GLU B 635 22.49 13.83 -0.48
C GLU B 635 22.63 13.17 -1.84
N ALA B 636 23.85 13.08 -2.35
CA ALA B 636 24.06 12.42 -3.63
C ALA B 636 23.76 10.93 -3.53
N ALA B 637 24.14 10.30 -2.41
CA ALA B 637 23.88 8.87 -2.24
C ALA B 637 22.41 8.60 -2.02
N LEU B 638 21.74 9.43 -1.21
CA LEU B 638 20.32 9.24 -0.97
C LEU B 638 19.50 9.45 -2.23
N SER B 639 19.97 10.34 -3.13
CA SER B 639 19.23 10.59 -4.36
C SER B 639 19.40 9.43 -5.34
N SER B 640 20.64 8.98 -5.55
CA SER B 640 20.86 7.83 -6.40
C SER B 640 20.20 6.58 -5.83
N LEU B 641 20.13 6.47 -4.50
CA LEU B 641 19.52 5.31 -3.87
C LEU B 641 17.99 5.36 -3.94
N SER B 642 17.40 6.53 -4.18
CA SER B 642 15.95 6.58 -4.33
C SER B 642 15.47 5.63 -5.42
N TYR B 643 16.29 5.40 -6.44
CA TYR B 643 15.92 4.45 -7.48
C TYR B 643 15.81 3.05 -6.92
N PHE B 644 16.79 2.63 -6.11
CA PHE B 644 16.71 1.35 -5.43
C PHE B 644 15.43 1.27 -4.60
N LYS B 645 15.13 2.34 -3.85
CA LYS B 645 13.91 2.34 -3.04
C LYS B 645 12.68 2.11 -3.90
N LEU B 646 12.66 2.68 -5.10
CA LEU B 646 11.49 2.50 -5.97
C LEU B 646 11.40 1.07 -6.47
N MET B 647 12.53 0.46 -6.83
CA MET B 647 12.53 -0.89 -7.38
C MET B 647 12.33 -1.96 -6.31
N PHE B 648 12.66 -1.67 -5.04
CA PHE B 648 12.75 -2.72 -4.03
C PHE B 648 11.94 -2.47 -2.77
N ASP B 649 11.24 -1.35 -2.63
CA ASP B 649 10.52 -1.11 -1.39
C ASP B 649 9.27 -1.97 -1.25
N ARG B 650 8.98 -2.84 -2.21
CA ARG B 650 7.86 -3.77 -2.14
C ARG B 650 8.34 -5.21 -2.30
N SER B 651 9.60 -5.47 -1.95
CA SER B 651 10.21 -6.76 -2.17
C SER B 651 11.06 -7.13 -0.97
N GLU B 652 11.51 -8.39 -0.96
CA GLU B 652 12.38 -8.90 0.10
C GLU B 652 13.67 -8.10 0.25
N VAL B 653 14.03 -7.27 -0.73
CA VAL B 653 15.30 -6.57 -0.69
C VAL B 653 15.28 -5.35 0.23
N TYR B 654 14.10 -4.86 0.61
CA TYR B 654 14.04 -3.60 1.35
C TYR B 654 14.53 -3.76 2.78
N GLY B 655 14.26 -4.91 3.41
CA GLY B 655 14.71 -5.16 4.75
C GLY B 655 16.19 -4.91 4.91
N PRO B 656 17.00 -5.66 4.15
CA PRO B 656 18.45 -5.41 4.18
C PRO B 656 18.84 -4.01 3.76
N MET B 657 18.19 -3.46 2.73
CA MET B 657 18.49 -2.10 2.31
C MET B 657 18.32 -1.13 3.48
N LYS B 658 17.20 -1.23 4.18
CA LYS B 658 16.98 -0.38 5.35
C LYS B 658 18.01 -0.66 6.43
N ASN B 659 18.36 -1.93 6.65
CA ASN B 659 19.38 -2.27 7.65
C ASN B 659 20.71 -1.60 7.31
N TYR B 660 21.12 -1.65 6.05
CA TYR B 660 22.39 -1.05 5.66
C TYR B 660 22.38 0.45 5.87
N LEU B 661 21.32 1.13 5.41
CA LEU B 661 21.22 2.57 5.61
C LEU B 661 21.15 2.91 7.09
N LYS B 662 20.41 2.10 7.87
CA LYS B 662 20.36 2.32 9.31
C LYS B 662 21.73 2.19 9.94
N LYS B 663 22.58 1.32 9.41
CA LYS B 663 23.94 1.17 9.95
C LYS B 663 24.85 2.29 9.48
N GLN B 664 24.65 2.79 8.27
CA GLN B 664 25.51 3.85 7.75
C GLN B 664 25.21 5.19 8.40
N VAL B 665 23.94 5.47 8.67
CA VAL B 665 23.54 6.79 9.17
C VAL B 665 23.54 6.89 10.69
N THR B 666 23.54 5.75 11.40
CA THR B 666 23.49 5.80 12.86
C THR B 666 24.60 6.63 13.46
N PRO B 667 25.87 6.50 13.06
CA PRO B 667 26.91 7.35 13.66
C PRO B 667 26.68 8.83 13.44
N LEU B 668 26.25 9.21 12.24
CA LEU B 668 25.97 10.62 11.97
C LEU B 668 24.85 11.14 12.86
N PHE B 669 23.75 10.40 12.93
CA PHE B 669 22.63 10.81 13.78
C PHE B 669 23.08 11.01 15.22
N ILE B 670 23.84 10.06 15.76
CA ILE B 670 24.37 10.21 17.11
C ILE B 670 25.22 11.46 17.21
N HIS B 671 26.15 11.63 16.25
CA HIS B 671 27.04 12.79 16.29
C HIS B 671 26.26 14.09 16.34
N PHE B 672 25.17 14.18 15.58
CA PHE B 672 24.36 15.40 15.59
C PHE B 672 23.56 15.53 16.87
N ARG B 673 23.18 14.40 17.49
CA ARG B 673 22.48 14.47 18.77
C ARG B 673 23.33 15.19 19.81
N ASN B 674 24.62 14.84 19.89
CA ASN B 674 25.51 15.49 20.84
C ASN B 674 25.89 16.90 20.39
N ASN B 675 26.14 17.07 19.08
CA ASN B 675 26.60 18.36 18.58
C ASN B 675 25.53 19.44 18.64
N THR B 676 24.26 19.06 18.73
CA THR B 676 23.16 20.01 18.78
C THR B 676 22.58 20.19 20.17
N ASN B 677 23.20 19.59 21.19
CA ASN B 677 22.74 19.69 22.57
C ASN B 677 21.32 19.13 22.70
N ASN B 678 21.17 17.88 22.30
CA ASN B 678 19.89 17.17 22.36
C ASN B 678 18.82 17.92 21.58
N TRP B 679 19.21 18.48 20.44
CA TRP B 679 18.30 19.13 19.49
C TRP B 679 17.78 20.46 19.99
N ARG B 680 18.50 21.13 20.88
CA ARG B 680 18.08 22.45 21.34
C ARG B 680 18.47 23.53 20.33
N GLU B 681 19.68 23.44 19.77
CA GLU B 681 20.16 24.38 18.78
C GLU B 681 20.51 23.64 17.50
N ILE B 682 20.64 24.38 16.41
CA ILE B 682 20.96 23.81 15.10
C ILE B 682 22.37 24.24 14.71
N PRO B 683 23.03 23.53 13.79
CA PRO B 683 24.37 23.96 13.37
C PRO B 683 24.32 25.36 12.76
N GLU B 684 25.48 26.04 12.83
CA GLU B 684 25.57 27.39 12.28
C GLU B 684 25.75 27.34 10.77
N ASN B 685 26.64 26.47 10.29
CA ASN B 685 26.88 26.37 8.85
C ASN B 685 25.63 25.82 8.15
N LEU B 686 25.34 26.37 6.97
CA LEU B 686 24.19 25.91 6.21
C LEU B 686 24.40 24.50 5.69
N MET B 687 25.59 24.22 5.13
CA MET B 687 25.87 22.89 4.61
C MET B 687 25.65 21.82 5.68
N ASP B 688 25.93 22.15 6.95
CA ASP B 688 25.69 21.20 8.03
C ASP B 688 24.23 21.18 8.45
N GLN B 689 23.52 22.29 8.33
CA GLN B 689 22.10 22.32 8.63
C GLN B 689 21.33 21.34 7.75
N TYR B 690 21.78 21.15 6.50
CA TYR B 690 21.11 20.22 5.61
C TYR B 690 21.51 18.77 5.93
N SER B 691 22.77 18.56 6.31
CA SER B 691 23.21 17.20 6.65
C SER B 691 22.53 16.70 7.91
N GLU B 692 22.12 17.60 8.81
CA GLU B 692 21.36 17.20 9.98
C GLU B 692 19.97 16.71 9.58
N VAL B 693 19.25 17.50 8.79
CA VAL B 693 17.91 17.10 8.36
C VAL B 693 17.97 15.81 7.58
N ASN B 694 18.96 15.67 6.69
CA ASN B 694 19.10 14.43 5.94
C ASN B 694 19.48 13.27 6.84
N ALA B 695 20.23 13.54 7.91
CA ALA B 695 20.50 12.49 8.90
C ALA B 695 19.24 12.09 9.62
N ILE B 696 18.42 13.06 10.03
CA ILE B 696 17.18 12.75 10.73
C ILE B 696 16.24 11.97 9.82
N SER B 697 16.07 12.45 8.59
CA SER B 697 15.14 11.78 7.66
C SER B 697 15.58 10.36 7.36
N THR B 698 16.89 10.15 7.14
CA THR B 698 17.37 8.82 6.77
C THR B 698 17.36 7.89 7.98
N ALA B 699 17.75 8.39 9.15
CA ALA B 699 17.74 7.55 10.35
C ALA B 699 16.33 7.13 10.71
N CYS B 700 15.36 8.04 10.57
CA CYS B 700 13.98 7.72 10.91
C CYS B 700 13.34 6.81 9.87
N SER B 701 13.62 7.06 8.59
CA SER B 701 13.00 6.26 7.54
C SER B 701 13.46 4.80 7.59
N ASN B 702 14.66 4.55 8.09
CA ASN B 702 15.26 3.22 8.03
C ASN B 702 15.25 2.51 9.38
N GLY B 703 14.48 2.99 10.34
CA GLY B 703 14.21 2.23 11.55
C GLY B 703 15.14 2.48 12.72
N VAL B 704 15.79 3.64 12.79
CA VAL B 704 16.61 3.97 13.96
C VAL B 704 15.66 4.30 15.12
N PRO B 705 15.64 3.50 16.19
CA PRO B 705 14.64 3.74 17.23
C PRO B 705 14.77 5.11 17.90
N GLU B 706 16.00 5.58 18.15
CA GLU B 706 16.18 6.87 18.81
C GLU B 706 15.51 7.98 18.01
N CYS B 707 15.69 7.99 16.69
CA CYS B 707 15.07 9.01 15.86
C CYS B 707 13.54 8.92 15.94
N GLU B 708 13.00 7.71 15.83
CA GLU B 708 11.54 7.56 15.88
C GLU B 708 10.98 8.02 17.22
N GLU B 709 11.71 7.80 18.31
CA GLU B 709 11.25 8.24 19.61
C GLU B 709 11.24 9.75 19.73
N MET B 710 12.12 10.43 18.99
CA MET B 710 12.25 11.88 19.11
C MET B 710 11.20 12.62 18.28
N VAL B 711 11.16 12.33 16.97
CA VAL B 711 10.22 13.03 16.09
C VAL B 711 8.79 12.81 16.56
N SER B 712 8.47 11.59 16.99
CA SER B 712 7.12 11.32 17.52
C SER B 712 6.89 12.06 18.83
N GLY B 713 7.93 12.16 19.67
CA GLY B 713 7.78 12.90 20.91
C GLY B 713 7.65 14.39 20.69
N LEU B 714 8.31 14.93 19.65
CA LEU B 714 8.16 16.34 19.32
C LEU B 714 6.75 16.64 18.82
N PHE B 715 6.27 15.88 17.84
CA PHE B 715 4.93 16.11 17.31
C PHE B 715 3.88 16.04 18.41
N LYS B 716 4.00 15.05 19.31
CA LYS B 716 3.09 14.99 20.45
C LYS B 716 3.18 16.25 21.29
N GLN B 717 4.41 16.77 21.48
CA GLN B 717 4.59 18.00 22.25
C GLN B 717 3.88 19.16 21.58
N TRP B 718 3.90 19.21 20.24
CA TRP B 718 3.19 20.26 19.52
C TRP B 718 1.69 20.10 19.68
N MET B 719 1.19 18.87 19.69
CA MET B 719 -0.23 18.64 19.89
C MET B 719 -0.71 19.15 21.24
N GLU B 720 0.19 19.25 22.22
CA GLU B 720 -0.19 19.68 23.56
C GLU B 720 -0.28 21.19 23.66
N ASN B 721 0.54 21.92 22.90
CA ASN B 721 0.52 23.39 22.85
C ASN B 721 0.48 23.78 21.38
N PRO B 722 -0.68 23.70 20.73
CA PRO B 722 -0.73 23.99 19.29
C PRO B 722 -0.16 25.33 18.89
N ASN B 723 -0.35 26.36 19.72
CA ASN B 723 0.09 27.69 19.34
C ASN B 723 1.61 27.81 19.37
N ASN B 724 2.26 27.24 20.37
CA ASN B 724 3.71 27.29 20.51
C ASN B 724 4.29 26.01 19.93
N ASN B 725 4.76 26.10 18.68
CA ASN B 725 5.29 24.94 17.97
C ASN B 725 6.77 24.78 18.30
N PRO B 726 7.18 23.68 18.95
CA PRO B 726 8.59 23.55 19.32
C PRO B 726 9.49 23.01 18.22
N ILE B 727 8.94 22.62 17.08
CA ILE B 727 9.74 22.05 15.99
C ILE B 727 10.39 23.18 15.21
N HIS B 728 11.71 23.11 15.06
CA HIS B 728 12.41 24.13 14.30
C HIS B 728 12.08 23.99 12.81
N PRO B 729 11.95 25.11 12.09
CA PRO B 729 11.58 25.02 10.66
C PRO B 729 12.42 24.01 9.86
N ASN B 730 13.74 23.98 10.06
CA ASN B 730 14.58 23.08 9.29
C ASN B 730 14.14 21.62 9.45
N LEU B 731 13.53 21.29 10.58
CA LEU B 731 13.15 19.91 10.88
C LEU B 731 11.65 19.67 10.73
N ARG B 732 10.86 20.70 10.46
CA ARG B 732 9.41 20.52 10.42
C ARG B 732 9.01 19.54 9.32
N SER B 733 9.58 19.69 8.13
CA SER B 733 9.20 18.84 7.00
C SER B 733 9.40 17.36 7.34
N THR B 734 10.60 17.01 7.83
CA THR B 734 10.88 15.61 8.12
C THR B 734 10.19 15.12 9.39
N VAL B 735 10.00 16.00 10.36
CA VAL B 735 9.33 15.59 11.59
C VAL B 735 7.84 15.39 11.35
N TYR B 736 7.23 16.29 10.58
CA TYR B 736 5.80 16.14 10.28
C TYR B 736 5.54 14.82 9.55
N CYS B 737 6.37 14.49 8.56
CA CYS B 737 6.12 13.30 7.76
C CYS B 737 6.25 12.02 8.59
N ASN B 738 7.33 11.91 9.35
CA ASN B 738 7.55 10.69 10.14
C ASN B 738 6.52 10.57 11.26
N ALA B 739 6.28 11.66 11.99
CA ALA B 739 5.31 11.60 13.08
C ALA B 739 3.94 11.17 12.60
N ILE B 740 3.56 11.57 11.38
CA ILE B 740 2.26 11.18 10.85
C ILE B 740 2.25 9.70 10.51
N ALA B 741 3.39 9.14 10.10
CA ALA B 741 3.46 7.71 9.82
C ALA B 741 3.50 6.90 11.11
N GLN B 742 4.31 7.33 12.07
CA GLN B 742 4.37 6.64 13.36
C GLN B 742 3.00 6.65 14.04
N GLY B 743 2.35 7.81 14.07
CA GLY B 743 1.07 7.95 14.73
C GLY B 743 -0.07 7.34 13.94
N GLY B 744 -1.28 7.79 14.26
CA GLY B 744 -2.49 7.27 13.64
C GLY B 744 -3.46 8.36 13.21
N GLU B 745 -4.76 8.02 13.28
CA GLU B 745 -5.79 8.97 12.86
C GLU B 745 -5.79 10.22 13.74
N GLU B 746 -5.42 10.09 15.01
CA GLU B 746 -5.39 11.25 15.90
C GLU B 746 -4.36 12.27 15.43
N GLU B 747 -3.13 11.81 15.15
CA GLU B 747 -2.07 12.73 14.73
C GLU B 747 -2.36 13.31 13.35
N TRP B 748 -3.03 12.55 12.48
CA TRP B 748 -3.29 13.03 11.12
C TRP B 748 -4.37 14.10 11.11
N ASP B 749 -5.42 13.91 11.91
CA ASP B 749 -6.49 14.89 11.96
C ASP B 749 -6.02 16.22 12.53
N PHE B 750 -5.02 16.19 13.41
CA PHE B 750 -4.49 17.43 13.98
C PHE B 750 -3.68 18.19 12.94
N ALA B 751 -2.88 17.48 12.14
CA ALA B 751 -2.13 18.15 11.08
C ALA B 751 -3.04 18.65 9.97
N TRP B 752 -4.24 18.07 9.83
CA TRP B 752 -5.17 18.52 8.80
C TRP B 752 -5.70 19.90 9.11
N GLU B 753 -6.17 20.11 10.34
CA GLU B 753 -6.69 21.42 10.71
C GLU B 753 -5.60 22.48 10.64
N GLN B 754 -4.37 22.14 11.04
CA GLN B 754 -3.26 23.09 10.94
C GLN B 754 -3.05 23.53 9.51
N PHE B 755 -3.20 22.61 8.56
CA PHE B 755 -3.02 22.97 7.15
C PHE B 755 -4.15 23.86 6.67
N ARG B 756 -5.37 23.64 7.15
CA ARG B 756 -6.49 24.48 6.73
C ARG B 756 -6.40 25.86 7.37
N ASN B 757 -6.06 25.92 8.66
CA ASN B 757 -5.90 27.19 9.37
C ASN B 757 -4.47 27.73 9.26
N ALA B 758 -3.74 27.35 8.22
CA ALA B 758 -2.37 27.83 8.03
C ALA B 758 -2.39 29.21 7.40
N THR B 759 -1.74 30.18 8.06
CA THR B 759 -1.69 31.54 7.56
C THR B 759 -0.51 31.77 6.61
N LEU B 760 0.59 31.05 6.80
CA LEU B 760 1.74 31.14 5.93
C LEU B 760 1.71 29.98 4.93
N VAL B 761 2.08 30.27 3.69
CA VAL B 761 2.09 29.24 2.65
C VAL B 761 3.27 28.30 2.83
N ASN B 762 4.43 28.84 3.22
CA ASN B 762 5.60 28.01 3.44
C ASN B 762 5.33 26.94 4.48
N GLU B 763 4.46 27.21 5.45
CA GLU B 763 4.12 26.22 6.46
C GLU B 763 3.13 25.19 5.89
N ALA B 764 2.08 25.66 5.23
CA ALA B 764 1.09 24.74 4.66
C ALA B 764 1.71 23.84 3.60
N ASP B 765 2.75 24.33 2.90
CA ASP B 765 3.42 23.49 1.91
C ASP B 765 4.02 22.25 2.57
N LYS B 766 4.66 22.43 3.72
CA LYS B 766 5.21 21.28 4.44
C LYS B 766 4.10 20.35 4.91
N LEU B 767 3.07 20.90 5.57
CA LEU B 767 1.98 20.08 6.07
C LEU B 767 1.34 19.26 4.95
N ARG B 768 1.11 19.88 3.79
CA ARG B 768 0.44 19.16 2.71
C ARG B 768 1.21 17.92 2.30
N ALA B 769 2.54 17.98 2.33
CA ALA B 769 3.35 16.82 1.96
C ALA B 769 3.37 15.78 3.06
N ALA B 770 3.47 16.22 4.31
CA ALA B 770 3.57 15.28 5.43
C ALA B 770 2.31 14.45 5.57
N LEU B 771 1.16 15.00 5.19
CA LEU B 771 -0.09 14.24 5.29
C LEU B 771 -0.10 13.03 4.37
N ALA B 772 0.70 13.05 3.30
CA ALA B 772 0.82 11.90 2.41
C ALA B 772 1.65 10.78 3.00
N CYS B 773 2.19 10.95 4.21
CA CYS B 773 3.07 9.98 4.83
C CYS B 773 2.34 8.98 5.72
N SER B 774 1.02 9.10 5.85
CA SER B 774 0.27 8.17 6.66
C SER B 774 0.42 6.75 6.13
N LYS B 775 0.53 5.78 7.05
CA LYS B 775 0.66 4.38 6.70
C LYS B 775 -0.65 3.62 6.73
N GLU B 776 -1.73 4.24 7.21
CA GLU B 776 -3.05 3.63 7.14
C GLU B 776 -3.63 3.83 5.74
N LEU B 777 -4.10 2.74 5.15
CA LEU B 777 -4.55 2.81 3.75
C LEU B 777 -5.85 3.60 3.62
N TRP B 778 -6.74 3.51 4.61
CA TRP B 778 -8.01 4.23 4.51
C TRP B 778 -7.82 5.73 4.66
N ILE B 779 -6.73 6.18 5.29
CA ILE B 779 -6.47 7.61 5.40
C ILE B 779 -5.97 8.16 4.07
N LEU B 780 -5.06 7.44 3.41
CA LEU B 780 -4.59 7.86 2.10
C LEU B 780 -5.75 8.00 1.12
N ASN B 781 -6.65 7.01 1.10
CA ASN B 781 -7.77 7.06 0.17
C ASN B 781 -8.70 8.22 0.51
N ARG B 782 -8.87 8.51 1.80
CA ARG B 782 -9.62 9.71 2.20
C ARG B 782 -8.88 10.97 1.79
N TYR B 783 -7.56 11.02 2.03
CA TYR B 783 -6.78 12.17 1.63
C TYR B 783 -6.79 12.34 0.12
N LEU B 784 -6.72 11.24 -0.62
CA LEU B 784 -6.76 11.32 -2.08
C LEU B 784 -8.05 11.98 -2.55
N SER B 785 -9.16 11.71 -1.86
CA SER B 785 -10.42 12.36 -2.23
C SER B 785 -10.42 13.85 -1.92
N TYR B 786 -9.55 14.26 -1.00
CA TYR B 786 -9.47 15.70 -0.60
C TYR B 786 -8.74 16.52 -1.67
N THR B 787 -7.77 15.91 -2.37
CA THR B 787 -7.02 16.62 -3.39
C THR B 787 -7.86 16.97 -4.61
N LEU B 788 -8.93 16.20 -4.87
CA LEU B 788 -9.82 16.48 -5.99
C LEU B 788 -10.86 17.55 -5.66
N ASN B 789 -10.88 18.04 -4.42
CA ASN B 789 -11.83 19.05 -3.99
C ASN B 789 -11.12 20.39 -3.92
N PRO B 790 -11.36 21.33 -4.85
CA PRO B 790 -10.59 22.58 -4.84
C PRO B 790 -10.82 23.42 -3.59
N ASP B 791 -11.90 23.18 -2.85
CA ASP B 791 -12.11 23.89 -1.60
C ASP B 791 -11.11 23.42 -0.54
N LEU B 792 -10.83 22.12 -0.49
CA LEU B 792 -9.97 21.57 0.55
C LEU B 792 -8.49 21.72 0.20
N ILE B 793 -8.13 21.51 -1.07
CA ILE B 793 -6.76 21.62 -1.52
C ILE B 793 -6.75 22.38 -2.84
N ARG B 794 -5.83 23.34 -2.95
CA ARG B 794 -5.83 24.24 -4.09
C ARG B 794 -5.62 23.49 -5.40
N LYS B 795 -6.39 23.87 -6.42
CA LYS B 795 -6.26 23.24 -7.72
C LYS B 795 -4.84 23.31 -8.25
N GLN B 796 -4.11 24.37 -7.88
CA GLN B 796 -2.71 24.48 -8.30
C GLN B 796 -1.84 23.42 -7.64
N ASP B 797 -2.24 22.93 -6.46
CA ASP B 797 -1.46 21.96 -5.71
C ASP B 797 -2.03 20.54 -5.80
N ALA B 798 -3.06 20.33 -6.61
CA ALA B 798 -3.67 19.00 -6.70
C ALA B 798 -2.66 17.97 -7.17
N THR B 799 -1.96 18.25 -8.26
CA THR B 799 -0.95 17.32 -8.75
C THR B 799 0.15 17.12 -7.70
N SER B 800 0.71 18.22 -7.19
CA SER B 800 1.81 18.12 -6.24
C SER B 800 1.44 17.31 -5.01
N THR B 801 0.15 17.21 -4.68
CA THR B 801 -0.27 16.42 -3.53
C THR B 801 -0.44 14.95 -3.92
N ILE B 802 -1.11 14.68 -5.04
CA ILE B 802 -1.27 13.31 -5.50
C ILE B 802 0.07 12.64 -5.67
N ILE B 803 1.06 13.38 -6.19
CA ILE B 803 2.39 12.81 -6.37
C ILE B 803 3.01 12.47 -5.03
N SER B 804 2.68 13.22 -3.98
CA SER B 804 3.18 12.87 -2.64
C SER B 804 2.57 11.56 -2.16
N ILE B 805 1.33 11.27 -2.55
CA ILE B 805 0.71 10.01 -2.15
C ILE B 805 1.40 8.84 -2.84
N THR B 806 1.77 8.99 -4.11
CA THR B 806 2.44 7.90 -4.81
C THR B 806 3.79 7.59 -4.19
N ASN B 807 4.48 8.63 -3.68
CA ASN B 807 5.76 8.39 -3.03
C ASN B 807 5.61 7.46 -1.83
N ASN B 808 4.44 7.46 -1.20
CA ASN B 808 4.13 6.53 -0.12
C ASN B 808 3.85 5.16 -0.70
N VAL B 809 4.61 4.16 -0.26
CA VAL B 809 4.50 2.82 -0.81
C VAL B 809 3.07 2.30 -0.72
N ILE B 810 2.36 2.64 0.36
CA ILE B 810 0.98 2.19 0.49
C ILE B 810 0.09 2.84 -0.56
N GLY B 811 0.42 4.08 -0.96
CA GLY B 811 -0.41 4.82 -1.89
C GLY B 811 -0.09 4.56 -3.35
N GLN B 812 1.10 4.01 -3.64
CA GLN B 812 1.48 3.74 -5.02
C GLN B 812 0.40 2.99 -5.77
N GLY B 813 -0.25 2.02 -5.12
CA GLY B 813 -1.33 1.29 -5.76
C GLY B 813 -2.67 1.99 -5.68
N LEU B 814 -2.83 2.87 -4.69
CA LEU B 814 -4.07 3.63 -4.59
C LEU B 814 -4.19 4.62 -5.74
N VAL B 815 -3.09 5.27 -6.09
CA VAL B 815 -3.10 6.26 -7.17
C VAL B 815 -3.12 5.58 -8.53
N TRP B 816 -2.30 4.55 -8.71
CA TRP B 816 -2.26 3.86 -10.00
C TRP B 816 -3.60 3.21 -10.31
N ASP B 817 -4.37 2.82 -9.28
CA ASP B 817 -5.72 2.33 -9.51
C ASP B 817 -6.69 3.48 -9.77
N PHE B 818 -6.45 4.64 -9.15
CA PHE B 818 -7.27 5.81 -9.42
C PHE B 818 -7.01 6.35 -10.83
N VAL B 819 -5.75 6.35 -11.26
CA VAL B 819 -5.41 6.87 -12.58
C VAL B 819 -6.01 5.99 -13.67
N GLN B 820 -5.79 4.68 -13.58
CA GLN B 820 -6.31 3.77 -14.59
C GLN B 820 -7.82 3.85 -14.70
N SER B 821 -8.51 4.08 -13.58
CA SER B 821 -9.97 4.05 -13.55
C SER B 821 -10.60 5.38 -13.93
N ASN B 822 -10.02 6.49 -13.49
CA ASN B 822 -10.62 7.80 -13.69
C ASN B 822 -9.72 8.71 -14.52
N TRP B 823 -9.22 8.22 -15.64
CA TRP B 823 -8.38 9.06 -16.49
C TRP B 823 -9.21 10.05 -17.30
N LYS B 824 -10.23 9.56 -17.98
CA LYS B 824 -11.07 10.42 -18.80
C LYS B 824 -11.56 11.62 -17.99
N LYS B 825 -12.17 11.35 -16.83
CA LYS B 825 -12.63 12.43 -15.97
C LYS B 825 -11.47 13.32 -15.51
N LEU B 826 -10.29 12.74 -15.30
CA LEU B 826 -9.13 13.55 -14.91
C LEU B 826 -8.65 14.41 -16.06
N PHE B 827 -8.82 13.94 -17.30
CA PHE B 827 -8.31 14.68 -18.46
C PHE B 827 -9.28 15.76 -18.90
N ASN B 828 -10.56 15.40 -19.09
CA ASN B 828 -11.57 16.39 -19.42
C ASN B 828 -11.51 17.56 -18.44
N ASP B 829 -11.63 17.26 -17.14
CA ASP B 829 -11.37 18.26 -16.14
C ASP B 829 -9.88 18.63 -16.15
N TYR B 830 -9.58 19.80 -15.60
CA TYR B 830 -8.20 20.27 -15.51
C TYR B 830 -7.60 20.45 -16.90
N GLY B 831 -8.36 21.11 -17.78
CA GLY B 831 -7.91 21.31 -19.15
C GLY B 831 -6.78 22.31 -19.29
N GLY B 832 -6.57 23.15 -18.28
CA GLY B 832 -5.52 24.14 -18.31
C GLY B 832 -4.18 23.57 -17.86
N GLY B 833 -3.24 24.48 -17.63
CA GLY B 833 -1.91 24.10 -17.17
C GLY B 833 -1.78 23.86 -15.69
N SER B 834 -2.83 24.18 -14.91
CA SER B 834 -2.78 23.94 -13.47
C SER B 834 -2.35 22.51 -13.15
N PHE B 835 -2.91 21.55 -13.87
CA PHE B 835 -2.61 20.13 -13.66
C PHE B 835 -1.48 19.71 -14.58
N SER B 836 -0.45 19.08 -14.01
CA SER B 836 0.74 18.67 -14.77
C SER B 836 0.63 17.18 -15.09
N PHE B 837 -0.11 16.88 -16.16
CA PHE B 837 -0.27 15.49 -16.57
C PHE B 837 1.07 14.80 -16.79
N SER B 838 2.09 15.55 -17.24
CA SER B 838 3.39 14.96 -17.47
C SER B 838 4.05 14.54 -16.16
N ASN B 839 3.93 15.38 -15.12
CA ASN B 839 4.56 15.06 -13.84
C ASN B 839 3.87 13.90 -13.15
N LEU B 840 2.54 13.81 -13.29
CA LEU B 840 1.79 12.75 -12.61
C LEU B 840 2.15 11.38 -13.18
N ILE B 841 2.36 11.29 -14.50
CA ILE B 841 2.63 10.00 -15.12
C ILE B 841 4.02 9.50 -14.74
N GLN B 842 5.02 10.39 -14.74
CA GLN B 842 6.37 9.97 -14.36
C GLN B 842 6.42 9.50 -12.92
N ALA B 843 5.56 10.03 -12.05
CA ALA B 843 5.63 9.70 -10.63
C ALA B 843 4.98 8.34 -10.34
N VAL B 844 3.84 8.07 -10.96
CA VAL B 844 3.13 6.82 -10.68
C VAL B 844 3.89 5.63 -11.26
N THR B 845 4.40 5.77 -12.48
CA THR B 845 5.09 4.66 -13.14
C THR B 845 6.54 4.49 -12.70
N ARG B 846 7.02 5.34 -11.80
CA ARG B 846 8.44 5.31 -11.43
C ARG B 846 8.83 3.96 -10.85
N ARG B 847 7.93 3.33 -10.11
CA ARG B 847 8.24 2.07 -9.44
C ARG B 847 8.13 0.87 -10.35
N PHE B 848 7.40 0.96 -11.46
CA PHE B 848 7.13 -0.20 -12.29
C PHE B 848 8.42 -0.93 -12.65
N SER B 849 8.47 -2.21 -12.30
CA SER B 849 9.66 -3.02 -12.52
C SER B 849 9.33 -4.45 -12.91
N THR B 850 8.07 -4.77 -13.19
CA THR B 850 7.65 -6.13 -13.51
C THR B 850 6.86 -6.13 -14.81
N GLU B 851 6.83 -7.29 -15.47
CA GLU B 851 6.15 -7.41 -16.74
C GLU B 851 4.66 -7.14 -16.62
N TYR B 852 4.09 -7.38 -15.44
CA TYR B 852 2.66 -7.14 -15.24
C TYR B 852 2.36 -5.64 -15.27
N GLU B 853 3.14 -4.86 -14.53
CA GLU B 853 2.94 -3.41 -14.53
C GLU B 853 3.10 -2.81 -15.93
N LEU B 854 3.96 -3.41 -16.75
CA LEU B 854 4.10 -2.94 -18.13
C LEU B 854 2.88 -3.30 -18.96
N GLN B 855 2.24 -4.43 -18.67
CA GLN B 855 0.97 -4.76 -19.32
C GLN B 855 -0.11 -3.76 -18.93
N GLN B 856 -0.21 -3.46 -17.65
CA GLN B 856 -1.18 -2.47 -17.19
C GLN B 856 -0.93 -1.10 -17.83
N LEU B 857 0.34 -0.71 -17.92
CA LEU B 857 0.66 0.59 -18.52
C LEU B 857 0.32 0.61 -20.01
N GLU B 858 0.76 -0.41 -20.75
CA GLU B 858 0.44 -0.48 -22.17
C GLU B 858 -1.07 -0.53 -22.39
N GLN B 859 -1.79 -1.25 -21.53
CA GLN B 859 -3.24 -1.29 -21.64
C GLN B 859 -3.85 0.07 -21.27
N PHE B 860 -3.19 0.82 -20.40
CA PHE B 860 -3.65 2.16 -20.07
C PHE B 860 -3.47 3.13 -21.24
N LYS B 861 -2.54 2.83 -22.15
CA LYS B 861 -2.38 3.63 -23.35
C LYS B 861 -3.45 3.30 -24.38
N LYS B 862 -3.71 2.01 -24.59
CA LYS B 862 -4.74 1.61 -25.55
C LYS B 862 -6.12 2.01 -25.07
N ASP B 863 -6.41 1.83 -23.77
CA ASP B 863 -7.75 2.08 -23.25
C ASP B 863 -8.12 3.56 -23.34
N ASN B 864 -7.13 4.45 -23.35
CA ASN B 864 -7.37 5.89 -23.41
C ASN B 864 -6.78 6.49 -24.68
N GLU B 865 -6.87 5.76 -25.80
CA GLU B 865 -6.34 6.27 -27.06
C GLU B 865 -7.19 7.43 -27.58
N GLU B 866 -8.51 7.26 -27.58
CA GLU B 866 -9.39 8.32 -28.07
C GLU B 866 -9.26 9.57 -27.22
N THR B 867 -9.31 9.41 -25.90
CA THR B 867 -9.23 10.57 -25.01
C THR B 867 -7.90 11.29 -25.14
N GLY B 868 -6.82 10.56 -25.42
CA GLY B 868 -5.51 11.16 -25.53
C GLY B 868 -4.93 11.55 -24.18
N PHE B 869 -3.68 11.99 -24.18
CA PHE B 869 -2.98 12.34 -22.94
C PHE B 869 -2.38 13.74 -22.98
N GLY B 870 -2.54 14.48 -24.07
CA GLY B 870 -2.11 15.86 -24.16
C GLY B 870 -0.71 16.12 -23.67
N SER B 871 -0.60 16.93 -22.60
CA SER B 871 0.71 17.32 -22.09
C SER B 871 1.56 16.12 -21.68
N GLY B 872 0.95 14.98 -21.37
CA GLY B 872 1.66 13.82 -20.89
C GLY B 872 1.92 12.75 -21.92
N THR B 873 1.55 12.96 -23.18
CA THR B 873 1.77 11.94 -24.20
C THR B 873 3.23 11.53 -24.27
N ARG B 874 4.13 12.51 -24.25
CA ARG B 874 5.57 12.19 -24.28
C ARG B 874 6.01 11.53 -22.99
N ALA B 875 5.44 11.93 -21.85
CA ALA B 875 5.81 11.32 -20.58
C ALA B 875 5.36 9.87 -20.50
N LEU B 876 4.29 9.52 -21.20
CA LEU B 876 3.82 8.14 -21.18
C LEU B 876 4.77 7.23 -21.96
N GLU B 877 5.29 7.70 -23.09
CA GLU B 877 6.23 6.88 -23.86
C GLU B 877 7.55 6.71 -23.13
N GLN B 878 8.01 7.75 -22.42
CA GLN B 878 9.21 7.62 -21.61
C GLN B 878 8.99 6.60 -20.49
N ALA B 879 7.78 6.56 -19.93
CA ALA B 879 7.48 5.59 -18.88
C ALA B 879 7.55 4.17 -19.40
N LEU B 880 6.88 3.90 -20.53
CA LEU B 880 7.00 2.58 -21.15
C LEU B 880 8.45 2.24 -21.43
N GLU B 881 9.24 3.22 -21.88
CA GLU B 881 10.66 2.98 -22.15
C GLU B 881 11.41 2.65 -20.87
N LYS B 882 11.22 3.46 -19.81
CA LYS B 882 11.93 3.22 -18.56
C LYS B 882 11.47 1.92 -17.90
N THR B 883 10.18 1.60 -18.02
CA THR B 883 9.67 0.38 -17.40
C THR B 883 10.36 -0.86 -17.98
N LYS B 884 10.47 -0.91 -19.31
CA LYS B 884 11.17 -2.03 -19.93
C LYS B 884 12.61 -2.10 -19.46
N ALA B 885 13.25 -0.96 -19.25
CA ALA B 885 14.62 -0.95 -18.74
C ALA B 885 14.66 -1.32 -17.27
N ASN B 886 13.66 -0.88 -16.49
CA ASN B 886 13.61 -1.24 -15.08
C ASN B 886 13.39 -2.74 -14.90
N ILE B 887 12.68 -3.37 -15.83
CA ILE B 887 12.46 -4.81 -15.73
C ILE B 887 13.77 -5.56 -15.89
N LYS B 888 14.56 -5.21 -16.91
CA LYS B 888 15.83 -5.90 -17.13
C LYS B 888 16.79 -5.68 -15.97
N TRP B 889 16.84 -4.45 -15.45
CA TRP B 889 17.81 -4.13 -14.40
C TRP B 889 17.48 -4.86 -13.10
N VAL B 890 16.20 -4.96 -12.76
CA VAL B 890 15.82 -5.64 -11.53
C VAL B 890 16.02 -7.14 -11.67
N LYS B 891 15.81 -7.69 -12.87
CA LYS B 891 15.97 -9.13 -13.06
C LYS B 891 17.42 -9.56 -12.94
N GLU B 892 18.36 -8.69 -13.28
CA GLU B 892 19.78 -9.03 -13.24
C GLU B 892 20.44 -8.64 -11.93
N ASN B 893 19.82 -7.77 -11.13
CA ASN B 893 20.43 -7.25 -9.92
C ASN B 893 19.65 -7.55 -8.65
N LYS B 894 18.50 -8.23 -8.74
CA LYS B 894 17.69 -8.48 -7.55
C LYS B 894 18.48 -9.23 -6.48
N GLU B 895 19.18 -10.29 -6.88
CA GLU B 895 19.84 -11.15 -5.90
C GLU B 895 21.17 -10.55 -5.44
N VAL B 896 22.01 -10.12 -6.38
CA VAL B 896 23.32 -9.58 -6.01
C VAL B 896 23.16 -8.34 -5.13
N VAL B 897 22.17 -7.50 -5.42
CA VAL B 897 21.89 -6.36 -4.56
C VAL B 897 21.40 -6.83 -3.19
N LEU B 898 20.48 -7.81 -3.18
CA LEU B 898 20.03 -8.39 -1.93
C LEU B 898 21.20 -8.99 -1.16
N GLN B 899 22.10 -9.69 -1.85
CA GLN B 899 23.28 -10.24 -1.20
C GLN B 899 24.18 -9.14 -0.67
N TRP B 900 24.42 -8.11 -1.49
CA TRP B 900 25.31 -7.02 -1.08
C TRP B 900 24.81 -6.35 0.20
N PHE B 901 23.52 -6.00 0.22
CA PHE B 901 22.99 -5.26 1.37
C PHE B 901 23.00 -6.12 2.63
N THR B 902 22.61 -7.39 2.51
CA THR B 902 22.57 -8.25 3.69
C THR B 902 23.96 -8.44 4.28
N GLU B 903 24.98 -8.53 3.42
CA GLU B 903 26.34 -8.72 3.91
C GLU B 903 26.88 -7.46 4.56
N ASN B 904 26.75 -6.32 3.89
CA ASN B 904 27.31 -5.07 4.38
C ASN B 904 26.43 -4.38 5.43
N SER B 905 25.31 -4.99 5.82
CA SER B 905 24.43 -4.43 6.84
C SER B 905 24.66 -5.04 8.22
N LYS B 906 25.52 -6.04 8.34
CA LYS B 906 25.82 -6.65 9.63
C LYS B 906 26.95 -5.91 10.33
N ILE C 14 17.04 -52.79 52.04
CA ILE C 14 16.13 -53.10 50.95
C ILE C 14 16.35 -52.08 49.84
N VAL C 15 16.40 -52.57 48.59
CA VAL C 15 16.60 -51.72 47.43
C VAL C 15 15.86 -52.34 46.24
N LEU C 16 14.58 -52.03 46.10
CA LEU C 16 13.76 -52.58 45.03
C LEU C 16 14.05 -51.87 43.71
N TYR C 17 14.51 -52.57 42.66
CA TYR C 17 14.69 -52.03 41.29
C TYR C 17 13.49 -52.47 40.40
N VAL C 18 12.67 -51.55 39.88
CA VAL C 18 11.58 -51.80 38.95
C VAL C 18 11.92 -51.14 37.62
N ASP C 19 11.55 -51.80 36.53
CA ASP C 19 11.83 -51.30 35.19
C ASP C 19 11.01 -52.09 34.20
N PHE C 20 10.84 -51.52 33.00
CA PHE C 20 10.02 -52.12 31.97
C PHE C 20 10.27 -51.37 30.67
N LYS C 21 9.99 -52.05 29.56
CA LYS C 21 10.27 -51.52 28.23
C LYS C 21 9.00 -51.62 27.38
N LEU C 22 8.85 -50.68 26.46
CA LEU C 22 7.66 -50.61 25.63
C LEU C 22 7.78 -51.52 24.41
N GLN C 23 6.64 -51.85 23.83
CA GLN C 23 6.59 -52.65 22.62
C GLN C 23 7.58 -52.12 21.59
N SER C 24 8.57 -52.93 21.26
CA SER C 24 9.66 -52.51 20.39
C SER C 24 9.19 -52.47 18.93
N GLY C 25 10.09 -52.01 18.06
CA GLY C 25 9.83 -52.03 16.63
C GLY C 25 9.02 -50.83 16.16
N VAL C 26 8.64 -50.91 14.89
CA VAL C 26 7.84 -49.87 14.26
C VAL C 26 6.36 -50.25 14.36
N GLY C 27 5.50 -49.25 14.29
CA GLY C 27 4.08 -49.49 14.47
C GLY C 27 3.73 -49.95 15.86
N ARG C 28 4.47 -49.49 16.87
CA ARG C 28 4.26 -49.92 18.23
C ARG C 28 3.02 -49.26 18.84
N CYS C 29 2.44 -49.95 19.81
CA CYS C 29 1.31 -49.42 20.57
C CYS C 29 1.88 -48.72 21.80
N PHE C 30 1.76 -47.40 21.85
CA PHE C 30 2.46 -46.63 22.88
C PHE C 30 1.84 -46.80 24.25
N ASN C 31 0.53 -47.04 24.33
CA ASN C 31 -0.17 -47.16 25.60
C ASN C 31 -0.52 -48.59 25.97
N CYS C 32 -0.21 -49.57 25.11
CA CYS C 32 -0.50 -50.95 25.44
C CYS C 32 0.38 -51.42 26.60
N ARG C 33 0.04 -52.59 27.13
CA ARG C 33 0.80 -53.14 28.24
C ARG C 33 2.26 -53.34 27.82
N PRO C 34 3.23 -52.93 28.64
CA PRO C 34 4.64 -53.09 28.24
C PRO C 34 4.94 -54.52 27.79
N ALA C 35 5.90 -54.64 26.87
CA ALA C 35 6.27 -55.95 26.35
C ALA C 35 7.28 -56.66 27.23
N VAL C 36 8.08 -55.91 27.99
CA VAL C 36 9.09 -56.48 28.87
C VAL C 36 8.89 -55.91 30.27
N VAL C 37 9.08 -56.77 31.27
CA VAL C 37 8.96 -56.39 32.68
C VAL C 37 10.13 -57.01 33.42
N ASN C 38 10.89 -56.21 34.19
CA ASN C 38 12.05 -56.71 34.97
C ASN C 38 12.00 -56.16 36.40
N ILE C 39 11.12 -56.72 37.23
CA ILE C 39 11.01 -56.33 38.64
C ILE C 39 11.98 -57.19 39.43
N THR C 40 12.99 -56.55 40.06
CA THR C 40 14.11 -57.24 40.72
C THR C 40 14.32 -56.70 42.14
N LEU C 41 14.07 -57.50 43.18
CA LEU C 41 14.28 -57.13 44.58
C LEU C 41 15.72 -57.50 44.97
N ALA C 42 16.45 -56.51 45.47
CA ALA C 42 17.86 -56.70 45.78
C ALA C 42 18.04 -57.72 46.90
N ASN C 43 19.05 -58.58 46.75
CA ASN C 43 19.39 -59.58 47.75
C ASN C 43 18.16 -60.40 48.15
N PHE C 44 17.41 -60.85 47.14
CA PHE C 44 16.23 -61.68 47.35
C PHE C 44 16.33 -62.92 46.48
N ASN C 45 16.11 -64.08 47.08
CA ASN C 45 16.10 -65.36 46.37
C ASN C 45 14.70 -65.97 46.51
N GLU C 46 14.02 -66.15 45.37
CA GLU C 46 12.70 -66.77 45.40
C GLU C 46 12.73 -68.11 46.10
N THR C 47 13.81 -68.87 45.93
CA THR C 47 13.87 -70.23 46.46
C THR C 47 14.07 -70.24 47.97
N LYS C 48 14.94 -69.37 48.50
CA LYS C 48 15.17 -69.34 49.94
C LYS C 48 13.90 -68.96 50.69
N GLY C 49 13.16 -67.98 50.18
CA GLY C 49 11.90 -67.58 50.78
C GLY C 49 11.85 -66.09 51.06
N PRO C 50 10.69 -65.62 51.53
CA PRO C 50 10.54 -64.20 51.84
C PRO C 50 11.60 -63.73 52.83
N LEU C 51 12.39 -62.75 52.42
CA LEU C 51 13.39 -62.17 53.29
C LEU C 51 12.73 -61.15 54.20
N CYS C 52 13.05 -61.22 55.49
CA CYS C 52 12.43 -60.37 56.50
C CYS C 52 13.40 -59.29 56.95
N VAL C 53 12.83 -58.16 57.38
CA VAL C 53 13.64 -57.05 57.86
C VAL C 53 14.27 -57.45 59.19
N ASP C 54 15.60 -57.51 59.23
CA ASP C 54 16.29 -57.97 60.43
C ASP C 54 16.15 -56.95 61.57
N THR C 55 16.35 -55.67 61.26
CA THR C 55 16.30 -54.61 62.27
C THR C 55 15.44 -53.47 61.77
N SER C 56 14.88 -52.71 62.72
CA SER C 56 14.12 -51.52 62.38
C SER C 56 15.01 -50.41 61.82
N HIS C 57 16.32 -50.55 61.92
CA HIS C 57 17.27 -49.56 61.38
C HIS C 57 17.74 -50.08 60.02
N PHE C 58 17.15 -49.54 58.96
CA PHE C 58 17.48 -49.97 57.60
C PHE C 58 16.97 -48.92 56.63
N THR C 59 17.67 -48.80 55.50
CA THR C 59 17.34 -47.82 54.47
C THR C 59 16.69 -48.52 53.28
N THR C 60 15.55 -47.99 52.84
CA THR C 60 14.80 -48.55 51.72
C THR C 60 14.76 -47.54 50.60
N LYS C 61 15.34 -47.90 49.45
CA LYS C 61 15.36 -47.06 48.27
C LYS C 61 14.43 -47.64 47.21
N PHE C 62 14.16 -46.84 46.18
CA PHE C 62 13.32 -47.26 45.06
C PHE C 62 13.89 -46.71 43.78
N VAL C 63 14.06 -47.58 42.79
CA VAL C 63 14.62 -47.19 41.50
C VAL C 63 13.69 -47.65 40.38
N GLY C 64 12.63 -46.89 40.14
CA GLY C 64 11.71 -47.20 39.06
C GLY C 64 12.07 -46.45 37.79
N ALA C 65 11.68 -47.03 36.65
CA ALA C 65 11.95 -46.41 35.37
C ALA C 65 11.18 -45.11 35.22
N ASN C 66 11.86 -44.08 34.70
CA ASN C 66 11.25 -42.77 34.48
C ASN C 66 11.77 -42.24 33.14
N PHE C 67 11.04 -42.54 32.07
CA PHE C 67 11.38 -42.09 30.72
C PHE C 67 10.14 -41.47 30.10
N GLY C 68 10.22 -40.19 29.78
CA GLY C 68 9.07 -39.52 29.19
C GLY C 68 7.87 -39.56 30.12
N ARG C 69 6.69 -39.71 29.53
CA ARG C 69 5.46 -39.76 30.31
C ARG C 69 5.26 -41.10 31.01
N TRP C 70 5.94 -42.16 30.54
CA TRP C 70 5.86 -43.45 31.20
C TRP C 70 6.74 -43.45 32.45
N SER C 71 6.16 -43.85 33.58
CA SER C 71 6.92 -43.99 34.82
C SER C 71 6.43 -45.22 35.56
N ALA C 72 7.29 -45.73 36.43
CA ALA C 72 6.96 -46.85 37.31
C ALA C 72 7.06 -46.39 38.75
N SER C 73 6.07 -46.75 39.55
CA SER C 73 6.07 -46.45 40.97
C SER C 73 5.43 -47.61 41.72
N ILE C 74 5.56 -47.59 43.04
CA ILE C 74 5.00 -48.61 43.91
C ILE C 74 4.01 -47.91 44.83
N ASN C 75 2.73 -48.06 44.56
CA ASN C 75 1.67 -47.46 45.38
C ASN C 75 1.10 -48.52 46.31
N THR C 76 1.12 -48.22 47.61
CA THR C 76 0.66 -49.16 48.63
C THR C 76 -0.87 -49.11 48.69
N GLY C 77 -1.52 -50.20 48.32
CA GLY C 77 -2.96 -50.25 48.26
C GLY C 77 -3.59 -50.99 49.41
N ASN C 78 -3.32 -52.29 49.51
CA ASN C 78 -3.93 -53.13 50.53
C ASN C 78 -3.09 -53.22 51.80
N CYS C 79 -1.97 -52.52 51.87
CA CYS C 79 -1.09 -52.56 53.03
C CYS C 79 -0.97 -51.17 53.63
N PRO C 80 -1.16 -51.01 54.95
CA PRO C 80 -1.19 -49.66 55.53
C PRO C 80 0.20 -49.09 55.84
N PHE C 81 1.20 -49.46 55.04
CA PHE C 81 2.56 -48.94 55.21
C PHE C 81 3.08 -48.52 53.85
N SER C 82 3.91 -47.48 53.85
CA SER C 82 4.44 -46.88 52.62
C SER C 82 5.90 -47.27 52.43
N PHE C 83 6.21 -47.80 51.25
CA PHE C 83 7.60 -48.10 50.91
C PHE C 83 8.38 -46.80 50.78
N GLY C 84 9.51 -46.73 51.47
CA GLY C 84 10.34 -45.54 51.53
C GLY C 84 10.44 -44.93 52.91
N LYS C 85 9.52 -45.26 53.81
CA LYS C 85 9.57 -44.79 55.19
C LYS C 85 10.42 -45.75 56.02
N VAL C 86 11.42 -45.20 56.72
CA VAL C 86 12.26 -46.02 57.57
C VAL C 86 11.49 -46.51 58.79
N ASN C 87 10.51 -45.74 59.25
CA ASN C 87 9.71 -46.11 60.41
C ASN C 87 8.86 -47.34 60.09
N ASN C 88 8.07 -47.75 61.07
CA ASN C 88 7.13 -48.86 60.90
C ASN C 88 5.70 -48.34 60.87
N VAL C 95 6.93 -58.25 59.68
CA VAL C 95 6.82 -57.74 58.32
C VAL C 95 7.95 -58.31 57.47
N CYS C 96 7.59 -58.89 56.32
CA CYS C 96 8.55 -59.52 55.43
C CYS C 96 8.15 -59.25 53.99
N PHE C 97 9.14 -59.01 53.13
CA PHE C 97 8.90 -58.56 51.77
C PHE C 97 9.36 -59.61 50.76
N SER C 98 8.50 -59.90 49.78
CA SER C 98 8.78 -60.92 48.79
C SER C 98 8.02 -60.60 47.50
N LEU C 99 8.50 -61.16 46.40
CA LEU C 99 7.83 -61.01 45.11
C LEU C 99 6.86 -62.15 44.81
N LYS C 100 6.83 -63.19 45.64
CA LYS C 100 5.86 -64.27 45.52
C LYS C 100 4.82 -64.16 46.63
N ASP C 101 3.67 -64.77 46.39
CA ASP C 101 2.57 -64.69 47.35
C ASP C 101 2.97 -65.33 48.67
N ILE C 102 2.94 -64.54 49.74
CA ILE C 102 3.18 -65.05 51.09
C ILE C 102 1.85 -65.09 51.81
N PRO C 103 1.53 -66.16 52.55
CA PRO C 103 0.18 -66.30 53.08
C PRO C 103 -0.13 -65.29 54.18
N GLY C 104 -1.42 -65.10 54.40
CA GLY C 104 -1.85 -64.15 55.42
C GLY C 104 -1.25 -62.77 55.25
N GLY C 105 -1.11 -62.32 54.01
CA GLY C 105 -0.51 -61.04 53.74
C GLY C 105 -1.29 -60.28 52.68
N CYS C 106 -1.01 -58.98 52.62
CA CYS C 106 -1.66 -58.10 51.66
C CYS C 106 -0.84 -57.98 50.38
N ALA C 107 -1.53 -57.65 49.29
CA ALA C 107 -0.93 -57.52 47.97
C ALA C 107 -0.99 -56.06 47.54
N MET C 108 0.11 -55.34 47.75
CA MET C 108 0.22 -53.96 47.29
C MET C 108 0.95 -53.94 45.96
N PRO C 109 0.30 -53.55 44.86
CA PRO C 109 0.87 -53.81 43.53
C PRO C 109 1.88 -52.78 43.07
N ILE C 110 2.69 -53.19 42.11
CA ILE C 110 3.63 -52.32 41.40
C ILE C 110 3.06 -52.07 40.02
N VAL C 111 2.98 -50.79 39.63
CA VAL C 111 2.28 -50.39 38.41
C VAL C 111 3.24 -49.63 37.50
N ALA C 112 2.91 -49.65 36.20
CA ALA C 112 3.57 -48.84 35.19
C ALA C 112 2.56 -47.82 34.70
N ASN C 113 2.79 -46.55 35.03
CA ASN C 113 1.82 -45.48 34.78
C ASN C 113 2.15 -44.74 33.50
N LEU C 114 1.09 -44.36 32.77
CA LEU C 114 1.19 -43.42 31.66
C LEU C 114 0.42 -42.17 32.03
N ALA C 115 1.13 -41.04 32.08
CA ALA C 115 0.56 -39.79 32.58
C ALA C 115 -0.82 -39.53 31.98
N TYR C 116 -1.80 -39.34 32.84
CA TYR C 116 -3.17 -39.00 32.43
C TYR C 116 -3.70 -39.98 31.39
N LEU C 117 -3.38 -41.26 31.58
CA LEU C 117 -3.86 -42.30 30.69
C LEU C 117 -3.83 -43.63 31.45
N ASN C 118 -4.18 -44.70 30.76
CA ASN C 118 -4.29 -46.00 31.40
C ASN C 118 -2.97 -46.41 32.05
N SER C 119 -3.08 -47.29 33.05
CA SER C 119 -1.93 -47.83 33.76
C SER C 119 -2.10 -49.34 33.92
N TYR C 120 -0.96 -50.02 34.11
CA TYR C 120 -0.92 -51.47 34.11
C TYR C 120 -0.15 -52.01 35.31
N THR C 121 -0.70 -53.03 35.95
CA THR C 121 -0.02 -53.72 37.04
C THR C 121 0.96 -54.73 36.46
N ILE C 122 2.25 -54.51 36.72
CA ILE C 122 3.30 -55.34 36.13
C ILE C 122 3.76 -56.39 37.14
N GLY C 123 3.61 -56.10 38.42
CA GLY C 123 4.00 -57.06 39.45
C GLY C 123 3.57 -56.58 40.83
N THR C 124 3.64 -57.51 41.78
CA THR C 124 3.18 -57.29 43.14
C THR C 124 4.32 -57.51 44.13
N LEU C 125 4.43 -56.60 45.10
CA LEU C 125 5.36 -56.72 46.22
C LEU C 125 4.53 -57.12 47.44
N TYR C 126 4.57 -58.39 47.80
CA TYR C 126 3.79 -58.88 48.92
C TYR C 126 4.47 -58.53 50.25
N VAL C 127 3.66 -58.49 51.31
CA VAL C 127 4.17 -58.19 52.65
C VAL C 127 3.18 -58.74 53.67
N SER C 128 3.72 -59.19 54.80
CA SER C 128 2.90 -59.72 55.89
C SER C 128 3.59 -59.51 57.23
N LYS D 10 13.88 69.00 47.86
CA LYS D 10 12.91 68.80 46.78
C LYS D 10 13.64 68.54 45.46
N HIS D 11 12.92 68.00 44.49
CA HIS D 11 13.48 67.66 43.18
C HIS D 11 12.46 67.96 42.11
N MET D 12 12.97 68.22 40.90
CA MET D 12 12.15 68.53 39.74
C MET D 12 12.24 67.40 38.72
N PHE D 13 11.27 67.38 37.80
CA PHE D 13 11.17 66.34 36.79
C PHE D 13 11.70 66.87 35.45
N ILE D 14 12.48 66.03 34.77
CA ILE D 14 12.95 66.31 33.41
C ILE D 14 12.44 65.18 32.54
N VAL D 15 11.25 65.36 31.96
CA VAL D 15 10.59 64.32 31.19
C VAL D 15 10.68 64.71 29.71
N LEU D 16 11.26 63.83 28.90
CA LEU D 16 11.44 64.04 27.47
C LEU D 16 10.43 63.18 26.73
N TYR D 17 9.44 63.82 26.12
CA TYR D 17 8.40 63.13 25.36
C TYR D 17 8.85 63.02 23.91
N VAL D 18 8.91 61.80 23.39
CA VAL D 18 9.26 61.53 22.00
C VAL D 18 8.15 60.71 21.38
N ASP D 19 7.74 61.08 20.17
CA ASP D 19 6.65 60.39 19.48
C ASP D 19 6.73 60.72 18.00
N PHE D 20 6.39 59.73 17.17
CA PHE D 20 6.42 59.89 15.72
C PHE D 20 5.35 59.01 15.09
N LYS D 21 5.07 59.28 13.82
CA LYS D 21 4.09 58.52 13.06
C LYS D 21 4.68 58.15 11.71
N LEU D 22 4.18 57.07 11.12
CA LEU D 22 4.66 56.56 9.86
C LEU D 22 3.89 57.17 8.70
N GLN D 23 4.41 56.97 7.49
CA GLN D 23 3.74 57.45 6.29
C GLN D 23 2.33 56.89 6.23
N SER D 24 1.35 57.80 6.19
CA SER D 24 -0.05 57.41 6.14
C SER D 24 -0.44 57.00 4.72
N GLY D 25 -1.67 56.54 4.56
CA GLY D 25 -2.20 56.23 3.25
C GLY D 25 -1.69 54.91 2.70
N VAL D 26 -2.06 54.67 1.45
CA VAL D 26 -1.68 53.44 0.75
C VAL D 26 -0.34 53.67 0.06
N GLY D 27 0.35 52.57 -0.23
CA GLY D 27 1.65 52.67 -0.85
C GLY D 27 2.69 53.33 0.02
N ARG D 28 2.64 53.08 1.33
CA ARG D 28 3.52 53.73 2.26
C ARG D 28 4.87 53.00 2.35
N CYS D 29 5.87 53.72 2.83
CA CYS D 29 7.22 53.17 3.01
C CYS D 29 7.41 52.89 4.49
N PHE D 30 7.28 51.62 4.87
CA PHE D 30 7.25 51.26 6.28
C PHE D 30 8.58 51.56 6.97
N ASN D 31 9.70 51.27 6.31
CA ASN D 31 11.01 51.45 6.90
C ASN D 31 11.61 52.84 6.64
N CYS D 32 10.87 53.72 5.98
CA CYS D 32 11.34 55.10 5.80
C CYS D 32 11.23 55.87 7.11
N ARG D 33 11.93 56.99 7.17
CA ARG D 33 11.93 57.79 8.39
C ARG D 33 10.51 58.28 8.68
N PRO D 34 10.11 58.33 9.96
CA PRO D 34 8.75 58.80 10.27
C PRO D 34 8.47 60.16 9.66
N ALA D 35 7.39 60.24 8.88
CA ALA D 35 7.04 61.49 8.22
C ALA D 35 6.68 62.57 9.24
N VAL D 36 6.16 62.18 10.40
CA VAL D 36 5.77 63.11 11.45
C VAL D 36 6.63 62.86 12.67
N VAL D 37 7.15 63.94 13.26
CA VAL D 37 7.98 63.88 14.46
C VAL D 37 7.43 64.89 15.45
N ASN D 38 7.23 64.46 16.70
CA ASN D 38 6.73 65.33 17.77
C ASN D 38 7.56 65.08 19.02
N ILE D 39 8.73 65.72 19.08
CA ILE D 39 9.58 65.69 20.27
C ILE D 39 9.24 66.91 21.12
N THR D 40 8.88 66.69 22.37
CA THR D 40 8.48 67.76 23.28
C THR D 40 9.17 67.55 24.62
N LEU D 41 10.02 68.49 25.00
CA LEU D 41 10.69 68.44 26.30
C LEU D 41 9.83 69.16 27.33
N ALA D 42 9.54 68.47 28.43
CA ALA D 42 8.62 69.00 29.43
C ALA D 42 9.19 70.27 30.07
N ASN D 43 8.35 71.29 30.18
CA ASN D 43 8.71 72.54 30.86
C ASN D 43 9.89 73.21 30.17
N PHE D 44 9.89 73.20 28.84
CA PHE D 44 10.93 73.84 28.04
C PHE D 44 10.30 74.84 27.08
N ASN D 45 10.80 76.09 27.05
CA ASN D 45 10.34 77.13 26.12
C ASN D 45 11.62 77.65 25.43
N GLU D 46 11.72 77.59 24.11
CA GLU D 46 12.91 78.01 23.38
C GLU D 46 13.13 79.52 23.50
N THR D 47 12.03 80.27 23.56
CA THR D 47 12.05 81.75 23.63
C THR D 47 12.63 82.17 24.98
N LYS D 48 12.41 81.39 26.04
CA LYS D 48 12.88 81.71 27.42
C LYS D 48 14.34 81.32 27.60
N GLY D 49 14.81 80.27 26.94
CA GLY D 49 16.20 79.85 27.00
C GLY D 49 16.35 78.39 27.39
N PRO D 50 17.54 78.02 27.86
CA PRO D 50 17.78 76.63 28.26
C PRO D 50 17.22 76.34 29.64
N LEU D 51 16.58 75.18 29.77
CA LEU D 51 15.94 74.78 31.01
C LEU D 51 16.99 74.10 31.92
N CYS D 52 17.24 74.70 33.06
CA CYS D 52 18.17 74.17 34.06
C CYS D 52 17.41 73.64 35.26
N VAL D 53 18.10 72.83 36.06
CA VAL D 53 17.52 72.27 37.27
C VAL D 53 17.59 73.30 38.39
N ASP D 54 16.49 73.45 39.12
CA ASP D 54 16.47 74.43 40.21
C ASP D 54 17.36 74.02 41.37
N THR D 55 17.61 72.71 41.52
CA THR D 55 18.45 72.21 42.60
C THR D 55 19.20 70.98 42.12
N SER D 56 20.23 70.60 42.88
CA SER D 56 21.03 69.44 42.53
C SER D 56 20.20 68.16 42.51
N HIS D 57 19.05 68.15 43.16
CA HIS D 57 18.14 67.01 43.15
C HIS D 57 17.21 67.14 41.94
N PHE D 58 17.29 66.18 41.03
CA PHE D 58 16.46 66.21 39.84
C PHE D 58 16.29 64.79 39.31
N THR D 59 15.12 64.54 38.71
CA THR D 59 14.79 63.25 38.14
C THR D 59 14.74 63.35 36.63
N THR D 60 15.16 62.29 35.96
CA THR D 60 15.22 62.24 34.49
C THR D 60 14.44 61.03 33.99
N LYS D 61 13.38 61.29 33.24
CA LYS D 61 12.53 60.25 32.70
C LYS D 61 12.50 60.33 31.18
N PHE D 62 12.12 59.22 30.55
CA PHE D 62 12.02 59.13 29.10
C PHE D 62 10.71 58.45 28.74
N VAL D 63 9.97 59.07 27.81
CA VAL D 63 8.67 58.55 27.38
C VAL D 63 8.67 58.43 25.87
N GLY D 64 9.21 57.33 25.35
CA GLY D 64 9.26 57.09 23.92
C GLY D 64 8.14 56.17 23.46
N ALA D 65 7.75 56.35 22.20
CA ALA D 65 6.70 55.52 21.62
C ALA D 65 7.23 54.12 21.35
N ASN D 66 6.33 53.13 21.48
CA ASN D 66 6.69 51.72 21.32
C ASN D 66 5.46 50.99 20.78
N PHE D 67 5.25 51.08 19.47
CA PHE D 67 4.15 50.42 18.79
C PHE D 67 4.71 49.53 17.68
N GLY D 68 4.34 48.25 17.70
CA GLY D 68 4.86 47.31 16.74
C GLY D 68 6.37 47.19 16.84
N ARG D 69 7.01 46.96 15.69
CA ARG D 69 8.46 46.87 15.63
C ARG D 69 9.14 48.24 15.76
N TRP D 70 8.40 49.33 15.64
CA TRP D 70 8.98 50.66 15.71
C TRP D 70 9.13 51.08 17.16
N SER D 71 10.26 51.73 17.47
CA SER D 71 10.57 52.12 18.83
C SER D 71 11.36 53.43 18.81
N ALA D 72 11.21 54.20 19.88
CA ALA D 72 11.93 55.45 20.06
C ALA D 72 12.91 55.30 21.21
N SER D 73 14.14 55.76 21.00
CA SER D 73 15.19 55.68 22.01
C SER D 73 16.07 56.92 21.92
N ILE D 74 16.78 57.21 23.01
CA ILE D 74 17.69 58.33 23.11
C ILE D 74 19.05 57.78 23.48
N ASN D 75 20.00 57.85 22.56
CA ASN D 75 21.34 57.33 22.76
C ASN D 75 22.32 58.47 23.02
N THR D 76 23.40 58.15 23.74
CA THR D 76 24.42 59.12 24.09
C THR D 76 25.45 59.21 22.97
N GLY D 77 25.77 60.42 22.55
CA GLY D 77 26.74 60.64 21.50
C GLY D 77 28.07 61.16 22.01
N ASN D 78 28.21 62.48 22.06
CA ASN D 78 29.44 63.12 22.51
C ASN D 78 29.34 63.63 23.94
N CYS D 79 28.56 62.94 24.78
CA CYS D 79 28.36 63.33 26.16
C CYS D 79 28.74 62.18 27.09
N PRO D 80 29.47 62.43 28.18
CA PRO D 80 29.93 61.34 29.04
C PRO D 80 28.86 60.75 29.94
N PHE D 81 27.65 61.30 29.95
CA PHE D 81 26.57 60.79 30.78
C PHE D 81 25.33 60.57 29.92
N SER D 82 24.52 59.61 30.33
CA SER D 82 23.33 59.24 29.58
C SER D 82 22.11 59.97 30.12
N PHE D 83 21.13 60.18 29.23
CA PHE D 83 19.86 60.80 29.61
C PHE D 83 19.01 59.76 30.34
N GLY D 84 18.89 59.91 31.66
CA GLY D 84 18.17 58.94 32.47
C GLY D 84 19.00 58.46 33.64
N LYS D 85 20.27 58.20 33.39
CA LYS D 85 21.18 57.74 34.44
C LYS D 85 21.86 58.92 35.13
N PHE D 89 21.61 60.31 39.88
CA PHE D 89 22.81 59.69 40.42
C PHE D 89 24.05 60.16 39.68
N VAL D 90 24.10 61.47 39.40
CA VAL D 90 25.22 62.08 38.68
C VAL D 90 25.60 63.38 39.39
N LYS D 91 26.81 63.83 39.12
CA LYS D 91 27.30 65.07 39.74
C LYS D 91 26.39 66.24 39.38
N PHE D 92 26.22 67.15 40.33
CA PHE D 92 25.35 68.30 40.18
C PHE D 92 26.17 69.59 40.34
N GLY D 93 25.48 70.71 40.28
CA GLY D 93 26.11 72.02 40.37
C GLY D 93 25.55 72.97 39.33
N SER D 94 25.31 72.46 38.12
CA SER D 94 24.72 73.25 37.04
C SER D 94 24.50 72.36 35.83
N VAL D 95 23.26 72.22 35.38
CA VAL D 95 22.93 71.37 34.25
C VAL D 95 21.68 71.92 33.56
N CYS D 96 21.78 72.16 32.26
CA CYS D 96 20.67 72.67 31.46
C CYS D 96 20.34 71.69 30.34
N PHE D 97 19.04 71.46 30.14
CA PHE D 97 18.54 70.63 29.05
C PHE D 97 17.75 71.49 28.08
N SER D 98 17.97 71.27 26.79
CA SER D 98 17.31 72.07 25.76
C SER D 98 17.29 71.31 24.46
N LEU D 99 16.22 71.53 23.67
CA LEU D 99 16.13 70.93 22.34
C LEU D 99 16.98 71.70 21.33
N LYS D 100 17.05 73.02 21.46
CA LYS D 100 17.88 73.82 20.57
C LYS D 100 19.35 73.69 20.96
N ASP D 101 20.22 74.08 20.03
CA ASP D 101 21.67 73.97 20.24
C ASP D 101 22.13 75.05 21.20
N ILE D 102 22.51 74.65 22.40
CA ILE D 102 23.07 75.58 23.38
C ILE D 102 24.59 75.54 23.26
N PRO D 103 25.28 76.67 23.35
CA PRO D 103 26.72 76.67 23.09
C PRO D 103 27.49 75.93 24.16
N GLY D 104 28.65 75.41 23.77
CA GLY D 104 29.48 74.67 24.71
C GLY D 104 28.75 73.53 25.38
N GLY D 105 27.95 72.79 24.62
CA GLY D 105 27.16 71.71 25.17
C GLY D 105 27.23 70.48 24.30
N CYS D 106 27.15 69.32 24.95
CA CYS D 106 27.14 68.05 24.23
C CYS D 106 25.81 67.85 23.53
N ALA D 107 25.84 67.03 22.47
CA ALA D 107 24.67 66.77 21.63
C ALA D 107 24.44 65.27 21.54
N MET D 108 23.54 64.76 22.37
CA MET D 108 23.17 63.35 22.32
C MET D 108 21.92 63.20 21.47
N PRO D 109 21.94 62.40 20.40
CA PRO D 109 20.82 62.40 19.45
C PRO D 109 19.66 61.53 19.90
N ILE D 110 18.48 61.88 19.36
CA ILE D 110 17.25 61.12 19.55
C ILE D 110 16.94 60.43 18.24
N VAL D 111 16.76 59.10 18.30
CA VAL D 111 16.61 58.29 17.09
C VAL D 111 15.34 57.47 17.20
N ALA D 112 14.75 57.17 16.04
CA ALA D 112 13.64 56.25 15.91
C ALA D 112 14.15 54.98 15.24
N ASN D 113 13.96 53.84 15.90
CA ASN D 113 14.58 52.58 15.49
C ASN D 113 13.54 51.60 14.99
N LEU D 114 13.87 50.90 13.90
CA LEU D 114 13.09 49.77 13.40
C LEU D 114 13.85 48.48 13.72
N ALA D 115 13.17 47.55 14.39
CA ALA D 115 13.81 46.34 14.88
C ALA D 115 14.64 45.66 13.80
N TYR D 116 15.97 45.54 14.02
CA TYR D 116 16.95 44.92 13.09
C TYR D 116 16.70 45.36 11.65
N LEU D 117 16.82 46.65 11.34
CA LEU D 117 16.68 47.13 9.97
C LEU D 117 17.40 48.45 9.75
N ASN D 118 16.83 49.56 10.21
CA ASN D 118 17.50 50.85 10.12
C ASN D 118 16.97 51.78 11.20
N SER D 119 17.65 52.92 11.35
CA SER D 119 17.30 53.92 12.34
C SER D 119 17.55 55.31 11.75
N TYR D 120 16.80 56.29 12.25
CA TYR D 120 16.90 57.67 11.80
C TYR D 120 16.93 58.60 12.99
N THR D 121 17.69 59.68 12.86
CA THR D 121 17.79 60.69 13.93
C THR D 121 16.67 61.70 13.74
N ILE D 122 15.66 61.63 14.60
CA ILE D 122 14.52 62.54 14.49
C ILE D 122 14.85 63.90 15.08
N GLY D 123 15.70 63.96 16.10
CA GLY D 123 16.08 65.21 16.71
C GLY D 123 17.36 65.09 17.47
N THR D 124 17.60 66.08 18.34
CA THR D 124 18.79 66.09 19.18
C THR D 124 18.45 66.78 20.50
N LEU D 125 19.02 66.27 21.58
CA LEU D 125 18.83 66.81 22.92
C LEU D 125 20.18 67.32 23.42
N TYR D 126 20.34 68.65 23.43
CA TYR D 126 21.56 69.27 23.91
C TYR D 126 21.50 69.46 25.41
N VAL D 127 22.64 69.26 26.08
CA VAL D 127 22.73 69.41 27.53
C VAL D 127 24.16 69.80 27.86
N SER D 128 24.33 70.67 28.84
CA SER D 128 25.64 71.17 29.24
C SER D 128 25.64 71.39 30.75
N TRP D 129 26.80 71.76 31.28
CA TRP D 129 26.96 72.05 32.70
C TRP D 129 27.88 73.24 32.92
C1 NAG E . -33.73 -22.50 22.60
C2 NAG E . -34.41 -23.60 23.40
C3 NAG E . -34.12 -23.46 24.87
C4 NAG E . -32.64 -23.29 25.14
C5 NAG E . -32.04 -22.25 24.22
C6 NAG E . -30.52 -22.25 24.35
C7 NAG E . -36.43 -24.39 22.38
C8 NAG E . -37.73 -24.96 22.84
N2 NAG E . -35.84 -23.56 23.21
O3 NAG E . -34.60 -24.63 25.54
O4 NAG E . -32.45 -22.87 26.49
O5 NAG E . -32.34 -22.55 22.87
O6 NAG E . -30.00 -23.41 23.71
O7 NAG E . -35.95 -24.65 21.29
C1 NAG E . -31.96 -23.99 27.25
C2 NAG E . -31.36 -23.48 28.55
C3 NAG E . -30.88 -24.64 29.40
C4 NAG E . -32.01 -25.62 29.59
C5 NAG E . -32.53 -26.05 28.23
C6 NAG E . -33.65 -27.07 28.37
C7 NAG E . -30.25 -21.33 28.64
C8 NAG E . -31.60 -20.67 28.69
N2 NAG E . -30.25 -22.60 28.24
O3 NAG E . -30.44 -24.17 30.67
O4 NAG E . -31.54 -26.76 30.31
O5 NAG E . -33.01 -24.90 27.54
O6 NAG E . -33.92 -27.64 27.08
O7 NAG E . -29.24 -20.75 28.96
C1 NAG F . 8.49 -57.91 8.20
C2 NAG F . 7.95 -57.45 9.55
C3 NAG F . 8.84 -57.98 10.68
C4 NAG F . 9.07 -59.48 10.55
C5 NAG F . 9.46 -59.85 9.13
C6 NAG F . 9.51 -61.36 8.97
C7 NAG F . 6.78 -55.35 9.60
C8 NAG F . 6.87 -53.89 9.85
N2 NAG F . 7.93 -56.01 9.63
O3 NAG F . 8.22 -57.71 11.93
O4 NAG F . 10.15 -59.82 11.44
O5 NAG F . 8.50 -59.33 8.21
O6 NAG F . 8.16 -61.84 8.95
O7 NAG F . 5.73 -55.91 9.38
C1 NAG F . 9.68 -60.67 12.49
C2 NAG F . 10.65 -60.51 13.65
C3 NAG F . 10.22 -61.34 14.86
C4 NAG F . 8.75 -61.76 14.90
C5 NAG F . 7.88 -61.38 13.71
C6 NAG F . 6.46 -61.04 14.16
C7 NAG F . 12.94 -59.98 13.03
C8 NAG F . 13.96 -59.87 14.11
N2 NAG F . 11.98 -60.88 13.23
O3 NAG F . 10.52 -60.59 16.04
O4 NAG F . 8.70 -63.19 15.04
O5 NAG F . 8.42 -60.30 12.98
O6 NAG F . 6.50 -59.89 15.02
O7 NAG F . 12.96 -59.28 12.04
C1 BMA F . 9.27 -63.57 16.30
C2 BMA F . 8.28 -63.27 17.42
C3 BMA F . 8.77 -63.77 18.77
C4 BMA F . 9.37 -65.17 18.68
C5 BMA F . 10.34 -65.25 17.52
C6 BMA F . 10.96 -66.64 17.39
O2 BMA F . 7.02 -63.89 17.11
O3 BMA F . 7.69 -63.79 19.70
O4 BMA F . 10.03 -65.48 19.91
O5 BMA F . 9.65 -64.93 16.32
O6 BMA F . 12.19 -66.53 16.67
C1 NAG G . 6.95 59.21 -25.38
C2 NAG G . 6.55 59.65 -26.77
C3 NAG G . 7.76 60.18 -27.51
C4 NAG G . 8.38 61.30 -26.69
C5 NAG G . 8.66 60.83 -25.26
C6 NAG G . 9.17 62.00 -24.43
C7 NAG G . 4.68 58.57 -27.84
C8 NAG G . 4.34 58.01 -29.19
N2 NAG G . 5.96 58.55 -27.51
O3 NAG G . 7.39 60.68 -28.79
O4 NAG G . 9.61 61.70 -27.29
O5 NAG G . 7.45 60.34 -24.68
O6 NAG G . 8.96 61.74 -23.03
O7 NAG G . 3.84 59.04 -27.10
C1 NAG G . 9.47 63.08 -27.68
C2 NAG G . 10.83 63.69 -27.94
C3 NAG G . 10.68 65.17 -28.25
C4 NAG G . 9.61 65.40 -29.31
C5 NAG G . 8.34 64.62 -29.02
C6 NAG G . 7.34 64.74 -30.16
C7 NAG G . 12.65 62.61 -26.76
C8 NAG G . 13.69 62.79 -25.68
N2 NAG G . 11.68 63.52 -26.78
O3 NAG G . 11.92 65.68 -28.73
O4 NAG G . 9.29 66.80 -29.35
O5 NAG G . 8.67 63.24 -28.83
O6 NAG G . 7.70 63.84 -31.21
O7 NAG G . 12.69 61.69 -27.56
C1 BMA G . 9.83 67.36 -30.57
C2 BMA G . 9.35 68.79 -30.72
C3 BMA G . 9.93 69.41 -31.98
C4 BMA G . 11.44 69.19 -32.07
C5 BMA G . 11.79 67.74 -31.82
C6 BMA G . 13.30 67.53 -31.82
O2 BMA G . 9.76 69.55 -29.59
O3 BMA G . 9.66 70.82 -31.97
O4 BMA G . 11.88 69.55 -33.38
O5 BMA G . 11.25 67.34 -30.56
O6 BMA G . 13.84 67.87 -30.54
C1 NAG H . 36.22 23.09 -5.69
C2 NAG H . 37.26 24.21 -5.81
C3 NAG H . 37.76 24.65 -4.44
C4 NAG H . 36.61 24.89 -3.49
C5 NAG H . 35.68 23.68 -3.47
C6 NAG H . 34.53 23.87 -2.51
C7 NAG H . 38.54 24.15 -7.86
C8 NAG H . 39.93 24.03 -8.40
N2 NAG H . 38.38 23.75 -6.61
O3 NAG H . 38.51 25.86 -4.60
O4 NAG H . 37.13 25.11 -2.18
O5 NAG H . 35.19 23.47 -4.79
O6 NAG H . 34.08 25.22 -2.57
O7 NAG H . 37.62 24.58 -8.54
C1 NAG H . 36.95 26.49 -1.83
C2 NAG H . 36.83 26.62 -0.33
C3 NAG H . 36.66 28.07 0.08
C4 NAG H . 37.80 28.90 -0.52
C5 NAG H . 37.82 28.68 -2.02
C6 NAG H . 38.93 29.51 -2.68
C7 NAG H . 35.91 24.67 0.76
C8 NAG H . 34.70 24.07 1.44
N2 NAG H . 35.71 25.84 0.15
O3 NAG H . 36.68 28.18 1.51
O4 NAG H . 37.60 30.28 -0.23
O5 NAG H . 38.03 27.30 -2.30
O6 NAG H . 38.34 30.44 -3.58
O7 NAG H . 36.99 24.11 0.75
ZN ZN I . -17.84 -35.09 5.21
C1 NAG J . 4.57 -41.83 -17.24
C2 NAG J . 5.62 -41.30 -16.28
C3 NAG J . 5.75 -39.81 -16.45
C4 NAG J . 6.12 -39.54 -17.89
C5 NAG J . 5.05 -40.11 -18.79
C6 NAG J . 5.43 -39.89 -20.24
C7 NAG J . 6.17 -41.93 -14.03
C8 NAG J . 5.65 -42.19 -12.66
N2 NAG J . 5.25 -41.62 -14.93
O3 NAG J . 6.78 -39.33 -15.59
O4 NAG J . 6.20 -38.14 -18.11
O5 NAG J . 4.93 -41.52 -18.57
O6 NAG J . 4.48 -40.55 -21.07
O7 NAG J . 7.34 -42.01 -14.32
C1 NAG K . -11.09 -61.62 -3.25
C2 NAG K . -11.31 -62.42 -4.53
C3 NAG K . -12.60 -63.21 -4.44
C4 NAG K . -12.62 -64.04 -3.17
C5 NAG K . -12.36 -63.12 -1.98
C6 NAG K . -12.40 -63.90 -0.67
C7 NAG K . -10.32 -61.36 -6.45
C8 NAG K . -10.52 -60.48 -7.64
N2 NAG K . -11.36 -61.51 -5.66
O3 NAG K . -12.73 -64.07 -5.58
O4 NAG K . -13.89 -64.68 -3.04
O5 NAG K . -11.09 -62.50 -2.14
O6 NAG K . -11.12 -64.49 -0.41
O7 NAG K . -9.25 -61.91 -6.22
C1 NAG L . -8.61 -38.81 28.44
C2 NAG L . -7.95 -37.53 28.90
C3 NAG L . -7.09 -37.75 30.13
C4 NAG L . -7.88 -38.50 31.18
C5 NAG L . -8.41 -39.78 30.58
C6 NAG L . -9.13 -40.62 31.62
C7 NAG L . -7.17 -35.78 27.45
C8 NAG L . -5.85 -35.11 27.26
N2 NAG L . -7.12 -37.04 27.83
O3 NAG L . -6.67 -36.50 30.67
O4 NAG L . -7.01 -38.83 32.26
O5 NAG L . -9.30 -39.43 29.53
O6 NAG L . -10.48 -40.19 31.75
O7 NAG L . -8.23 -35.21 27.27
C1 NAG M . -32.43 4.23 15.00
C2 NAG M . -33.61 4.73 14.21
C3 NAG M . -33.51 6.23 14.12
C4 NAG M . -33.50 6.81 15.53
C5 NAG M . -32.45 6.14 16.40
C6 NAG M . -32.62 6.59 17.85
C7 NAG M . -34.62 3.24 12.61
C8 NAG M . -35.19 3.32 11.23
N2 NAG M . -33.67 4.12 12.90
O3 NAG M . -34.63 6.75 13.39
O4 NAG M . -33.25 8.21 15.49
O5 NAG M . -32.57 4.72 16.33
O6 NAG M . -32.04 5.62 18.75
O7 NAG M . -35.02 2.44 13.43
ZN ZN N . 14.62 33.46 -15.86
C1 NAG O . -15.92 41.85 -26.93
C2 NAG O . -16.46 41.87 -25.51
C3 NAG O . -17.08 40.53 -25.16
C4 NAG O . -18.13 40.14 -26.20
C5 NAG O . -17.53 40.20 -27.60
C6 NAG O . -18.55 39.97 -28.69
C7 NAG O . -15.66 42.51 -23.28
C8 NAG O . -14.47 42.86 -22.44
N2 NAG O . -15.42 42.23 -24.56
O3 NAG O . -17.67 40.58 -23.87
O4 NAG O . -18.61 38.82 -25.94
O5 NAG O . -16.97 41.50 -27.84
O6 NAG O . -18.22 40.69 -29.87
O7 NAG O . -16.81 42.48 -22.81
C1 NAG P . 18.47 42.47 7.79
C2 NAG P . 18.06 41.37 8.78
C3 NAG P . 18.22 41.77 10.23
C4 NAG P . 19.54 42.47 10.46
C5 NAG P . 19.67 43.62 9.48
C6 NAG P . 20.94 44.41 9.73
C7 NAG P . 16.38 39.79 8.04
C8 NAG P . 14.95 39.62 7.62
N2 NAG P . 16.69 40.99 8.52
O3 NAG P . 18.17 40.59 11.05
O4 NAG P . 19.60 42.97 11.80
O5 NAG P . 19.70 43.07 8.17
O6 NAG P . 22.06 43.53 9.54
O7 NAG P . 17.20 38.90 7.95
C1 NAG Q . 33.11 -4.15 -3.25
C2 NAG Q . 33.87 -4.87 -4.36
C3 NAG Q . 34.09 -6.33 -4.01
C4 NAG Q . 34.64 -6.50 -2.61
C5 NAG Q . 33.85 -5.68 -1.60
C6 NAG Q . 34.48 -5.75 -0.22
C7 NAG Q . 33.69 -4.14 -6.64
C8 NAG Q . 33.17 -4.53 -7.99
N2 NAG Q . 33.15 -4.76 -5.61
O3 NAG Q . 35.01 -6.91 -4.95
O4 NAG Q . 34.60 -7.87 -2.24
O5 NAG Q . 33.80 -4.32 -2.02
O6 NAG Q . 35.61 -4.87 -0.18
O7 NAG Q . 34.55 -3.29 -6.49
C1 NAG R . -4.40 60.94 -5.56
C2 NAG R . -3.25 60.70 -4.61
C3 NAG R . -3.34 61.52 -3.35
C4 NAG R . -3.83 62.95 -3.59
C5 NAG R . -4.83 63.03 -4.74
C6 NAG R . -5.11 64.46 -5.16
C7 NAG R . -2.25 58.59 -4.55
C8 NAG R . -0.97 59.35 -4.50
N2 NAG R . -3.30 59.31 -4.27
O3 NAG R . -2.02 61.58 -2.82
O4 NAG R . -4.42 63.45 -2.39
O5 NAG R . -4.34 62.31 -5.86
O6 NAG R . -6.43 64.81 -4.75
O7 NAG R . -2.32 57.43 -4.84
C1 NAG S . 16.94 -56.45 35.59
C2 NAG S . 18.03 -56.72 34.58
C3 NAG S . 19.36 -56.93 35.26
C4 NAG S . 19.66 -55.69 36.07
C5 NAG S . 18.53 -55.44 37.06
C6 NAG S . 18.78 -54.15 37.81
C7 NAG S . 17.38 -57.71 32.52
C8 NAG S . 16.05 -58.26 32.12
N2 NAG S . 17.72 -57.88 33.78
O3 NAG S . 20.37 -57.09 34.26
O4 NAG S . 20.89 -55.86 36.77
O5 NAG S . 17.31 -55.31 36.35
O6 NAG S . 20.18 -53.99 38.02
O7 NAG S . 18.12 -57.13 31.75
C1 NAG T . 18.95 -69.29 45.49
C2 NAG T . 20.46 -69.30 45.24
C3 NAG T . 21.08 -70.65 45.55
C4 NAG T . 20.21 -71.78 45.00
C5 NAG T . 18.76 -71.67 45.48
C6 NAG T . 18.40 -72.85 46.36
C7 NAG T . 21.34 -67.78 43.59
C8 NAG T . 21.20 -67.31 42.17
N2 NAG T . 20.72 -68.92 43.87
O3 NAG T . 21.22 -70.80 46.96
O4 NAG T . 20.25 -71.74 43.57
O5 NAG T . 18.54 -70.46 46.20
O6 NAG T . 19.43 -73.04 47.33
O7 NAG T . 21.96 -67.15 44.42
C1 NAG U . 3.09 66.12 20.96
C2 NAG U . 1.61 66.44 20.85
C3 NAG U . 1.11 67.15 22.10
C4 NAG U . 1.54 66.39 23.36
C5 NAG U . 3.04 66.13 23.32
C6 NAG U . 3.50 65.37 24.56
C7 NAG U . 0.18 67.32 19.10
C8 NAG U . 0.08 68.24 17.91
N2 NAG U . 1.37 67.27 19.69
O3 NAG U . -0.32 67.23 22.07
O4 NAG U . 1.21 67.15 24.52
O5 NAG U . 3.35 65.38 22.15
O6 NAG U . 3.28 63.97 24.38
O7 NAG U . -0.76 66.66 19.49
C1 NAG V . 7.61 81.27 25.81
C2 NAG V . 6.11 81.32 26.07
C3 NAG V . 5.46 82.41 25.24
C4 NAG V . 6.17 83.74 25.46
C5 NAG V . 7.68 83.60 25.30
C6 NAG V . 8.38 84.90 25.68
C7 NAG V . 4.88 79.35 26.73
C8 NAG V . 3.89 78.33 26.23
N2 NAG V . 5.52 80.04 25.78
O3 NAG V . 4.09 82.54 25.62
O4 NAG V . 5.69 84.70 24.50
O5 NAG V . 8.16 82.56 26.15
O6 NAG V . 7.68 85.52 26.77
O7 NAG V . 5.07 79.54 27.91
#